data_2OS6
#
_entry.id   2OS6
#
loop_
_entity.id
_entity.type
_entity.pdbx_description
1 polymer 'Rho guanine nucleotide exchange factor 12'
2 polymer 'C-terminal peptide of Plexin-B1'
#
loop_
_entity_poly.entity_id
_entity_poly.type
_entity_poly.pdbx_seq_one_letter_code
_entity_poly.pdbx_strand_id
1 'polypeptide(L)'
;GSHMGLVQRCVIIQKDDNGFGLTVSGDNPVFVQSVKEDGAAMRAGVQTGDRIIKVNGTLVTHSNHLEVVKLIKSGSYVAL
TVQGRPPGS
;
A
2 'polypeptide(L)' VENKVTDL B
#
# COMPACT_ATOMS: atom_id res chain seq x y z
N GLY A 1 -11.35 -0.33 19.59
CA GLY A 1 -12.05 -1.51 20.17
C GLY A 1 -11.13 -2.38 21.00
N SER A 2 -11.29 -3.70 20.88
CA SER A 2 -10.47 -4.64 21.64
C SER A 2 -9.30 -5.17 20.80
N HIS A 3 -8.30 -5.74 21.49
CA HIS A 3 -7.12 -6.28 20.83
C HIS A 3 -6.27 -5.17 20.20
N MET A 4 -5.28 -4.68 20.94
CA MET A 4 -4.41 -3.61 20.46
C MET A 4 -2.98 -4.10 20.25
N GLY A 5 -2.26 -3.41 19.35
CA GLY A 5 -0.88 -3.78 19.07
C GLY A 5 -0.58 -3.82 17.58
N LEU A 6 -1.21 -4.76 16.88
CA LEU A 6 -1.02 -4.92 15.44
C LEU A 6 -2.32 -5.37 14.77
N VAL A 7 -2.91 -4.49 13.95
CA VAL A 7 -4.15 -4.79 13.25
C VAL A 7 -4.04 -4.47 11.75
N GLN A 8 -4.75 -5.24 10.93
CA GLN A 8 -4.73 -5.05 9.48
C GLN A 8 -5.95 -4.25 9.02
N ARG A 9 -5.78 -3.47 7.95
CA ARG A 9 -6.85 -2.65 7.40
C ARG A 9 -6.70 -2.48 5.89
N CYS A 10 -7.83 -2.49 5.17
CA CYS A 10 -7.83 -2.33 3.71
C CYS A 10 -8.09 -0.89 3.32
N VAL A 11 -7.25 -0.35 2.44
CA VAL A 11 -7.39 1.03 1.97
C VAL A 11 -7.77 1.08 0.49
N ILE A 12 -8.86 1.78 0.18
CA ILE A 12 -9.32 1.89 -1.21
C ILE A 12 -8.82 3.20 -1.85
N ILE A 13 -7.89 3.07 -2.79
CA ILE A 13 -7.33 4.23 -3.49
C ILE A 13 -7.89 4.36 -4.90
N GLN A 14 -8.33 5.56 -5.25
CA GLN A 14 -8.90 5.84 -6.57
C GLN A 14 -7.90 6.60 -7.43
N LYS A 15 -8.05 6.52 -8.75
CA LYS A 15 -7.15 7.21 -9.68
C LYS A 15 -7.68 8.62 -9.97
N ASP A 16 -6.80 9.60 -9.83
CA ASP A 16 -7.14 11.00 -10.07
C ASP A 16 -6.25 11.61 -11.15
N ASP A 17 -6.38 12.92 -11.36
CA ASP A 17 -5.57 13.63 -12.37
C ASP A 17 -4.08 13.47 -12.09
N ASN A 18 -3.72 13.44 -10.80
CA ASN A 18 -2.33 13.28 -10.39
C ASN A 18 -1.98 11.82 -10.09
N GLY A 19 -2.98 10.93 -10.17
CA GLY A 19 -2.75 9.52 -9.92
C GLY A 19 -2.90 9.15 -8.45
N PHE A 20 -2.31 8.03 -8.05
CA PHE A 20 -2.39 7.57 -6.67
C PHE A 20 -1.55 8.47 -5.74
N GLY A 21 -0.31 8.73 -6.16
CA GLY A 21 0.59 9.57 -5.37
C GLY A 21 1.00 8.93 -4.06
N LEU A 22 1.70 7.79 -4.14
CA LEU A 22 2.15 7.08 -2.95
C LEU A 22 3.46 6.32 -3.21
N THR A 23 4.33 6.28 -2.21
CA THR A 23 5.61 5.58 -2.31
C THR A 23 5.61 4.33 -1.42
N VAL A 24 6.00 3.19 -2.00
CA VAL A 24 6.04 1.93 -1.26
C VAL A 24 7.24 1.07 -1.68
N SER A 25 7.85 0.38 -0.71
CA SER A 25 9.01 -0.46 -0.98
C SER A 25 8.96 -1.76 -0.17
N GLY A 26 9.74 -2.75 -0.60
CA GLY A 26 9.79 -4.03 0.09
C GLY A 26 8.90 -5.09 -0.56
N ASP A 27 9.19 -6.36 -0.29
CA ASP A 27 8.41 -7.47 -0.85
C ASP A 27 7.52 -8.10 0.23
N ASN A 28 6.85 -9.22 -0.12
CA ASN A 28 5.95 -9.93 0.80
C ASN A 28 5.29 -8.96 1.79
N PRO A 29 5.87 -8.73 2.99
CA PRO A 29 5.31 -7.75 3.93
C PRO A 29 5.70 -6.33 3.49
N VAL A 30 5.21 -5.94 2.32
CA VAL A 30 5.51 -4.64 1.72
C VAL A 30 5.27 -3.50 2.73
N PHE A 31 6.12 -2.48 2.69
CA PHE A 31 6.01 -1.34 3.59
C PHE A 31 5.87 -0.02 2.83
N VAL A 32 4.81 0.72 3.14
CA VAL A 32 4.56 2.02 2.51
C VAL A 32 5.50 3.09 3.08
N GLN A 33 6.20 3.80 2.20
CA GLN A 33 7.13 4.84 2.63
C GLN A 33 6.40 6.15 2.93
N SER A 34 5.80 6.76 1.91
CA SER A 34 5.08 8.02 2.09
C SER A 34 3.85 8.09 1.17
N VAL A 35 2.96 9.03 1.46
CA VAL A 35 1.74 9.21 0.67
C VAL A 35 1.43 10.68 0.42
N LYS A 36 0.80 10.98 -0.72
CA LYS A 36 0.45 12.35 -1.07
C LYS A 36 -0.67 12.89 -0.17
N GLU A 37 -0.31 13.80 0.73
CA GLU A 37 -1.27 14.40 1.65
C GLU A 37 -2.46 15.02 0.91
N ASP A 38 -2.22 15.53 -0.30
CA ASP A 38 -3.27 16.13 -1.11
C ASP A 38 -3.56 15.28 -2.36
N GLY A 39 -3.66 13.97 -2.16
CA GLY A 39 -3.93 13.07 -3.27
C GLY A 39 -4.72 11.83 -2.85
N ALA A 40 -4.97 10.95 -3.81
CA ALA A 40 -5.73 9.72 -3.54
C ALA A 40 -5.14 8.93 -2.37
N ALA A 41 -3.80 8.94 -2.24
CA ALA A 41 -3.13 8.24 -1.16
C ALA A 41 -3.68 8.66 0.21
N MET A 42 -3.62 9.96 0.48
CA MET A 42 -4.12 10.49 1.74
C MET A 42 -5.66 10.47 1.76
N ARG A 43 -6.28 10.78 0.62
CA ARG A 43 -7.74 10.79 0.52
C ARG A 43 -8.31 9.40 0.84
N ALA A 44 -7.59 8.35 0.45
CA ALA A 44 -8.05 6.98 0.69
C ALA A 44 -7.87 6.57 2.16
N GLY A 45 -7.09 7.35 2.92
CA GLY A 45 -6.86 7.04 4.32
C GLY A 45 -5.53 6.36 4.58
N VAL A 46 -4.55 6.62 3.71
CA VAL A 46 -3.21 6.03 3.86
C VAL A 46 -2.28 6.97 4.61
N GLN A 47 -1.47 6.41 5.51
CA GLN A 47 -0.53 7.21 6.30
C GLN A 47 0.91 6.88 5.92
N THR A 48 1.85 7.70 6.41
CA THR A 48 3.27 7.51 6.13
C THR A 48 3.84 6.42 7.04
N GLY A 49 4.31 5.33 6.43
CA GLY A 49 4.87 4.23 7.19
C GLY A 49 3.85 3.16 7.52
N ASP A 50 3.39 2.44 6.51
CA ASP A 50 2.39 1.38 6.69
C ASP A 50 2.95 0.04 6.22
N ARG A 51 2.29 -1.06 6.60
CA ARG A 51 2.73 -2.40 6.21
C ARG A 51 1.72 -3.07 5.28
N ILE A 52 1.80 -2.76 3.99
CA ILE A 52 0.88 -3.36 3.01
C ILE A 52 1.21 -4.84 2.78
N ILE A 53 0.22 -5.68 3.07
CA ILE A 53 0.37 -7.13 2.93
C ILE A 53 -0.35 -7.66 1.67
N LYS A 54 -1.49 -7.05 1.32
CA LYS A 54 -2.24 -7.49 0.14
C LYS A 54 -2.74 -6.31 -0.69
N VAL A 55 -3.06 -6.57 -1.96
CA VAL A 55 -3.56 -5.55 -2.87
C VAL A 55 -4.65 -6.10 -3.78
N ASN A 56 -5.89 -5.68 -3.55
CA ASN A 56 -7.04 -6.12 -4.34
C ASN A 56 -7.20 -7.65 -4.26
N GLY A 57 -6.89 -8.22 -3.09
CA GLY A 57 -7.01 -9.66 -2.92
C GLY A 57 -5.71 -10.38 -3.27
N THR A 58 -5.08 -9.98 -4.38
CA THR A 58 -3.83 -10.57 -4.83
C THR A 58 -2.71 -10.23 -3.85
N LEU A 59 -2.25 -11.23 -3.10
CA LEU A 59 -1.18 -11.05 -2.12
C LEU A 59 0.11 -10.62 -2.80
N VAL A 60 0.91 -9.81 -2.10
CA VAL A 60 2.18 -9.35 -2.63
C VAL A 60 3.32 -10.30 -2.24
N THR A 61 2.99 -11.58 -2.07
CA THR A 61 3.98 -12.58 -1.70
C THR A 61 4.15 -13.63 -2.82
N HIS A 62 3.90 -13.20 -4.06
CA HIS A 62 4.02 -14.08 -5.22
C HIS A 62 4.32 -13.28 -6.49
N SER A 63 3.52 -12.23 -6.72
CA SER A 63 3.69 -11.37 -7.90
C SER A 63 5.00 -10.59 -7.83
N ASN A 64 5.66 -10.47 -8.99
CA ASN A 64 6.94 -9.74 -9.07
C ASN A 64 6.73 -8.23 -8.98
N HIS A 65 7.83 -7.48 -9.10
CA HIS A 65 7.76 -6.01 -9.02
C HIS A 65 6.82 -5.45 -10.08
N LEU A 66 7.18 -5.63 -11.36
CA LEU A 66 6.34 -5.14 -12.46
C LEU A 66 4.94 -5.76 -12.40
N GLU A 67 4.85 -7.00 -11.86
CA GLU A 67 3.58 -7.70 -11.74
C GLU A 67 2.60 -6.93 -10.85
N VAL A 68 3.03 -6.61 -9.63
CA VAL A 68 2.17 -5.88 -8.69
C VAL A 68 1.77 -4.53 -9.27
N VAL A 69 2.70 -3.87 -9.97
CA VAL A 69 2.43 -2.57 -10.59
C VAL A 69 1.32 -2.71 -11.64
N LYS A 70 1.47 -3.70 -12.51
CA LYS A 70 0.48 -3.95 -13.57
C LYS A 70 -0.90 -4.21 -12.97
N LEU A 71 -0.94 -4.98 -11.86
CA LEU A 71 -2.21 -5.29 -11.21
C LEU A 71 -2.87 -4.03 -10.65
N ILE A 72 -2.08 -3.21 -9.95
CA ILE A 72 -2.60 -1.96 -9.37
C ILE A 72 -2.99 -0.99 -10.49
N LYS A 73 -2.15 -0.89 -11.51
CA LYS A 73 -2.40 0.00 -12.64
C LYS A 73 -3.60 -0.46 -13.46
N SER A 74 -3.87 -1.77 -13.45
CA SER A 74 -4.99 -2.33 -14.20
C SER A 74 -6.32 -2.05 -13.50
N GLY A 75 -6.70 -0.77 -13.48
CA GLY A 75 -7.94 -0.36 -12.83
C GLY A 75 -7.86 1.06 -12.30
N SER A 76 -9.00 1.74 -12.23
CA SER A 76 -9.04 3.11 -11.72
C SER A 76 -8.73 3.15 -10.22
N TYR A 77 -9.55 2.45 -9.43
CA TYR A 77 -9.37 2.39 -7.99
C TYR A 77 -9.10 0.96 -7.53
N VAL A 78 -8.36 0.82 -6.42
CA VAL A 78 -8.04 -0.49 -5.87
C VAL A 78 -7.90 -0.46 -4.35
N ALA A 79 -8.24 -1.58 -3.71
CA ALA A 79 -8.15 -1.70 -2.26
C ALA A 79 -6.83 -2.38 -1.87
N LEU A 80 -6.21 -1.92 -0.79
CA LEU A 80 -4.94 -2.49 -0.34
C LEU A 80 -4.97 -2.89 1.13
N THR A 81 -4.76 -4.18 1.39
CA THR A 81 -4.75 -4.70 2.75
C THR A 81 -3.39 -4.43 3.40
N VAL A 82 -3.36 -3.48 4.34
CA VAL A 82 -2.12 -3.12 5.02
C VAL A 82 -2.25 -3.30 6.54
N GLN A 83 -1.15 -3.08 7.25
CA GLN A 83 -1.13 -3.21 8.70
C GLN A 83 -0.32 -2.06 9.32
N GLY A 84 -0.73 -1.63 10.51
CA GLY A 84 -0.04 -0.55 11.19
C GLY A 84 0.00 -0.72 12.70
N ARG A 85 0.11 0.39 13.42
CA ARG A 85 0.16 0.37 14.88
C ARG A 85 -0.52 1.60 15.46
N PRO A 86 -1.13 1.48 16.65
CA PRO A 86 -1.82 2.60 17.31
C PRO A 86 -0.84 3.65 17.85
N PRO A 87 -0.81 4.84 17.23
CA PRO A 87 0.09 5.93 17.65
C PRO A 87 -0.32 6.53 19.00
N GLY A 88 0.47 6.25 20.03
CA GLY A 88 0.18 6.75 21.35
C GLY A 88 -0.91 5.96 22.05
N SER A 89 -0.61 4.69 22.36
CA SER A 89 -1.56 3.82 23.03
C SER A 89 -1.11 3.47 24.45
N VAL B 1 21.11 -2.81 -2.56
CA VAL B 1 20.50 -2.33 -1.28
C VAL B 1 19.01 -2.67 -1.21
N GLU B 2 18.29 -2.40 -2.30
CA GLU B 2 16.85 -2.68 -2.36
C GLU B 2 16.35 -2.73 -3.81
N ASN B 3 15.99 -3.92 -4.27
CA ASN B 3 15.49 -4.08 -5.65
C ASN B 3 14.01 -4.49 -5.66
N LYS B 4 13.20 -3.84 -4.83
CA LYS B 4 11.76 -4.13 -4.76
C LYS B 4 10.96 -2.89 -4.33
N VAL B 5 11.32 -1.72 -4.89
CA VAL B 5 10.63 -0.47 -4.56
C VAL B 5 9.77 0.00 -5.72
N THR B 6 8.56 0.46 -5.40
CA THR B 6 7.62 0.94 -6.42
C THR B 6 6.92 2.22 -5.98
N ASP B 7 6.96 3.24 -6.84
CA ASP B 7 6.32 4.52 -6.56
C ASP B 7 5.22 4.81 -7.58
N LEU B 8 4.00 5.01 -7.10
CA LEU B 8 2.86 5.29 -7.97
C LEU B 8 2.10 6.54 -7.53
N GLY A 1 -0.62 -7.58 26.38
CA GLY A 1 0.72 -7.56 25.73
C GLY A 1 0.67 -7.09 24.29
N SER A 2 1.08 -7.95 23.37
CA SER A 2 1.08 -7.62 21.94
C SER A 2 -0.29 -7.91 21.32
N HIS A 3 -1.28 -7.09 21.68
CA HIS A 3 -2.63 -7.23 21.15
C HIS A 3 -3.28 -5.87 20.88
N MET A 4 -2.46 -4.85 20.65
CA MET A 4 -2.96 -3.51 20.37
C MET A 4 -1.91 -2.65 19.65
N GLY A 5 -1.07 -3.29 18.83
CA GLY A 5 -0.04 -2.56 18.11
C GLY A 5 0.27 -3.17 16.74
N LEU A 6 -0.68 -3.92 16.19
CA LEU A 6 -0.51 -4.55 14.88
C LEU A 6 -1.87 -4.84 14.25
N VAL A 7 -2.54 -3.80 13.77
CA VAL A 7 -3.86 -3.93 13.15
C VAL A 7 -3.78 -3.82 11.62
N GLN A 8 -4.56 -4.66 10.94
CA GLN A 8 -4.60 -4.66 9.48
C GLN A 8 -5.86 -3.97 8.95
N ARG A 9 -5.71 -3.23 7.87
CA ARG A 9 -6.83 -2.50 7.26
C ARG A 9 -6.67 -2.39 5.75
N CYS A 10 -7.77 -2.52 5.01
CA CYS A 10 -7.76 -2.42 3.56
C CYS A 10 -8.14 -1.01 3.11
N VAL A 11 -7.25 -0.36 2.35
CA VAL A 11 -7.50 0.99 1.86
C VAL A 11 -7.80 0.98 0.36
N ILE A 12 -8.85 1.68 -0.04
CA ILE A 12 -9.24 1.75 -1.45
C ILE A 12 -8.73 3.05 -2.08
N ILE A 13 -7.76 2.93 -2.98
CA ILE A 13 -7.18 4.10 -3.66
C ILE A 13 -7.79 4.28 -5.05
N GLN A 14 -8.22 5.50 -5.35
CA GLN A 14 -8.80 5.82 -6.65
C GLN A 14 -7.91 6.79 -7.43
N LYS A 15 -7.48 6.36 -8.63
CA LYS A 15 -6.61 7.19 -9.47
C LYS A 15 -7.34 8.42 -9.99
N ASP A 16 -6.71 9.58 -9.83
CA ASP A 16 -7.28 10.84 -10.27
C ASP A 16 -6.29 11.62 -11.15
N ASP A 17 -6.59 12.90 -11.40
CA ASP A 17 -5.73 13.75 -12.21
C ASP A 17 -4.32 13.83 -11.62
N ASN A 18 -4.24 13.77 -10.29
CA ASN A 18 -2.94 13.83 -9.59
C ASN A 18 -2.39 12.42 -9.32
N GLY A 19 -2.99 11.39 -9.93
CA GLY A 19 -2.51 10.04 -9.72
C GLY A 19 -2.73 9.56 -8.30
N PHE A 20 -1.95 8.55 -7.88
CA PHE A 20 -2.06 8.00 -6.53
C PHE A 20 -1.22 8.81 -5.55
N GLY A 21 0.02 9.09 -5.94
CA GLY A 21 0.92 9.86 -5.10
C GLY A 21 1.35 9.10 -3.84
N LEU A 22 2.04 7.98 -4.02
CA LEU A 22 2.50 7.18 -2.89
C LEU A 22 3.80 6.45 -3.20
N THR A 23 4.67 6.37 -2.20
CA THR A 23 5.95 5.68 -2.34
C THR A 23 5.96 4.41 -1.51
N VAL A 24 6.34 3.29 -2.13
CA VAL A 24 6.36 2.00 -1.43
C VAL A 24 7.61 1.19 -1.76
N SER A 25 8.14 0.50 -0.73
CA SER A 25 9.33 -0.33 -0.89
C SER A 25 9.15 -1.65 -0.14
N GLY A 26 9.87 -2.69 -0.58
CA GLY A 26 9.78 -4.00 0.07
C GLY A 26 9.04 -5.01 -0.79
N ASP A 27 8.87 -6.22 -0.27
CA ASP A 27 8.17 -7.28 -1.02
C ASP A 27 7.12 -7.97 -0.16
N ASN A 28 7.49 -9.10 0.47
CA ASN A 28 6.54 -9.83 1.32
C ASN A 28 5.86 -8.85 2.27
N PRO A 29 6.63 -8.18 3.14
CA PRO A 29 6.11 -7.19 4.06
C PRO A 29 6.19 -5.79 3.44
N VAL A 30 5.38 -5.56 2.40
CA VAL A 30 5.37 -4.27 1.70
C VAL A 30 5.42 -3.11 2.69
N PHE A 31 6.13 -2.04 2.34
CA PHE A 31 6.24 -0.88 3.22
C PHE A 31 5.91 0.41 2.48
N VAL A 32 4.94 1.16 3.02
CA VAL A 32 4.53 2.43 2.44
C VAL A 32 5.30 3.58 3.12
N GLN A 33 6.10 4.30 2.35
CA GLN A 33 6.90 5.40 2.87
C GLN A 33 6.08 6.69 2.97
N SER A 34 5.92 7.37 1.83
CA SER A 34 5.18 8.63 1.79
C SER A 34 3.91 8.50 0.95
N VAL A 35 2.88 9.25 1.33
CA VAL A 35 1.61 9.24 0.62
C VAL A 35 1.07 10.66 0.45
N LYS A 36 0.36 10.89 -0.67
CA LYS A 36 -0.21 12.20 -0.97
C LYS A 36 -1.19 12.64 0.11
N GLU A 37 -0.68 13.39 1.10
CA GLU A 37 -1.49 13.87 2.21
C GLU A 37 -2.76 14.56 1.70
N ASP A 38 -2.67 15.20 0.53
CA ASP A 38 -3.81 15.89 -0.06
C ASP A 38 -4.19 15.25 -1.40
N GLY A 39 -4.32 13.92 -1.40
CA GLY A 39 -4.67 13.20 -2.61
C GLY A 39 -5.31 11.86 -2.33
N ALA A 40 -5.50 11.07 -3.39
CA ALA A 40 -6.11 9.74 -3.28
C ALA A 40 -5.43 8.88 -2.21
N ALA A 41 -4.11 9.03 -2.07
CA ALA A 41 -3.36 8.27 -1.07
C ALA A 41 -3.94 8.45 0.32
N MET A 42 -3.96 9.70 0.80
CA MET A 42 -4.49 9.99 2.13
C MET A 42 -6.02 9.89 2.14
N ARG A 43 -6.65 10.34 1.06
CA ARG A 43 -8.11 10.28 0.94
C ARG A 43 -8.61 8.83 1.05
N ALA A 44 -7.80 7.90 0.56
CA ALA A 44 -8.15 6.47 0.60
C ALA A 44 -7.93 5.86 1.98
N GLY A 45 -7.18 6.58 2.84
CA GLY A 45 -6.90 6.07 4.17
C GLY A 45 -5.48 5.53 4.32
N VAL A 46 -4.59 5.94 3.42
CA VAL A 46 -3.21 5.48 3.45
C VAL A 46 -2.34 6.48 4.20
N GLN A 47 -1.48 5.98 5.09
CA GLN A 47 -0.60 6.82 5.87
C GLN A 47 0.86 6.40 5.71
N THR A 48 1.78 7.27 6.13
CA THR A 48 3.22 6.99 6.04
C THR A 48 3.62 5.94 7.06
N GLY A 49 4.56 5.08 6.68
CA GLY A 49 5.04 4.05 7.58
C GLY A 49 4.06 2.89 7.73
N ASP A 50 3.25 2.65 6.69
CA ASP A 50 2.28 1.57 6.73
C ASP A 50 2.73 0.41 5.86
N ARG A 51 2.89 -0.77 6.47
CA ARG A 51 3.33 -1.95 5.74
C ARG A 51 2.15 -2.67 5.09
N ILE A 52 2.14 -2.74 3.76
CA ILE A 52 1.04 -3.40 3.05
C ILE A 52 1.19 -4.91 3.07
N ILE A 53 0.05 -5.59 3.12
CA ILE A 53 0.01 -7.04 3.09
C ILE A 53 -0.24 -7.49 1.66
N LYS A 54 -1.21 -6.83 0.99
CA LYS A 54 -1.52 -7.16 -0.40
C LYS A 54 -2.28 -6.02 -1.09
N VAL A 55 -2.42 -6.12 -2.41
CA VAL A 55 -3.12 -5.10 -3.19
C VAL A 55 -4.22 -5.72 -4.06
N ASN A 56 -5.44 -5.19 -3.94
CA ASN A 56 -6.59 -5.70 -4.70
C ASN A 56 -6.74 -7.21 -4.56
N GLY A 57 -6.60 -7.71 -3.33
CA GLY A 57 -6.72 -9.14 -3.08
C GLY A 57 -5.62 -9.96 -3.73
N THR A 58 -4.41 -9.40 -3.78
CA THR A 58 -3.27 -10.09 -4.38
C THR A 58 -2.09 -10.14 -3.42
N LEU A 59 -1.91 -11.27 -2.75
CA LEU A 59 -0.82 -11.44 -1.79
C LEU A 59 0.53 -11.21 -2.45
N VAL A 60 1.38 -10.42 -1.78
CA VAL A 60 2.71 -10.12 -2.30
C VAL A 60 3.76 -11.10 -1.76
N THR A 61 3.35 -12.35 -1.58
CA THR A 61 4.24 -13.39 -1.07
C THR A 61 4.58 -14.41 -2.16
N HIS A 62 3.58 -14.74 -2.99
CA HIS A 62 3.75 -15.70 -4.07
C HIS A 62 3.47 -15.07 -5.43
N SER A 63 3.68 -13.75 -5.54
CA SER A 63 3.45 -13.04 -6.79
C SER A 63 4.66 -12.20 -7.19
N ASN A 64 4.69 -11.78 -8.46
CA ASN A 64 5.80 -10.98 -8.98
C ASN A 64 5.63 -9.50 -8.64
N HIS A 65 6.75 -8.79 -8.52
CA HIS A 65 6.72 -7.37 -8.18
C HIS A 65 6.02 -6.56 -9.28
N LEU A 66 6.61 -6.55 -10.49
CA LEU A 66 6.03 -5.81 -11.62
C LEU A 66 4.57 -6.17 -11.83
N GLU A 67 4.20 -7.42 -11.52
CA GLU A 67 2.81 -7.87 -11.65
C GLU A 67 1.90 -7.04 -10.75
N VAL A 68 2.39 -6.71 -9.56
CA VAL A 68 1.63 -5.93 -8.59
C VAL A 68 1.32 -4.54 -9.14
N VAL A 69 2.35 -3.82 -9.57
CA VAL A 69 2.18 -2.48 -10.12
C VAL A 69 1.31 -2.51 -11.38
N LYS A 70 1.50 -3.53 -12.21
CA LYS A 70 0.73 -3.69 -13.44
C LYS A 70 -0.77 -3.82 -13.12
N LEU A 71 -1.09 -4.67 -12.14
CA LEU A 71 -2.48 -4.89 -11.74
C LEU A 71 -3.10 -3.61 -11.16
N ILE A 72 -2.36 -2.95 -10.27
CA ILE A 72 -2.84 -1.71 -9.65
C ILE A 72 -2.99 -0.61 -10.71
N LYS A 73 -2.02 -0.51 -11.62
CA LYS A 73 -2.05 0.50 -12.68
C LYS A 73 -3.18 0.23 -13.67
N SER A 74 -3.50 -1.05 -13.89
CA SER A 74 -4.56 -1.43 -14.81
C SER A 74 -5.93 -1.31 -14.16
N GLY A 75 -6.32 -0.08 -13.84
CA GLY A 75 -7.61 0.16 -13.21
C GLY A 75 -7.68 1.52 -12.55
N SER A 76 -8.87 2.10 -12.48
CA SER A 76 -9.06 3.42 -11.87
C SER A 76 -8.77 3.37 -10.38
N TYR A 77 -9.56 2.58 -9.64
CA TYR A 77 -9.37 2.46 -8.19
C TYR A 77 -9.14 1.00 -7.80
N VAL A 78 -8.50 0.80 -6.64
CA VAL A 78 -8.20 -0.53 -6.15
C VAL A 78 -8.18 -0.58 -4.62
N ALA A 79 -8.55 -1.73 -4.07
CA ALA A 79 -8.56 -1.91 -2.61
C ALA A 79 -7.33 -2.70 -2.18
N LEU A 80 -6.42 -2.04 -1.48
CA LEU A 80 -5.19 -2.69 -1.03
C LEU A 80 -5.21 -2.99 0.46
N THR A 81 -4.90 -4.24 0.80
CA THR A 81 -4.86 -4.68 2.19
C THR A 81 -3.53 -4.27 2.83
N VAL A 82 -3.58 -3.25 3.69
CA VAL A 82 -2.39 -2.74 4.36
C VAL A 82 -2.44 -2.93 5.87
N GLN A 83 -1.28 -2.86 6.52
CA GLN A 83 -1.19 -3.04 7.97
C GLN A 83 -0.19 -2.06 8.59
N GLY A 84 -0.43 -1.70 9.85
CA GLY A 84 0.46 -0.76 10.53
C GLY A 84 0.00 -0.44 11.94
N ARG A 85 0.83 0.29 12.67
CA ARG A 85 0.51 0.67 14.04
C ARG A 85 0.48 2.20 14.19
N PRO A 86 -0.63 2.83 13.76
CA PRO A 86 -0.78 4.29 13.84
C PRO A 86 -0.51 4.83 15.24
N PRO A 87 0.34 5.87 15.36
CA PRO A 87 0.68 6.48 16.66
C PRO A 87 -0.55 6.88 17.47
N GLY A 88 -0.76 6.17 18.58
CA GLY A 88 -1.90 6.47 19.43
C GLY A 88 -1.62 7.59 20.41
N SER A 89 -1.15 7.24 21.60
CA SER A 89 -0.83 8.23 22.64
C SER A 89 -2.10 8.96 23.10
N VAL B 1 16.98 -11.93 -6.07
CA VAL B 1 15.63 -11.44 -5.68
C VAL B 1 15.22 -10.21 -6.49
N GLU B 2 16.20 -9.39 -6.88
CA GLU B 2 15.94 -8.18 -7.66
C GLU B 2 15.26 -7.11 -6.81
N ASN B 3 15.28 -5.86 -7.29
CA ASN B 3 14.66 -4.75 -6.57
C ASN B 3 13.15 -4.91 -6.49
N LYS B 4 12.56 -4.40 -5.40
CA LYS B 4 11.13 -4.50 -5.20
C LYS B 4 10.55 -3.16 -4.73
N VAL B 5 10.91 -2.08 -5.42
CA VAL B 5 10.42 -0.75 -5.08
C VAL B 5 9.34 -0.30 -6.07
N THR B 6 8.28 0.30 -5.55
CA THR B 6 7.18 0.78 -6.38
C THR B 6 6.77 2.20 -6.00
N ASP B 7 7.20 3.17 -6.80
CA ASP B 7 6.89 4.57 -6.56
C ASP B 7 5.89 5.09 -7.60
N LEU B 8 4.93 5.89 -7.14
CA LEU B 8 3.91 6.46 -8.03
C LEU B 8 3.60 7.90 -7.67
N GLY A 1 4.36 -14.34 20.77
CA GLY A 1 3.92 -15.31 21.81
C GLY A 1 3.15 -14.65 22.94
N SER A 2 3.84 -13.82 23.72
CA SER A 2 3.23 -13.12 24.85
C SER A 2 2.86 -11.69 24.48
N HIS A 3 3.70 -11.04 23.67
CA HIS A 3 3.45 -9.65 23.26
C HIS A 3 2.79 -9.60 21.88
N MET A 4 1.66 -8.89 21.80
CA MET A 4 0.94 -8.74 20.55
C MET A 4 0.36 -7.33 20.41
N GLY A 5 0.49 -6.76 19.21
CA GLY A 5 -0.02 -5.41 18.97
C GLY A 5 0.11 -4.98 17.53
N LEU A 6 -0.71 -5.58 16.65
CA LEU A 6 -0.69 -5.25 15.23
C LEU A 6 -2.09 -5.41 14.61
N VAL A 7 -2.55 -4.37 13.92
CA VAL A 7 -3.86 -4.38 13.28
C VAL A 7 -3.74 -4.17 11.76
N GLN A 8 -4.46 -5.00 10.99
CA GLN A 8 -4.45 -4.91 9.53
C GLN A 8 -5.82 -4.55 8.98
N ARG A 9 -5.83 -3.75 7.92
CA ARG A 9 -7.08 -3.31 7.28
C ARG A 9 -6.87 -3.06 5.78
N CYS A 10 -7.97 -3.14 5.02
CA CYS A 10 -7.92 -2.93 3.57
C CYS A 10 -8.12 -1.45 3.24
N VAL A 11 -7.22 -0.90 2.42
CA VAL A 11 -7.29 0.50 2.02
C VAL A 11 -7.57 0.63 0.52
N ILE A 12 -8.68 1.29 0.18
CA ILE A 12 -9.05 1.48 -1.22
C ILE A 12 -8.65 2.88 -1.72
N ILE A 13 -7.84 2.92 -2.77
CA ILE A 13 -7.37 4.19 -3.34
C ILE A 13 -7.76 4.32 -4.80
N GLN A 14 -8.30 5.49 -5.17
CA GLN A 14 -8.71 5.75 -6.55
C GLN A 14 -7.60 6.48 -7.32
N LYS A 15 -7.78 6.59 -8.64
CA LYS A 15 -6.79 7.28 -9.48
C LYS A 15 -7.17 8.74 -9.70
N ASP A 16 -6.31 9.64 -9.22
CA ASP A 16 -6.54 11.08 -9.35
C ASP A 16 -5.84 11.63 -10.60
N ASP A 17 -5.88 12.96 -10.76
CA ASP A 17 -5.24 13.61 -11.90
C ASP A 17 -3.76 13.25 -11.98
N ASN A 18 -3.11 13.13 -10.83
CA ASN A 18 -1.68 12.79 -10.77
C ASN A 18 -1.47 11.32 -10.39
N GLY A 19 -2.53 10.52 -10.44
CA GLY A 19 -2.43 9.11 -10.09
C GLY A 19 -2.76 8.84 -8.63
N PHE A 20 -2.06 7.88 -8.03
CA PHE A 20 -2.29 7.53 -6.63
C PHE A 20 -1.40 8.35 -5.71
N GLY A 21 -0.16 8.60 -6.14
CA GLY A 21 0.79 9.38 -5.35
C GLY A 21 1.16 8.70 -4.05
N LEU A 22 1.80 7.54 -4.13
CA LEU A 22 2.21 6.80 -2.94
C LEU A 22 3.49 6.00 -3.18
N THR A 23 4.41 6.04 -2.22
CA THR A 23 5.66 5.31 -2.32
C THR A 23 5.66 4.11 -1.38
N VAL A 24 6.06 2.95 -1.92
CA VAL A 24 6.11 1.72 -1.13
C VAL A 24 7.29 0.84 -1.53
N SER A 25 7.90 0.18 -0.54
CA SER A 25 9.05 -0.68 -0.79
C SER A 25 9.01 -1.94 0.08
N GLY A 26 9.78 -2.95 -0.31
CA GLY A 26 9.82 -4.20 0.44
C GLY A 26 8.84 -5.23 -0.06
N ASP A 27 9.14 -6.51 0.20
CA ASP A 27 8.28 -7.60 -0.23
C ASP A 27 7.45 -8.12 0.95
N ASN A 28 6.76 -9.26 0.75
CA ASN A 28 5.89 -9.88 1.78
C ASN A 28 5.30 -8.80 2.70
N PRO A 29 5.96 -8.45 3.84
CA PRO A 29 5.47 -7.39 4.73
C PRO A 29 5.81 -6.02 4.15
N VAL A 30 5.34 -5.77 2.92
CA VAL A 30 5.61 -4.52 2.22
C VAL A 30 5.31 -3.31 3.10
N PHE A 31 6.15 -2.28 3.01
CA PHE A 31 5.98 -1.08 3.82
C PHE A 31 5.88 0.19 2.96
N VAL A 32 4.81 0.95 3.19
CA VAL A 32 4.58 2.20 2.46
C VAL A 32 5.44 3.31 3.05
N GLN A 33 6.37 3.84 2.25
CA GLN A 33 7.27 4.90 2.69
C GLN A 33 6.50 6.18 3.00
N SER A 34 5.93 6.79 1.95
CA SER A 34 5.16 8.03 2.11
C SER A 34 4.03 8.12 1.09
N VAL A 35 3.06 8.99 1.35
CA VAL A 35 1.92 9.18 0.47
C VAL A 35 1.59 10.65 0.30
N LYS A 36 1.00 11.00 -0.85
CA LYS A 36 0.62 12.39 -1.15
C LYS A 36 -0.34 12.92 -0.08
N GLU A 37 0.14 13.90 0.69
CA GLU A 37 -0.68 14.52 1.75
C GLU A 37 -1.98 15.10 1.20
N ASP A 38 -1.98 15.44 -0.09
CA ASP A 38 -3.17 16.01 -0.73
C ASP A 38 -3.48 15.28 -2.04
N GLY A 39 -3.65 13.96 -1.95
CA GLY A 39 -3.94 13.16 -3.13
C GLY A 39 -4.84 11.97 -2.83
N ALA A 40 -4.97 11.09 -3.81
CA ALA A 40 -5.79 9.89 -3.69
C ALA A 40 -5.44 9.09 -2.43
N ALA A 41 -4.15 8.97 -2.16
CA ALA A 41 -3.69 8.23 -0.98
C ALA A 41 -4.25 8.84 0.30
N MET A 42 -4.04 10.14 0.50
CA MET A 42 -4.54 10.83 1.68
C MET A 42 -6.07 10.83 1.72
N ARG A 43 -6.71 11.19 0.61
CA ARG A 43 -8.17 11.24 0.56
C ARG A 43 -8.76 9.84 0.76
N ALA A 44 -8.02 8.80 0.39
CA ALA A 44 -8.48 7.42 0.55
C ALA A 44 -8.37 6.94 2.00
N GLY A 45 -7.61 7.68 2.82
CA GLY A 45 -7.43 7.32 4.22
C GLY A 45 -6.08 6.66 4.49
N VAL A 46 -5.09 6.94 3.63
CA VAL A 46 -3.76 6.37 3.79
C VAL A 46 -2.83 7.32 4.56
N GLN A 47 -1.87 6.74 5.28
CA GLN A 47 -0.91 7.51 6.06
C GLN A 47 0.52 7.14 5.70
N THR A 48 1.47 7.97 6.15
CA THR A 48 2.89 7.73 5.88
C THR A 48 3.45 6.72 6.87
N GLY A 49 4.11 5.69 6.35
CA GLY A 49 4.68 4.66 7.20
C GLY A 49 3.72 3.52 7.49
N ASP A 50 3.06 3.03 6.45
CA ASP A 50 2.11 1.93 6.58
C ASP A 50 2.75 0.60 6.21
N ARG A 51 2.12 -0.51 6.57
CA ARG A 51 2.65 -1.83 6.26
C ARG A 51 1.69 -2.64 5.38
N ILE A 52 1.82 -2.47 4.06
CA ILE A 52 0.96 -3.17 3.11
C ILE A 52 1.36 -4.64 2.99
N ILE A 53 0.36 -5.53 3.11
CA ILE A 53 0.57 -6.97 3.02
C ILE A 53 -0.12 -7.57 1.79
N LYS A 54 -1.32 -7.07 1.46
CA LYS A 54 -2.07 -7.59 0.33
C LYS A 54 -2.54 -6.47 -0.60
N VAL A 55 -2.87 -6.83 -1.84
CA VAL A 55 -3.33 -5.89 -2.84
C VAL A 55 -4.49 -6.48 -3.64
N ASN A 56 -5.72 -6.03 -3.33
CA ASN A 56 -6.92 -6.52 -4.00
C ASN A 56 -7.12 -8.01 -3.75
N GLY A 57 -6.70 -8.49 -2.58
CA GLY A 57 -6.85 -9.90 -2.24
C GLY A 57 -5.62 -10.73 -2.58
N THR A 58 -4.93 -10.35 -3.67
CA THR A 58 -3.75 -11.07 -4.10
C THR A 58 -2.54 -10.69 -3.24
N LEU A 59 -2.10 -11.64 -2.40
CA LEU A 59 -0.96 -11.42 -1.50
C LEU A 59 0.32 -11.18 -2.29
N VAL A 60 1.31 -10.56 -1.64
CA VAL A 60 2.59 -10.27 -2.26
C VAL A 60 3.61 -11.39 -1.99
N THR A 61 3.13 -12.63 -1.98
CA THR A 61 3.98 -13.79 -1.75
C THR A 61 4.12 -14.64 -3.02
N HIS A 62 3.80 -14.06 -4.19
CA HIS A 62 3.87 -14.78 -5.45
C HIS A 62 3.56 -13.87 -6.66
N SER A 63 4.41 -12.85 -6.88
CA SER A 63 4.20 -11.93 -7.98
C SER A 63 5.47 -11.12 -8.29
N ASN A 64 5.56 -10.62 -9.52
CA ASN A 64 6.72 -9.82 -9.95
C ASN A 64 6.47 -8.33 -9.71
N HIS A 65 7.55 -7.55 -9.69
CA HIS A 65 7.46 -6.10 -9.47
C HIS A 65 6.53 -5.44 -10.49
N LEU A 66 6.92 -5.49 -11.77
CA LEU A 66 6.12 -4.90 -12.84
C LEU A 66 4.70 -5.49 -12.87
N GLU A 67 4.58 -6.76 -12.49
CA GLU A 67 3.27 -7.43 -12.47
C GLU A 67 2.31 -6.73 -11.52
N VAL A 68 2.76 -6.46 -10.30
CA VAL A 68 1.94 -5.81 -9.29
C VAL A 68 1.51 -4.41 -9.74
N VAL A 69 2.49 -3.59 -10.14
CA VAL A 69 2.21 -2.23 -10.58
C VAL A 69 1.29 -2.21 -11.81
N LYS A 70 1.55 -3.11 -12.76
CA LYS A 70 0.73 -3.19 -13.97
C LYS A 70 -0.72 -3.52 -13.63
N LEU A 71 -0.92 -4.53 -12.77
CA LEU A 71 -2.26 -4.94 -12.36
C LEU A 71 -2.98 -3.79 -11.67
N ILE A 72 -2.30 -3.12 -10.73
CA ILE A 72 -2.89 -2.00 -10.00
C ILE A 72 -3.17 -0.84 -10.95
N LYS A 73 -2.27 -0.61 -11.91
CA LYS A 73 -2.44 0.47 -12.88
C LYS A 73 -3.65 0.23 -13.78
N SER A 74 -3.95 -1.04 -14.05
CA SER A 74 -5.08 -1.40 -14.90
C SER A 74 -6.40 -1.33 -14.11
N GLY A 75 -6.78 -0.13 -13.72
CA GLY A 75 -8.02 0.06 -12.97
C GLY A 75 -8.10 1.44 -12.33
N SER A 76 -9.32 1.93 -12.15
CA SER A 76 -9.54 3.24 -11.55
C SER A 76 -9.04 3.28 -10.11
N TYR A 77 -9.62 2.43 -9.26
CA TYR A 77 -9.22 2.35 -7.85
C TYR A 77 -8.75 0.95 -7.50
N VAL A 78 -8.06 0.83 -6.36
CA VAL A 78 -7.55 -0.46 -5.91
C VAL A 78 -7.53 -0.56 -4.39
N ALA A 79 -7.78 -1.77 -3.88
CA ALA A 79 -7.78 -2.02 -2.45
C ALA A 79 -6.49 -2.72 -2.03
N LEU A 80 -5.95 -2.36 -0.88
CA LEU A 80 -4.71 -2.95 -0.39
C LEU A 80 -4.77 -3.26 1.10
N THR A 81 -4.59 -4.53 1.45
CA THR A 81 -4.61 -4.95 2.84
C THR A 81 -3.31 -4.57 3.53
N VAL A 82 -3.34 -3.49 4.31
CA VAL A 82 -2.16 -3.00 5.01
C VAL A 82 -2.33 -3.08 6.53
N GLN A 83 -1.28 -2.75 7.27
CA GLN A 83 -1.32 -2.79 8.72
C GLN A 83 -0.40 -1.73 9.32
N GLY A 84 -0.71 -1.29 10.55
CA GLY A 84 0.10 -0.28 11.20
C GLY A 84 -0.39 0.05 12.60
N ARG A 85 0.54 0.31 13.51
CA ARG A 85 0.20 0.64 14.89
C ARG A 85 0.68 2.04 15.24
N PRO A 86 -0.22 3.05 15.14
CA PRO A 86 0.12 4.44 15.45
C PRO A 86 0.32 4.66 16.96
N PRO A 87 1.56 4.98 17.36
CA PRO A 87 1.90 5.21 18.78
C PRO A 87 1.05 6.29 19.42
N GLY A 88 0.44 5.97 20.56
CA GLY A 88 -0.40 6.92 21.27
C GLY A 88 -1.88 6.61 21.12
N SER A 89 -2.34 5.58 21.82
CA SER A 89 -3.75 5.17 21.76
C SER A 89 -4.28 4.86 23.15
N VAL B 1 20.28 -7.44 -0.51
CA VAL B 1 19.84 -6.12 -1.03
C VAL B 1 18.38 -6.16 -1.46
N GLU B 2 17.76 -4.98 -1.57
CA GLU B 2 16.35 -4.90 -1.97
C GLU B 2 16.21 -4.23 -3.34
N ASN B 3 15.38 -4.81 -4.19
CA ASN B 3 15.15 -4.27 -5.53
C ASN B 3 13.68 -4.41 -5.93
N LYS B 4 12.78 -4.19 -4.96
CA LYS B 4 11.34 -4.30 -5.22
C LYS B 4 10.60 -3.08 -4.65
N VAL B 5 10.87 -1.92 -5.25
CA VAL B 5 10.24 -0.67 -4.83
C VAL B 5 9.36 -0.11 -5.93
N THR B 6 8.17 0.37 -5.56
CA THR B 6 7.22 0.92 -6.53
C THR B 6 6.46 2.10 -5.93
N ASP B 7 6.32 3.18 -6.71
CA ASP B 7 5.60 4.37 -6.24
C ASP B 7 4.77 4.98 -7.37
N LEU B 8 3.71 5.69 -6.98
CA LEU B 8 2.82 6.34 -7.94
C LEU B 8 2.82 7.85 -7.76
N GLY A 1 -4.31 -12.50 22.58
CA GLY A 1 -3.05 -12.48 21.79
C GLY A 1 -1.82 -12.76 22.63
N SER A 2 -0.90 -13.56 22.09
CA SER A 2 0.33 -13.91 22.80
C SER A 2 1.51 -13.05 22.32
N HIS A 3 1.20 -11.83 21.84
CA HIS A 3 2.22 -10.90 21.36
C HIS A 3 1.61 -9.56 20.99
N MET A 4 0.69 -9.58 20.01
CA MET A 4 0.00 -8.37 19.55
C MET A 4 0.98 -7.40 18.88
N GLY A 5 0.44 -6.49 18.07
CA GLY A 5 1.28 -5.52 17.39
C GLY A 5 0.48 -4.47 16.64
N LEU A 6 0.26 -4.69 15.34
CA LEU A 6 -0.50 -3.77 14.51
C LEU A 6 -1.77 -4.41 13.99
N VAL A 7 -2.64 -3.60 13.38
CA VAL A 7 -3.91 -4.07 12.85
C VAL A 7 -3.93 -3.97 11.32
N GLN A 8 -4.54 -4.97 10.66
CA GLN A 8 -4.62 -5.00 9.21
C GLN A 8 -5.99 -4.49 8.74
N ARG A 9 -5.99 -3.70 7.68
CA ARG A 9 -7.21 -3.13 7.13
C ARG A 9 -7.11 -2.95 5.61
N CYS A 10 -8.26 -2.97 4.93
CA CYS A 10 -8.30 -2.81 3.48
C CYS A 10 -8.60 -1.36 3.11
N VAL A 11 -7.69 -0.74 2.37
CA VAL A 11 -7.86 0.64 1.94
C VAL A 11 -8.17 0.73 0.44
N ILE A 12 -9.27 1.40 0.10
CA ILE A 12 -9.67 1.55 -1.29
C ILE A 12 -9.16 2.86 -1.87
N ILE A 13 -8.20 2.76 -2.80
CA ILE A 13 -7.62 3.93 -3.44
C ILE A 13 -8.05 4.05 -4.89
N GLN A 14 -8.54 5.23 -5.27
CA GLN A 14 -8.98 5.48 -6.64
C GLN A 14 -7.98 6.37 -7.38
N LYS A 15 -7.51 5.90 -8.54
CA LYS A 15 -6.54 6.65 -9.33
C LYS A 15 -7.16 7.92 -9.89
N ASP A 16 -6.38 9.01 -9.85
CA ASP A 16 -6.86 10.30 -10.34
C ASP A 16 -5.92 10.85 -11.42
N ASP A 17 -6.24 12.05 -11.91
CA ASP A 17 -5.43 12.71 -12.94
C ASP A 17 -3.98 12.85 -12.48
N ASN A 18 -3.80 13.08 -11.18
CA ASN A 18 -2.45 13.23 -10.61
C ASN A 18 -1.93 11.91 -10.04
N GLY A 19 -2.59 10.79 -10.39
CA GLY A 19 -2.17 9.50 -9.90
C GLY A 19 -2.54 9.25 -8.45
N PHE A 20 -1.91 8.24 -7.84
CA PHE A 20 -2.17 7.90 -6.44
C PHE A 20 -1.37 8.81 -5.50
N GLY A 21 -0.10 9.01 -5.84
CA GLY A 21 0.77 9.85 -5.03
C GLY A 21 1.31 9.14 -3.80
N LEU A 22 1.89 7.96 -3.99
CA LEU A 22 2.45 7.18 -2.88
C LEU A 22 3.64 6.33 -3.33
N THR A 23 4.64 6.24 -2.46
CA THR A 23 5.84 5.46 -2.74
C THR A 23 5.95 4.27 -1.78
N VAL A 24 6.00 3.07 -2.33
CA VAL A 24 6.09 1.85 -1.53
C VAL A 24 7.36 1.06 -1.83
N SER A 25 7.86 0.33 -0.81
CA SER A 25 9.06 -0.48 -0.94
C SER A 25 8.87 -1.85 -0.30
N GLY A 26 9.73 -2.80 -0.67
CA GLY A 26 9.64 -4.15 -0.13
C GLY A 26 8.85 -5.09 -1.02
N ASP A 27 8.80 -6.37 -0.65
CA ASP A 27 8.06 -7.35 -1.44
C ASP A 27 7.05 -8.12 -0.58
N ASN A 28 7.49 -9.18 0.11
CA ASN A 28 6.58 -9.97 0.96
C ASN A 28 5.79 -9.01 1.85
N PRO A 29 6.48 -8.25 2.72
CA PRO A 29 5.87 -7.27 3.59
C PRO A 29 5.96 -5.88 2.97
N VAL A 30 5.16 -5.63 1.93
CA VAL A 30 5.20 -4.33 1.24
C VAL A 30 5.01 -3.20 2.25
N PHE A 31 5.95 -2.26 2.29
CA PHE A 31 5.88 -1.13 3.22
C PHE A 31 5.76 0.20 2.48
N VAL A 32 4.72 0.96 2.80
CA VAL A 32 4.49 2.27 2.20
C VAL A 32 5.38 3.32 2.86
N GLN A 33 6.28 3.90 2.07
CA GLN A 33 7.21 4.91 2.59
C GLN A 33 6.55 6.29 2.68
N SER A 34 6.37 6.95 1.54
CA SER A 34 5.77 8.28 1.52
C SER A 34 4.42 8.28 0.79
N VAL A 35 3.51 9.13 1.25
CA VAL A 35 2.19 9.24 0.64
C VAL A 35 1.76 10.70 0.52
N LYS A 36 0.88 10.97 -0.46
CA LYS A 36 0.38 12.33 -0.69
C LYS A 36 -0.33 12.86 0.54
N GLU A 37 0.11 14.02 1.04
CA GLU A 37 -0.48 14.63 2.22
C GLU A 37 -1.92 15.08 1.95
N ASP A 38 -2.19 15.55 0.73
CA ASP A 38 -3.52 16.00 0.35
C ASP A 38 -3.97 15.37 -0.97
N GLY A 39 -3.94 14.04 -1.02
CA GLY A 39 -4.35 13.34 -2.22
C GLY A 39 -5.04 12.02 -1.92
N ALA A 40 -5.29 11.23 -2.97
CA ALA A 40 -5.94 9.93 -2.83
C ALA A 40 -5.23 9.05 -1.79
N ALA A 41 -3.90 9.16 -1.72
CA ALA A 41 -3.11 8.38 -0.77
C ALA A 41 -3.60 8.61 0.66
N MET A 42 -3.55 9.86 1.12
CA MET A 42 -4.00 10.20 2.47
C MET A 42 -5.51 10.10 2.58
N ARG A 43 -6.23 10.56 1.56
CA ARG A 43 -7.69 10.51 1.55
C ARG A 43 -8.21 9.08 1.70
N ALA A 44 -7.48 8.13 1.10
CA ALA A 44 -7.86 6.72 1.17
C ALA A 44 -7.54 6.10 2.53
N GLY A 45 -6.73 6.80 3.34
CA GLY A 45 -6.35 6.30 4.64
C GLY A 45 -4.93 5.78 4.70
N VAL A 46 -4.12 6.10 3.67
CA VAL A 46 -2.74 5.66 3.61
C VAL A 46 -1.81 6.76 4.14
N GLN A 47 -1.06 6.42 5.20
CA GLN A 47 -0.13 7.37 5.80
C GLN A 47 1.31 7.07 5.36
N THR A 48 2.22 8.01 5.66
CA THR A 48 3.63 7.85 5.29
C THR A 48 4.33 6.86 6.23
N GLY A 49 3.96 5.58 6.12
CA GLY A 49 4.57 4.56 6.96
C GLY A 49 3.62 3.40 7.26
N ASP A 50 3.02 2.84 6.20
CA ASP A 50 2.10 1.71 6.36
C ASP A 50 2.76 0.40 5.93
N ARG A 51 2.06 -0.71 6.13
CA ARG A 51 2.57 -2.03 5.76
C ARG A 51 1.57 -2.80 4.90
N ILE A 52 1.55 -2.50 3.60
CA ILE A 52 0.63 -3.17 2.69
C ILE A 52 1.04 -4.63 2.46
N ILE A 53 0.07 -5.53 2.61
CA ILE A 53 0.32 -6.96 2.44
C ILE A 53 -0.46 -7.53 1.25
N LYS A 54 -1.66 -7.00 0.98
CA LYS A 54 -2.47 -7.49 -0.13
C LYS A 54 -2.97 -6.34 -1.00
N VAL A 55 -3.28 -6.65 -2.26
CA VAL A 55 -3.77 -5.66 -3.22
C VAL A 55 -4.89 -6.26 -4.09
N ASN A 56 -6.14 -5.86 -3.79
CA ASN A 56 -7.31 -6.34 -4.52
C ASN A 56 -7.42 -7.87 -4.42
N GLY A 57 -7.31 -8.38 -3.18
CA GLY A 57 -7.40 -9.81 -2.96
C GLY A 57 -6.25 -10.58 -3.59
N THR A 58 -5.12 -9.90 -3.79
CA THR A 58 -3.94 -10.52 -4.39
C THR A 58 -2.73 -10.35 -3.48
N LEU A 59 -2.37 -11.43 -2.79
CA LEU A 59 -1.23 -11.40 -1.86
C LEU A 59 0.08 -11.17 -2.61
N VAL A 60 0.89 -10.24 -2.11
CA VAL A 60 2.17 -9.91 -2.73
C VAL A 60 3.21 -11.03 -2.55
N THR A 61 2.90 -12.02 -1.73
CA THR A 61 3.83 -13.13 -1.50
C THR A 61 4.12 -13.87 -2.81
N HIS A 62 3.12 -13.92 -3.69
CA HIS A 62 3.27 -14.59 -4.98
C HIS A 62 3.23 -13.58 -6.14
N SER A 63 3.71 -12.36 -5.88
CA SER A 63 3.73 -11.31 -6.89
C SER A 63 5.04 -10.53 -6.85
N ASN A 64 5.64 -10.32 -8.04
CA ASN A 64 6.89 -9.59 -8.14
C ASN A 64 6.65 -8.08 -8.19
N HIS A 65 7.73 -7.31 -8.34
CA HIS A 65 7.65 -5.85 -8.39
C HIS A 65 6.72 -5.41 -9.52
N LEU A 66 7.12 -5.69 -10.76
CA LEU A 66 6.33 -5.30 -11.93
C LEU A 66 4.92 -5.91 -11.88
N GLU A 67 4.78 -7.06 -11.21
CA GLU A 67 3.48 -7.72 -11.10
C GLU A 67 2.50 -6.88 -10.29
N VAL A 68 2.92 -6.43 -9.11
CA VAL A 68 2.07 -5.62 -8.24
C VAL A 68 1.68 -4.31 -8.92
N VAL A 69 2.67 -3.57 -9.40
CA VAL A 69 2.43 -2.30 -10.08
C VAL A 69 1.50 -2.48 -11.29
N LYS A 70 1.73 -3.55 -12.06
CA LYS A 70 0.91 -3.84 -13.24
C LYS A 70 -0.55 -4.06 -12.84
N LEU A 71 -0.76 -4.78 -11.74
CA LEU A 71 -2.12 -5.06 -11.26
C LEU A 71 -2.79 -3.79 -10.74
N ILE A 72 -2.08 -3.03 -9.91
CA ILE A 72 -2.62 -1.79 -9.36
C ILE A 72 -2.88 -0.76 -10.46
N LYS A 73 -1.93 -0.63 -11.39
CA LYS A 73 -2.07 0.31 -12.50
C LYS A 73 -3.19 -0.12 -13.46
N SER A 74 -3.44 -1.43 -13.55
CA SER A 74 -4.49 -1.95 -14.42
C SER A 74 -5.87 -1.79 -13.78
N GLY A 75 -6.31 -0.54 -13.63
CA GLY A 75 -7.61 -0.28 -13.04
C GLY A 75 -7.68 1.12 -12.44
N SER A 76 -8.90 1.63 -12.28
CA SER A 76 -9.11 2.96 -11.71
C SER A 76 -8.85 2.96 -10.20
N TYR A 77 -9.71 2.25 -9.46
CA TYR A 77 -9.56 2.17 -8.00
C TYR A 77 -9.33 0.73 -7.55
N VAL A 78 -8.67 0.56 -6.40
CA VAL A 78 -8.39 -0.77 -5.87
C VAL A 78 -8.33 -0.76 -4.34
N ALA A 79 -8.74 -1.89 -3.74
CA ALA A 79 -8.72 -2.06 -2.30
C ALA A 79 -7.51 -2.89 -1.87
N LEU A 80 -6.57 -2.24 -1.19
CA LEU A 80 -5.35 -2.93 -0.74
C LEU A 80 -5.37 -3.20 0.76
N THR A 81 -5.04 -4.44 1.13
CA THR A 81 -4.99 -4.83 2.54
C THR A 81 -3.63 -4.48 3.13
N VAL A 82 -3.61 -3.51 4.04
CA VAL A 82 -2.36 -3.08 4.67
C VAL A 82 -2.43 -3.20 6.20
N GLN A 83 -1.30 -2.93 6.85
CA GLN A 83 -1.21 -3.00 8.31
C GLN A 83 -0.57 -1.74 8.87
N GLY A 84 -1.05 -1.30 10.04
CA GLY A 84 -0.51 -0.10 10.67
C GLY A 84 -1.42 0.42 11.77
N ARG A 85 -0.81 0.95 12.83
CA ARG A 85 -1.55 1.50 13.96
C ARG A 85 -1.17 2.95 14.23
N PRO A 86 -2.15 3.78 14.68
CA PRO A 86 -1.91 5.20 14.96
C PRO A 86 -1.12 5.40 16.27
N PRO A 87 -0.39 6.54 16.37
CA PRO A 87 0.40 6.86 17.56
C PRO A 87 -0.47 7.22 18.77
N GLY A 88 -0.25 6.52 19.88
CA GLY A 88 -1.03 6.79 21.09
C GLY A 88 -0.28 6.44 22.35
N SER A 89 -0.94 5.71 23.25
CA SER A 89 -0.33 5.31 24.53
C SER A 89 -0.82 3.93 24.94
N VAL B 1 21.04 -4.57 0.99
CA VAL B 1 19.59 -4.87 1.16
C VAL B 1 18.77 -4.36 -0.03
N GLU B 2 18.72 -5.15 -1.09
CA GLU B 2 17.98 -4.77 -2.29
C GLU B 2 16.52 -5.22 -2.20
N ASN B 3 15.60 -4.25 -2.20
CA ASN B 3 14.17 -4.54 -2.10
C ASN B 3 13.43 -3.99 -3.32
N LYS B 4 12.18 -4.42 -3.48
CA LYS B 4 11.35 -3.97 -4.58
C LYS B 4 10.71 -2.61 -4.28
N VAL B 5 11.27 -1.56 -4.87
CA VAL B 5 10.76 -0.20 -4.65
C VAL B 5 9.92 0.27 -5.83
N THR B 6 8.80 0.92 -5.55
CA THR B 6 7.90 1.40 -6.59
C THR B 6 7.33 2.78 -6.23
N ASP B 7 6.99 3.56 -7.25
CA ASP B 7 6.43 4.89 -7.06
C ASP B 7 5.21 5.10 -7.96
N LEU B 8 4.06 5.39 -7.35
CA LEU B 8 2.83 5.59 -8.10
C LEU B 8 2.15 6.91 -7.70
N GLY A 1 -5.13 -6.68 30.36
CA GLY A 1 -3.99 -5.75 30.09
C GLY A 1 -2.99 -6.32 29.10
N SER A 2 -3.39 -6.37 27.82
CA SER A 2 -2.52 -6.89 26.77
C SER A 2 -2.06 -5.77 25.84
N HIS A 3 -0.77 -5.80 25.49
CA HIS A 3 -0.19 -4.80 24.60
C HIS A 3 0.42 -5.45 23.36
N MET A 4 1.00 -4.63 22.48
CA MET A 4 1.60 -5.11 21.24
C MET A 4 0.54 -5.68 20.29
N GLY A 5 0.99 -6.20 19.14
CA GLY A 5 0.07 -6.77 18.17
C GLY A 5 -0.41 -5.73 17.16
N LEU A 6 0.16 -5.79 15.95
CA LEU A 6 -0.21 -4.86 14.89
C LEU A 6 -1.58 -5.20 14.32
N VAL A 7 -2.31 -4.16 13.89
CA VAL A 7 -3.64 -4.35 13.33
C VAL A 7 -3.65 -4.13 11.81
N GLN A 8 -4.45 -4.92 11.10
CA GLN A 8 -4.56 -4.82 9.64
C GLN A 8 -5.79 -4.02 9.25
N ARG A 9 -5.65 -3.24 8.17
CA ARG A 9 -6.76 -2.41 7.69
C ARG A 9 -6.75 -2.33 6.16
N CYS A 10 -7.95 -2.36 5.57
CA CYS A 10 -8.09 -2.29 4.11
C CYS A 10 -8.48 -0.88 3.69
N VAL A 11 -7.83 -0.38 2.63
CA VAL A 11 -8.12 0.96 2.12
C VAL A 11 -8.36 0.94 0.62
N ILE A 12 -9.43 1.60 0.17
CA ILE A 12 -9.76 1.66 -1.24
C ILE A 12 -9.20 2.93 -1.88
N ILE A 13 -8.20 2.76 -2.75
CA ILE A 13 -7.55 3.88 -3.43
C ILE A 13 -8.17 4.10 -4.81
N GLN A 14 -8.51 5.36 -5.12
CA GLN A 14 -9.10 5.69 -6.41
C GLN A 14 -8.20 6.64 -7.19
N LYS A 15 -7.75 6.20 -8.37
CA LYS A 15 -6.87 7.01 -9.22
C LYS A 15 -7.54 8.32 -9.61
N ASP A 16 -6.82 9.42 -9.44
CA ASP A 16 -7.32 10.75 -9.77
C ASP A 16 -6.39 11.44 -10.78
N ASP A 17 -6.64 12.71 -11.06
CA ASP A 17 -5.83 13.49 -12.01
C ASP A 17 -4.35 13.45 -11.65
N ASN A 18 -4.04 13.40 -10.35
CA ASN A 18 -2.65 13.36 -9.89
C ASN A 18 -2.18 11.93 -9.59
N GLY A 19 -2.97 10.93 -10.00
CA GLY A 19 -2.61 9.55 -9.77
C GLY A 19 -2.68 9.17 -8.29
N PHE A 20 -2.21 7.97 -7.97
CA PHE A 20 -2.21 7.49 -6.58
C PHE A 20 -1.24 8.30 -5.74
N GLY A 21 0.01 8.40 -6.20
CA GLY A 21 1.03 9.16 -5.48
C GLY A 21 1.46 8.48 -4.19
N LEU A 22 2.17 7.37 -4.29
CA LEU A 22 2.63 6.64 -3.10
C LEU A 22 3.94 5.90 -3.38
N THR A 23 4.82 5.88 -2.37
CA THR A 23 6.11 5.21 -2.48
C THR A 23 6.18 4.05 -1.49
N VAL A 24 6.38 2.83 -2.01
CA VAL A 24 6.46 1.64 -1.17
C VAL A 24 7.69 0.78 -1.52
N SER A 25 8.28 0.17 -0.49
CA SER A 25 9.45 -0.68 -0.67
C SER A 25 9.15 -2.11 -0.22
N GLY A 26 9.96 -3.06 -0.69
CA GLY A 26 9.75 -4.45 -0.33
C GLY A 26 8.89 -5.19 -1.34
N ASP A 27 8.57 -6.45 -1.05
CA ASP A 27 7.75 -7.25 -1.96
C ASP A 27 6.64 -7.99 -1.21
N ASN A 28 6.97 -9.12 -0.57
CA ASN A 28 5.96 -9.88 0.19
C ASN A 28 5.25 -8.93 1.16
N PRO A 29 6.00 -8.34 2.10
CA PRO A 29 5.47 -7.38 3.06
C PRO A 29 5.69 -5.95 2.56
N VAL A 30 4.96 -5.57 1.51
CA VAL A 30 5.10 -4.24 0.93
C VAL A 30 4.97 -3.16 2.01
N PHE A 31 5.99 -2.32 2.13
CA PHE A 31 5.98 -1.25 3.13
C PHE A 31 5.83 0.12 2.48
N VAL A 32 4.92 0.93 3.01
CA VAL A 32 4.69 2.27 2.48
C VAL A 32 5.59 3.29 3.19
N GLN A 33 6.39 4.01 2.42
CA GLN A 33 7.30 4.99 2.98
C GLN A 33 7.01 6.42 2.48
N SER A 34 5.83 6.61 1.86
CA SER A 34 5.44 7.93 1.36
C SER A 34 4.07 7.88 0.70
N VAL A 35 3.19 8.83 1.08
CA VAL A 35 1.84 8.89 0.51
C VAL A 35 1.43 10.33 0.22
N LYS A 36 0.72 10.54 -0.88
CA LYS A 36 0.26 11.87 -1.28
C LYS A 36 -0.53 12.54 -0.16
N GLU A 37 -0.23 13.81 0.09
CA GLU A 37 -0.90 14.59 1.14
C GLU A 37 -2.30 15.03 0.70
N ASP A 38 -2.42 15.41 -0.57
CA ASP A 38 -3.70 15.86 -1.11
C ASP A 38 -4.07 15.07 -2.37
N GLY A 39 -4.10 13.73 -2.24
CA GLY A 39 -4.44 12.88 -3.35
C GLY A 39 -5.13 11.59 -2.91
N ALA A 40 -5.21 10.62 -3.82
CA ALA A 40 -5.85 9.34 -3.52
C ALA A 40 -5.23 8.68 -2.29
N ALA A 41 -3.91 8.79 -2.14
CA ALA A 41 -3.21 8.21 -1.00
C ALA A 41 -3.83 8.67 0.32
N MET A 42 -3.96 9.99 0.47
CA MET A 42 -4.55 10.55 1.69
C MET A 42 -6.07 10.37 1.71
N ARG A 43 -6.71 10.59 0.56
CA ARG A 43 -8.17 10.46 0.45
C ARG A 43 -8.62 9.04 0.81
N ALA A 44 -7.80 8.04 0.46
CA ALA A 44 -8.12 6.65 0.76
C ALA A 44 -7.85 6.30 2.22
N GLY A 45 -7.12 7.16 2.93
CA GLY A 45 -6.81 6.91 4.33
C GLY A 45 -5.46 6.22 4.52
N VAL A 46 -4.56 6.37 3.55
CA VAL A 46 -3.24 5.76 3.62
C VAL A 46 -2.21 6.72 4.19
N GLN A 47 -1.57 6.33 5.29
CA GLN A 47 -0.56 7.15 5.94
C GLN A 47 0.84 6.64 5.65
N THR A 48 1.84 7.49 5.88
CA THR A 48 3.24 7.12 5.65
C THR A 48 3.73 6.15 6.73
N GLY A 49 4.52 5.15 6.31
CA GLY A 49 5.03 4.17 7.25
C GLY A 49 4.09 3.00 7.46
N ASP A 50 3.22 2.74 6.48
CA ASP A 50 2.26 1.65 6.56
C ASP A 50 2.87 0.35 6.02
N ARG A 51 2.12 -0.76 6.14
CA ARG A 51 2.61 -2.05 5.68
C ARG A 51 1.55 -2.78 4.83
N ILE A 52 1.50 -2.46 3.53
CA ILE A 52 0.54 -3.11 2.64
C ILE A 52 0.92 -4.56 2.40
N ILE A 53 0.00 -5.46 2.74
CA ILE A 53 0.22 -6.89 2.58
C ILE A 53 -0.63 -7.48 1.45
N LYS A 54 -1.84 -6.94 1.25
CA LYS A 54 -2.73 -7.44 0.19
C LYS A 54 -3.22 -6.31 -0.72
N VAL A 55 -3.54 -6.67 -1.96
CA VAL A 55 -4.03 -5.71 -2.95
C VAL A 55 -5.16 -6.31 -3.78
N ASN A 56 -6.39 -5.86 -3.52
CA ASN A 56 -7.58 -6.34 -4.23
C ASN A 56 -7.82 -7.83 -3.98
N GLY A 57 -7.40 -8.32 -2.81
CA GLY A 57 -7.59 -9.72 -2.49
C GLY A 57 -6.39 -10.59 -2.88
N THR A 58 -5.68 -10.17 -3.93
CA THR A 58 -4.51 -10.91 -4.40
C THR A 58 -3.28 -10.60 -3.56
N LEU A 59 -2.90 -11.53 -2.70
CA LEU A 59 -1.74 -11.35 -1.82
C LEU A 59 -0.45 -11.26 -2.64
N VAL A 60 0.51 -10.49 -2.14
CA VAL A 60 1.79 -10.31 -2.83
C VAL A 60 2.85 -11.29 -2.33
N THR A 61 2.41 -12.48 -1.92
CA THR A 61 3.33 -13.51 -1.44
C THR A 61 4.03 -14.20 -2.63
N HIS A 62 3.31 -14.33 -3.73
CA HIS A 62 3.85 -14.97 -4.94
C HIS A 62 3.79 -14.01 -6.14
N SER A 63 3.90 -12.72 -5.87
CA SER A 63 3.86 -11.70 -6.92
C SER A 63 5.18 -10.94 -7.02
N ASN A 64 5.54 -10.54 -8.24
CA ASN A 64 6.78 -9.80 -8.47
C ASN A 64 6.58 -8.29 -8.28
N HIS A 65 7.69 -7.56 -8.13
CA HIS A 65 7.65 -6.12 -7.94
C HIS A 65 6.85 -5.43 -9.04
N LEU A 66 7.32 -5.57 -10.28
CA LEU A 66 6.63 -4.97 -11.44
C LEU A 66 5.19 -5.45 -11.54
N GLU A 67 4.97 -6.73 -11.20
CA GLU A 67 3.63 -7.31 -11.26
C GLU A 67 2.64 -6.54 -10.39
N VAL A 68 3.10 -6.10 -9.20
CA VAL A 68 2.24 -5.34 -8.29
C VAL A 68 1.87 -3.99 -8.91
N VAL A 69 2.85 -3.31 -9.48
CA VAL A 69 2.63 -2.01 -10.11
C VAL A 69 1.61 -2.11 -11.25
N LYS A 70 1.89 -3.00 -12.20
CA LYS A 70 1.01 -3.20 -13.36
C LYS A 70 -0.40 -3.58 -12.93
N LEU A 71 -0.52 -4.41 -11.89
CA LEU A 71 -1.82 -4.84 -11.39
C LEU A 71 -2.61 -3.66 -10.83
N ILE A 72 -1.96 -2.87 -9.97
CA ILE A 72 -2.62 -1.69 -9.39
C ILE A 72 -2.92 -0.65 -10.45
N LYS A 73 -1.93 -0.39 -11.32
CA LYS A 73 -2.11 0.58 -12.40
C LYS A 73 -3.12 0.11 -13.44
N SER A 74 -3.28 -1.21 -13.58
CA SER A 74 -4.22 -1.78 -14.54
C SER A 74 -5.64 -1.26 -14.32
N GLY A 75 -5.98 -0.98 -13.06
CA GLY A 75 -7.31 -0.47 -12.75
C GLY A 75 -7.27 0.94 -12.18
N SER A 76 -8.38 1.66 -12.30
CA SER A 76 -8.46 3.03 -11.78
C SER A 76 -8.38 3.04 -10.26
N TYR A 77 -9.31 2.35 -9.61
CA TYR A 77 -9.34 2.27 -8.15
C TYR A 77 -9.22 0.82 -7.68
N VAL A 78 -8.54 0.63 -6.55
CA VAL A 78 -8.35 -0.70 -5.98
C VAL A 78 -8.24 -0.67 -4.46
N ALA A 79 -8.67 -1.75 -3.82
CA ALA A 79 -8.61 -1.87 -2.37
C ALA A 79 -7.31 -2.53 -1.95
N LEU A 80 -6.71 -2.07 -0.87
CA LEU A 80 -5.44 -2.62 -0.40
C LEU A 80 -5.45 -2.90 1.10
N THR A 81 -5.07 -4.13 1.47
CA THR A 81 -5.01 -4.54 2.87
C THR A 81 -3.61 -4.28 3.42
N VAL A 82 -3.51 -3.31 4.33
CA VAL A 82 -2.23 -2.95 4.93
C VAL A 82 -2.25 -3.15 6.46
N GLN A 83 -1.09 -2.93 7.07
CA GLN A 83 -0.96 -3.07 8.52
C GLN A 83 -0.14 -1.92 9.10
N GLY A 84 -0.43 -1.58 10.35
CA GLY A 84 0.28 -0.48 11.01
C GLY A 84 0.14 -0.53 12.52
N ARG A 85 0.31 0.64 13.16
CA ARG A 85 0.19 0.75 14.61
C ARG A 85 0.34 2.21 15.07
N PRO A 86 1.50 2.85 14.81
CA PRO A 86 1.76 4.24 15.20
C PRO A 86 0.81 5.23 14.49
N PRO A 87 -0.12 5.84 15.25
CA PRO A 87 -1.08 6.80 14.70
C PRO A 87 -0.43 8.11 14.26
N GLY A 88 -0.42 8.36 12.95
CA GLY A 88 0.18 9.58 12.42
C GLY A 88 -0.85 10.60 11.98
N SER A 89 -1.79 10.92 12.87
CA SER A 89 -2.84 11.90 12.57
C SER A 89 -3.75 11.39 11.44
N VAL B 1 15.89 -9.05 -7.03
CA VAL B 1 17.35 -9.33 -7.12
C VAL B 1 18.16 -8.16 -6.57
N GLU B 2 18.06 -7.00 -7.23
CA GLU B 2 18.79 -5.82 -6.80
C GLU B 2 17.97 -5.01 -5.78
N ASN B 3 16.80 -4.56 -6.20
CA ASN B 3 15.91 -3.77 -5.34
C ASN B 3 14.44 -4.08 -5.64
N LYS B 4 13.54 -3.43 -4.88
CA LYS B 4 12.11 -3.63 -5.05
C LYS B 4 11.33 -2.43 -4.50
N VAL B 5 11.72 -1.23 -4.91
CA VAL B 5 11.07 -0.01 -4.48
C VAL B 5 10.16 0.55 -5.56
N THR B 6 8.96 0.99 -5.16
CA THR B 6 7.98 1.52 -6.10
C THR B 6 7.65 2.98 -5.76
N ASP B 7 7.22 3.75 -6.76
CA ASP B 7 6.87 5.16 -6.55
C ASP B 7 5.91 5.63 -7.64
N LEU B 8 4.75 6.12 -7.23
CA LEU B 8 3.74 6.60 -8.16
C LEU B 8 3.34 8.04 -7.83
N GLY A 1 -3.61 -10.02 30.11
CA GLY A 1 -2.46 -9.18 29.68
C GLY A 1 -2.54 -8.79 28.21
N SER A 2 -2.59 -9.80 27.32
CA SER A 2 -2.67 -9.57 25.88
C SER A 2 -1.37 -8.99 25.33
N HIS A 3 -1.14 -7.69 25.57
CA HIS A 3 0.06 -7.00 25.10
C HIS A 3 0.15 -7.00 23.57
N MET A 4 1.14 -6.30 23.04
CA MET A 4 1.33 -6.20 21.58
C MET A 4 0.14 -5.52 20.91
N GLY A 5 0.23 -5.33 19.60
CA GLY A 5 -0.84 -4.70 18.85
C GLY A 5 -0.84 -5.11 17.38
N LEU A 6 -0.49 -4.18 16.50
CA LEU A 6 -0.43 -4.44 15.06
C LEU A 6 -1.81 -4.79 14.51
N VAL A 7 -2.46 -3.82 13.88
CA VAL A 7 -3.79 -4.03 13.31
C VAL A 7 -3.76 -3.93 11.78
N GLN A 8 -4.50 -4.83 11.13
CA GLN A 8 -4.58 -4.86 9.66
C GLN A 8 -5.84 -4.18 9.17
N ARG A 9 -5.71 -3.38 8.10
CA ARG A 9 -6.84 -2.66 7.54
C ARG A 9 -6.76 -2.61 6.01
N CYS A 10 -7.93 -2.56 5.37
CA CYS A 10 -8.00 -2.51 3.90
C CYS A 10 -8.15 -1.06 3.42
N VAL A 11 -7.19 -0.59 2.64
CA VAL A 11 -7.23 0.76 2.10
C VAL A 11 -7.55 0.74 0.61
N ILE A 12 -8.55 1.54 0.22
CA ILE A 12 -8.96 1.61 -1.18
C ILE A 12 -8.31 2.81 -1.87
N ILE A 13 -7.39 2.54 -2.79
CA ILE A 13 -6.70 3.59 -3.52
C ILE A 13 -7.42 3.92 -4.83
N GLN A 14 -7.80 5.19 -5.00
CA GLN A 14 -8.50 5.63 -6.20
C GLN A 14 -7.66 6.64 -6.99
N LYS A 15 -7.71 6.54 -8.32
CA LYS A 15 -6.96 7.46 -9.18
C LYS A 15 -7.75 8.73 -9.45
N ASP A 16 -7.25 9.85 -8.93
CA ASP A 16 -7.91 11.14 -9.10
C ASP A 16 -7.11 12.03 -10.05
N ASP A 17 -7.49 13.31 -10.14
CA ASP A 17 -6.79 14.26 -11.02
C ASP A 17 -5.31 14.34 -10.69
N ASN A 18 -4.98 14.23 -9.39
CA ASN A 18 -3.60 14.29 -8.94
C ASN A 18 -2.97 12.89 -8.83
N GLY A 19 -3.70 11.86 -9.27
CA GLY A 19 -3.20 10.49 -9.21
C GLY A 19 -3.10 9.98 -7.78
N PHE A 20 -2.52 8.79 -7.62
CA PHE A 20 -2.37 8.20 -6.29
C PHE A 20 -1.33 8.99 -5.48
N GLY A 21 -0.12 9.11 -6.04
CA GLY A 21 0.94 9.84 -5.38
C GLY A 21 1.46 9.13 -4.14
N LEU A 22 1.93 7.90 -4.31
CA LEU A 22 2.47 7.12 -3.19
C LEU A 22 3.56 6.15 -3.65
N THR A 23 4.56 5.96 -2.79
CA THR A 23 5.66 5.04 -3.09
C THR A 23 5.69 3.89 -2.09
N VAL A 24 5.83 2.66 -2.61
CA VAL A 24 5.87 1.48 -1.77
C VAL A 24 7.11 0.62 -2.06
N SER A 25 7.68 0.03 -1.01
CA SER A 25 8.87 -0.81 -1.14
C SER A 25 8.75 -2.05 -0.25
N GLY A 26 9.57 -3.06 -0.55
CA GLY A 26 9.57 -4.30 0.22
C GLY A 26 8.68 -5.36 -0.37
N ASP A 27 9.03 -6.63 -0.14
CA ASP A 27 8.24 -7.76 -0.65
C ASP A 27 7.29 -8.27 0.43
N ASN A 28 6.73 -9.49 0.21
CA ASN A 28 5.77 -10.12 1.14
C ASN A 28 5.10 -9.08 2.06
N PRO A 29 5.72 -8.71 3.20
CA PRO A 29 5.18 -7.68 4.09
C PRO A 29 5.51 -6.29 3.53
N VAL A 30 5.05 -6.02 2.31
CA VAL A 30 5.32 -4.75 1.63
C VAL A 30 5.00 -3.56 2.54
N PHE A 31 5.66 -2.43 2.31
CA PHE A 31 5.43 -1.24 3.14
C PHE A 31 5.46 0.04 2.31
N VAL A 32 4.50 0.93 2.57
CA VAL A 32 4.42 2.21 1.88
C VAL A 32 5.34 3.22 2.55
N GLN A 33 6.13 3.94 1.75
CA GLN A 33 7.07 4.92 2.28
C GLN A 33 6.44 6.32 2.36
N SER A 34 6.10 6.89 1.21
CA SER A 34 5.50 8.23 1.17
C SER A 34 4.18 8.22 0.41
N VAL A 35 3.23 9.05 0.87
CA VAL A 35 1.92 9.16 0.24
C VAL A 35 1.49 10.63 0.16
N LYS A 36 0.79 10.98 -0.92
CA LYS A 36 0.31 12.34 -1.14
C LYS A 36 -0.59 12.80 0.01
N GLU A 37 -0.16 13.86 0.71
CA GLU A 37 -0.92 14.40 1.84
C GLU A 37 -2.25 15.01 1.37
N ASP A 38 -2.20 15.73 0.24
CA ASP A 38 -3.40 16.35 -0.31
C ASP A 38 -3.80 15.68 -1.62
N GLY A 39 -3.75 14.35 -1.65
CA GLY A 39 -4.11 13.59 -2.84
C GLY A 39 -4.98 12.40 -2.51
N ALA A 40 -5.39 11.68 -3.55
CA ALA A 40 -6.24 10.49 -3.38
C ALA A 40 -5.67 9.52 -2.34
N ALA A 41 -4.33 9.45 -2.26
CA ALA A 41 -3.67 8.57 -1.30
C ALA A 41 -4.18 8.84 0.12
N MET A 42 -3.91 10.04 0.62
CA MET A 42 -4.35 10.42 1.97
C MET A 42 -5.87 10.60 2.00
N ARG A 43 -6.46 11.08 0.89
CA ARG A 43 -7.91 11.27 0.82
C ARG A 43 -8.65 9.96 1.07
N ALA A 44 -8.12 8.87 0.52
CA ALA A 44 -8.74 7.56 0.68
C ALA A 44 -8.44 6.94 2.05
N GLY A 45 -7.46 7.51 2.77
CA GLY A 45 -7.10 7.00 4.08
C GLY A 45 -5.74 6.31 4.10
N VAL A 46 -4.91 6.55 3.09
CA VAL A 46 -3.59 5.95 3.01
C VAL A 46 -2.53 6.88 3.58
N GLN A 47 -1.82 6.40 4.60
CA GLN A 47 -0.78 7.19 5.27
C GLN A 47 0.61 6.62 4.98
N THR A 48 1.64 7.31 5.46
CA THR A 48 3.02 6.87 5.27
C THR A 48 3.38 5.74 6.22
N GLY A 49 4.29 4.87 5.78
CA GLY A 49 4.70 3.74 6.59
C GLY A 49 3.59 2.74 6.80
N ASP A 50 2.94 2.33 5.70
CA ASP A 50 1.84 1.37 5.78
C ASP A 50 2.27 0.00 5.28
N ARG A 51 2.34 -0.97 6.19
CA ARG A 51 2.76 -2.33 5.83
C ARG A 51 1.70 -3.04 4.98
N ILE A 52 1.73 -2.78 3.67
CA ILE A 52 0.77 -3.40 2.75
C ILE A 52 1.09 -4.88 2.55
N ILE A 53 0.07 -5.73 2.69
CA ILE A 53 0.23 -7.17 2.53
C ILE A 53 -0.51 -7.68 1.29
N LYS A 54 -1.69 -7.11 1.01
CA LYS A 54 -2.49 -7.53 -0.14
C LYS A 54 -2.82 -6.34 -1.05
N VAL A 55 -2.96 -6.61 -2.34
CA VAL A 55 -3.29 -5.57 -3.31
C VAL A 55 -4.46 -6.00 -4.18
N ASN A 56 -5.62 -5.36 -3.96
CA ASN A 56 -6.84 -5.68 -4.70
C ASN A 56 -7.23 -7.15 -4.53
N GLY A 57 -7.21 -7.61 -3.28
CA GLY A 57 -7.55 -8.99 -2.98
C GLY A 57 -6.56 -9.98 -3.58
N THR A 58 -5.31 -9.54 -3.77
CA THR A 58 -4.27 -10.39 -4.33
C THR A 58 -2.99 -10.29 -3.52
N LEU A 59 -2.67 -11.36 -2.77
CA LEU A 59 -1.48 -11.38 -1.93
C LEU A 59 -0.21 -11.28 -2.78
N VAL A 60 0.75 -10.49 -2.31
CA VAL A 60 2.02 -10.31 -3.02
C VAL A 60 3.15 -11.06 -2.32
N THR A 61 2.82 -12.21 -1.72
CA THR A 61 3.82 -13.03 -1.03
C THR A 61 4.64 -13.85 -2.03
N HIS A 62 4.02 -14.22 -3.16
CA HIS A 62 4.69 -14.99 -4.20
C HIS A 62 4.61 -14.26 -5.55
N SER A 63 4.74 -12.94 -5.52
CA SER A 63 4.68 -12.12 -6.72
C SER A 63 5.96 -11.30 -6.90
N ASN A 64 6.13 -10.74 -8.09
CA ASN A 64 7.33 -9.93 -8.39
C ASN A 64 6.99 -8.44 -8.42
N HIS A 65 8.00 -7.60 -8.58
CA HIS A 65 7.82 -6.15 -8.62
C HIS A 65 6.84 -5.75 -9.72
N LEU A 66 7.18 -6.08 -10.97
CA LEU A 66 6.32 -5.75 -12.11
C LEU A 66 4.90 -6.26 -11.91
N GLU A 67 4.75 -7.37 -11.20
CA GLU A 67 3.43 -7.95 -10.93
C GLU A 67 2.57 -6.99 -10.10
N VAL A 68 3.18 -6.38 -9.08
CA VAL A 68 2.48 -5.45 -8.21
C VAL A 68 2.04 -4.20 -8.98
N VAL A 69 2.98 -3.56 -9.68
CA VAL A 69 2.67 -2.37 -10.46
C VAL A 69 1.64 -2.66 -11.55
N LYS A 70 1.79 -3.79 -12.23
CA LYS A 70 0.86 -4.18 -13.28
C LYS A 70 -0.56 -4.34 -12.74
N LEU A 71 -0.66 -4.95 -11.55
CA LEU A 71 -1.97 -5.16 -10.91
C LEU A 71 -2.59 -3.84 -10.49
N ILE A 72 -1.81 -2.99 -9.82
CA ILE A 72 -2.31 -1.69 -9.36
C ILE A 72 -2.65 -0.80 -10.55
N LYS A 73 -1.78 -0.80 -11.56
CA LYS A 73 -2.01 0.02 -12.75
C LYS A 73 -3.21 -0.49 -13.55
N SER A 74 -3.48 -1.80 -13.46
CA SER A 74 -4.60 -2.39 -14.19
C SER A 74 -5.94 -2.05 -13.51
N GLY A 75 -6.30 -0.77 -13.56
CA GLY A 75 -7.54 -0.33 -12.96
C GLY A 75 -7.43 1.07 -12.36
N SER A 76 -8.54 1.80 -12.33
CA SER A 76 -8.56 3.16 -11.78
C SER A 76 -8.29 3.13 -10.27
N TYR A 77 -9.08 2.35 -9.56
CA TYR A 77 -8.93 2.22 -8.11
C TYR A 77 -8.81 0.76 -7.69
N VAL A 78 -8.20 0.52 -6.53
CA VAL A 78 -8.01 -0.84 -6.02
C VAL A 78 -8.01 -0.88 -4.49
N ALA A 79 -8.47 -2.00 -3.93
CA ALA A 79 -8.50 -2.16 -2.48
C ALA A 79 -7.32 -3.01 -2.02
N LEU A 80 -6.38 -2.38 -1.31
CA LEU A 80 -5.20 -3.07 -0.82
C LEU A 80 -5.24 -3.29 0.69
N THR A 81 -4.97 -4.52 1.12
CA THR A 81 -4.95 -4.85 2.54
C THR A 81 -3.58 -4.54 3.13
N VAL A 82 -3.54 -3.58 4.06
CA VAL A 82 -2.29 -3.19 4.70
C VAL A 82 -2.35 -3.33 6.22
N GLN A 83 -1.21 -3.07 6.87
CA GLN A 83 -1.12 -3.17 8.33
C GLN A 83 -0.31 -2.00 8.89
N GLY A 84 -0.63 -1.61 10.13
CA GLY A 84 0.07 -0.51 10.77
C GLY A 84 0.37 -0.76 12.24
N ARG A 85 1.21 0.09 12.81
CA ARG A 85 1.60 -0.03 14.22
C ARG A 85 2.27 1.24 14.72
N PRO A 86 1.81 1.80 15.86
CA PRO A 86 2.37 3.02 16.44
C PRO A 86 3.89 2.95 16.61
N PRO A 87 4.65 3.72 15.81
CA PRO A 87 6.11 3.74 15.86
C PRO A 87 6.65 4.39 17.13
N GLY A 88 7.95 4.26 17.35
CA GLY A 88 8.58 4.84 18.53
C GLY A 88 8.29 4.04 19.79
N SER A 89 7.99 2.75 19.62
CA SER A 89 7.68 1.88 20.76
C SER A 89 6.35 2.29 21.42
N VAL B 1 19.10 -2.81 -7.79
CA VAL B 1 19.73 -4.12 -7.46
C VAL B 1 19.19 -4.69 -6.14
N GLU B 2 18.95 -3.80 -5.17
CA GLU B 2 18.43 -4.21 -3.86
C GLU B 2 16.99 -4.72 -3.96
N ASN B 3 16.30 -4.77 -2.82
CA ASN B 3 14.91 -5.25 -2.78
C ASN B 3 14.02 -4.48 -3.77
N LYS B 4 12.87 -5.07 -4.09
CA LYS B 4 11.93 -4.46 -5.05
C LYS B 4 11.36 -3.15 -4.50
N VAL B 5 11.38 -2.11 -5.34
CA VAL B 5 10.86 -0.80 -4.95
C VAL B 5 10.08 -0.17 -6.10
N THR B 6 8.94 0.45 -5.76
CA THR B 6 8.09 1.10 -6.76
C THR B 6 7.66 2.48 -6.29
N ASP B 7 7.53 3.42 -7.23
CA ASP B 7 7.11 4.79 -6.92
C ASP B 7 6.04 5.24 -7.90
N LEU B 8 4.93 5.75 -7.38
CA LEU B 8 3.82 6.23 -8.21
C LEU B 8 3.43 7.65 -7.83
N GLY A 1 -9.50 -13.69 28.03
CA GLY A 1 -10.13 -12.37 27.76
C GLY A 1 -9.68 -11.75 26.45
N SER A 2 -8.97 -10.62 26.54
CA SER A 2 -8.48 -9.93 25.35
C SER A 2 -7.14 -10.52 24.88
N HIS A 3 -6.75 -10.17 23.65
CA HIS A 3 -5.50 -10.67 23.07
C HIS A 3 -4.86 -9.62 22.16
N MET A 4 -3.53 -9.72 21.98
CA MET A 4 -2.80 -8.79 21.13
C MET A 4 -2.34 -9.46 19.83
N GLY A 5 -2.05 -8.63 18.82
CA GLY A 5 -1.60 -9.15 17.54
C GLY A 5 -1.66 -8.12 16.43
N LEU A 6 -1.19 -6.90 16.72
CA LEU A 6 -1.19 -5.81 15.75
C LEU A 6 -2.60 -5.49 15.24
N VAL A 7 -2.70 -4.51 14.35
CA VAL A 7 -3.99 -4.10 13.80
C VAL A 7 -3.95 -4.07 12.27
N GLN A 8 -4.78 -4.90 11.64
CA GLN A 8 -4.85 -4.98 10.17
C GLN A 8 -6.04 -4.17 9.64
N ARG A 9 -5.80 -3.42 8.56
CA ARG A 9 -6.85 -2.59 7.96
C ARG A 9 -6.72 -2.55 6.43
N CYS A 10 -7.86 -2.47 5.74
CA CYS A 10 -7.89 -2.42 4.28
C CYS A 10 -8.18 -1.00 3.79
N VAL A 11 -7.28 -0.44 2.99
CA VAL A 11 -7.46 0.91 2.45
C VAL A 11 -7.73 0.87 0.95
N ILE A 12 -8.79 1.57 0.51
CA ILE A 12 -9.15 1.61 -0.90
C ILE A 12 -8.61 2.86 -1.58
N ILE A 13 -7.78 2.65 -2.60
CA ILE A 13 -7.18 3.76 -3.36
C ILE A 13 -7.98 4.05 -4.63
N GLN A 14 -8.28 5.33 -4.85
CA GLN A 14 -9.04 5.75 -6.03
C GLN A 14 -8.19 6.70 -6.90
N LYS A 15 -7.77 6.21 -8.08
CA LYS A 15 -6.96 7.01 -9.00
C LYS A 15 -7.72 8.26 -9.46
N ASP A 16 -7.01 9.38 -9.52
CA ASP A 16 -7.60 10.65 -9.95
C ASP A 16 -6.68 11.38 -10.94
N ASP A 17 -6.96 12.66 -11.19
CA ASP A 17 -6.15 13.47 -12.11
C ASP A 17 -4.69 13.49 -11.66
N ASN A 18 -4.47 13.48 -10.35
CA ASN A 18 -3.12 13.51 -9.79
C ASN A 18 -2.51 12.09 -9.75
N GLY A 19 -3.35 11.06 -9.94
CA GLY A 19 -2.86 9.69 -9.93
C GLY A 19 -2.90 9.08 -8.53
N PHE A 20 -2.09 8.04 -8.32
CA PHE A 20 -2.02 7.37 -7.03
C PHE A 20 -1.18 8.18 -6.04
N GLY A 21 0.02 8.57 -6.48
CA GLY A 21 0.90 9.35 -5.62
C GLY A 21 1.23 8.64 -4.32
N LEU A 22 1.91 7.50 -4.42
CA LEU A 22 2.26 6.71 -3.24
C LEU A 22 3.60 6.00 -3.41
N THR A 23 4.43 6.04 -2.38
CA THR A 23 5.73 5.38 -2.40
C THR A 23 5.70 4.12 -1.55
N VAL A 24 6.16 3.00 -2.11
CA VAL A 24 6.15 1.72 -1.41
C VAL A 24 7.41 0.90 -1.68
N SER A 25 7.83 0.12 -0.68
CA SER A 25 9.02 -0.74 -0.80
C SER A 25 8.77 -2.11 -0.17
N GLY A 26 9.59 -3.09 -0.55
CA GLY A 26 9.45 -4.45 -0.03
C GLY A 26 8.64 -5.36 -0.93
N ASP A 27 8.52 -6.63 -0.55
CA ASP A 27 7.77 -7.60 -1.35
C ASP A 27 6.75 -8.36 -0.48
N ASN A 28 7.18 -9.43 0.18
CA ASN A 28 6.26 -10.20 1.04
C ASN A 28 5.54 -9.23 1.97
N PRO A 29 6.30 -8.48 2.79
CA PRO A 29 5.77 -7.49 3.70
C PRO A 29 5.87 -6.09 3.09
N VAL A 30 5.05 -5.84 2.05
CA VAL A 30 5.08 -4.54 1.38
C VAL A 30 4.88 -3.41 2.40
N PHE A 31 5.76 -2.42 2.37
CA PHE A 31 5.64 -1.31 3.31
C PHE A 31 5.55 0.04 2.59
N VAL A 32 4.50 0.79 2.89
CA VAL A 32 4.27 2.10 2.30
C VAL A 32 5.21 3.13 2.93
N GLN A 33 6.05 3.74 2.10
CA GLN A 33 7.01 4.74 2.57
C GLN A 33 6.36 6.12 2.71
N SER A 34 5.94 6.70 1.60
CA SER A 34 5.31 8.04 1.62
C SER A 34 3.97 8.04 0.88
N VAL A 35 3.12 8.99 1.24
CA VAL A 35 1.80 9.11 0.63
C VAL A 35 1.51 10.57 0.23
N LYS A 36 0.96 10.77 -0.97
CA LYS A 36 0.64 12.10 -1.46
C LYS A 36 -0.39 12.79 -0.58
N GLU A 37 0.02 13.88 0.07
CA GLU A 37 -0.85 14.64 0.96
C GLU A 37 -2.05 15.22 0.20
N ASP A 38 -1.85 15.55 -1.08
CA ASP A 38 -2.92 16.11 -1.90
C ASP A 38 -3.27 15.15 -3.04
N GLY A 39 -3.47 13.87 -2.69
CA GLY A 39 -3.81 12.87 -3.69
C GLY A 39 -4.60 11.72 -3.10
N ALA A 40 -4.84 10.69 -3.92
CA ALA A 40 -5.59 9.51 -3.49
C ALA A 40 -4.98 8.90 -2.23
N ALA A 41 -3.65 8.96 -2.11
CA ALA A 41 -2.96 8.42 -0.94
C ALA A 41 -3.52 9.00 0.36
N MET A 42 -3.57 10.33 0.43
CA MET A 42 -4.10 11.02 1.60
C MET A 42 -5.63 10.99 1.62
N ARG A 43 -6.24 11.16 0.44
CA ARG A 43 -7.71 11.13 0.34
C ARG A 43 -8.29 9.80 0.81
N ALA A 44 -7.55 8.71 0.55
CA ALA A 44 -8.00 7.37 0.97
C ALA A 44 -7.80 7.15 2.47
N GLY A 45 -7.02 8.01 3.12
CA GLY A 45 -6.77 7.87 4.55
C GLY A 45 -5.52 7.07 4.86
N VAL A 46 -4.56 7.08 3.93
CA VAL A 46 -3.30 6.36 4.12
C VAL A 46 -2.23 7.26 4.70
N GLN A 47 -1.47 6.74 5.66
CA GLN A 47 -0.41 7.51 6.31
C GLN A 47 0.96 7.09 5.79
N THR A 48 1.99 7.83 6.23
CA THR A 48 3.37 7.53 5.83
C THR A 48 3.99 6.50 6.75
N GLY A 49 4.04 5.25 6.28
CA GLY A 49 4.61 4.17 7.09
C GLY A 49 3.62 3.05 7.35
N ASP A 50 2.91 2.62 6.30
CA ASP A 50 1.93 1.54 6.41
C ASP A 50 2.55 0.21 5.96
N ARG A 51 1.95 -0.90 6.38
CA ARG A 51 2.46 -2.22 6.00
C ARG A 51 1.45 -3.00 5.16
N ILE A 52 1.45 -2.77 3.86
CA ILE A 52 0.52 -3.45 2.96
C ILE A 52 0.94 -4.91 2.72
N ILE A 53 -0.03 -5.81 2.87
CA ILE A 53 0.22 -7.24 2.69
C ILE A 53 -0.56 -7.81 1.51
N LYS A 54 -1.79 -7.33 1.31
CA LYS A 54 -2.63 -7.82 0.21
C LYS A 54 -3.26 -6.67 -0.58
N VAL A 55 -3.83 -7.00 -1.73
CA VAL A 55 -4.49 -6.01 -2.59
C VAL A 55 -5.72 -6.60 -3.27
N ASN A 56 -6.90 -6.11 -2.88
CA ASN A 56 -8.16 -6.58 -3.44
C ASN A 56 -8.34 -8.08 -3.20
N GLY A 57 -7.88 -8.56 -2.04
CA GLY A 57 -7.97 -9.96 -1.71
C GLY A 57 -6.75 -10.75 -2.12
N THR A 58 -6.26 -10.50 -3.34
CA THR A 58 -5.08 -11.20 -3.85
C THR A 58 -3.81 -10.71 -3.15
N LEU A 59 -3.08 -11.64 -2.55
CA LEU A 59 -1.85 -11.31 -1.83
C LEU A 59 -0.68 -11.17 -2.80
N VAL A 60 0.25 -10.27 -2.48
CA VAL A 60 1.42 -10.03 -3.31
C VAL A 60 2.70 -10.51 -2.63
N THR A 61 2.65 -11.72 -2.06
CA THR A 61 3.82 -12.28 -1.37
C THR A 61 4.58 -13.27 -2.26
N HIS A 62 4.41 -13.14 -3.59
CA HIS A 62 5.08 -14.02 -4.55
C HIS A 62 4.88 -13.52 -5.98
N SER A 63 5.19 -12.24 -6.21
CA SER A 63 5.03 -11.63 -7.54
C SER A 63 6.26 -10.80 -7.92
N ASN A 64 6.29 -10.34 -9.17
CA ASN A 64 7.40 -9.53 -9.66
C ASN A 64 7.20 -8.05 -9.36
N HIS A 65 8.24 -7.26 -9.57
CA HIS A 65 8.18 -5.82 -9.31
C HIS A 65 7.31 -5.11 -10.34
N LEU A 66 7.74 -5.11 -11.61
CA LEU A 66 6.97 -4.47 -12.68
C LEU A 66 5.60 -5.12 -12.84
N GLU A 67 5.48 -6.39 -12.43
CA GLU A 67 4.21 -7.11 -12.53
C GLU A 67 3.18 -6.57 -11.56
N VAL A 68 3.54 -6.48 -10.27
CA VAL A 68 2.63 -5.99 -9.25
C VAL A 68 2.19 -4.55 -9.55
N VAL A 69 3.11 -3.69 -9.95
CA VAL A 69 2.80 -2.30 -10.27
C VAL A 69 1.90 -2.21 -11.51
N LYS A 70 2.22 -3.00 -12.54
CA LYS A 70 1.44 -3.00 -13.77
C LYS A 70 0.00 -3.47 -13.50
N LEU A 71 -0.13 -4.49 -12.64
CA LEU A 71 -1.45 -5.03 -12.30
C LEU A 71 -2.26 -4.02 -11.50
N ILE A 72 -1.65 -3.41 -10.49
CA ILE A 72 -2.34 -2.42 -9.67
C ILE A 72 -2.64 -1.16 -10.50
N LYS A 73 -1.72 -0.80 -11.39
CA LYS A 73 -1.89 0.36 -12.25
C LYS A 73 -3.02 0.17 -13.27
N SER A 74 -3.28 -1.08 -13.67
CA SER A 74 -4.32 -1.38 -14.65
C SER A 74 -5.71 -1.35 -14.00
N GLY A 75 -6.12 -0.15 -13.57
CA GLY A 75 -7.41 0.01 -12.93
C GLY A 75 -7.54 1.37 -12.26
N SER A 76 -8.78 1.87 -12.17
CA SER A 76 -9.02 3.17 -11.55
C SER A 76 -8.75 3.12 -10.05
N TYR A 77 -9.58 2.37 -9.32
CA TYR A 77 -9.43 2.23 -7.88
C TYR A 77 -9.20 0.78 -7.48
N VAL A 78 -8.61 0.57 -6.30
CA VAL A 78 -8.34 -0.78 -5.82
C VAL A 78 -8.20 -0.81 -4.29
N ALA A 79 -8.59 -1.94 -3.70
CA ALA A 79 -8.51 -2.11 -2.25
C ALA A 79 -7.15 -2.71 -1.87
N LEU A 80 -6.60 -2.25 -0.75
CA LEU A 80 -5.29 -2.74 -0.29
C LEU A 80 -5.33 -3.14 1.17
N THR A 81 -5.10 -4.43 1.43
CA THR A 81 -5.06 -4.96 2.79
C THR A 81 -3.70 -4.68 3.42
N VAL A 82 -3.67 -3.73 4.36
CA VAL A 82 -2.42 -3.34 5.01
C VAL A 82 -2.51 -3.49 6.54
N GLN A 83 -1.38 -3.23 7.21
CA GLN A 83 -1.30 -3.32 8.66
C GLN A 83 -0.49 -2.15 9.21
N GLY A 84 -0.77 -1.79 10.46
CA GLY A 84 -0.06 -0.68 11.09
C GLY A 84 -0.26 -0.64 12.59
N ARG A 85 0.12 0.48 13.21
CA ARG A 85 -0.01 0.66 14.66
C ARG A 85 -1.23 1.53 14.98
N PRO A 86 -1.82 1.33 16.18
CA PRO A 86 -3.00 2.11 16.61
C PRO A 86 -2.65 3.59 16.86
N PRO A 87 -3.17 4.50 16.01
CA PRO A 87 -2.91 5.93 16.15
C PRO A 87 -3.64 6.56 17.34
N GLY A 88 -2.92 6.70 18.46
CA GLY A 88 -3.51 7.28 19.65
C GLY A 88 -4.32 6.26 20.45
N SER A 89 -5.42 5.81 19.87
CA SER A 89 -6.29 4.83 20.53
C SER A 89 -7.05 3.99 19.49
N VAL B 1 20.98 -2.08 -9.53
CA VAL B 1 20.87 -1.73 -8.09
C VAL B 1 20.29 -2.88 -7.26
N GLU B 2 19.41 -3.68 -7.89
CA GLU B 2 18.76 -4.81 -7.21
C GLU B 2 17.90 -4.33 -6.04
N ASN B 3 16.65 -3.99 -6.35
CA ASN B 3 15.71 -3.50 -5.33
C ASN B 3 14.28 -3.91 -5.66
N LYS B 4 13.33 -3.49 -4.81
CA LYS B 4 11.92 -3.81 -5.01
C LYS B 4 11.02 -2.66 -4.52
N VAL B 5 11.35 -1.44 -4.96
CA VAL B 5 10.58 -0.24 -4.58
C VAL B 5 9.70 0.20 -5.74
N THR B 6 8.45 0.56 -5.44
CA THR B 6 7.51 1.01 -6.45
C THR B 6 6.81 2.30 -6.02
N ASP B 7 7.06 3.38 -6.78
CA ASP B 7 6.47 4.69 -6.48
C ASP B 7 5.56 5.14 -7.62
N LEU B 8 4.36 5.61 -7.28
CA LEU B 8 3.39 6.09 -8.26
C LEU B 8 3.21 7.59 -8.18
N GLY A 1 -3.05 -15.91 20.78
CA GLY A 1 -4.09 -14.85 20.99
C GLY A 1 -4.55 -14.22 19.68
N SER A 2 -5.12 -13.02 19.76
CA SER A 2 -5.61 -12.33 18.57
C SER A 2 -5.07 -10.89 18.49
N HIS A 3 -3.88 -10.68 19.04
CA HIS A 3 -3.26 -9.36 19.03
C HIS A 3 -1.82 -9.42 19.57
N MET A 4 -0.87 -8.96 18.76
CA MET A 4 0.54 -8.96 19.17
C MET A 4 1.17 -7.59 18.92
N GLY A 5 0.41 -6.53 19.22
CA GLY A 5 0.90 -5.18 19.03
C GLY A 5 0.86 -4.72 17.57
N LEU A 6 -0.07 -5.28 16.80
CA LEU A 6 -0.22 -4.94 15.38
C LEU A 6 -1.66 -5.17 14.91
N VAL A 7 -2.17 -4.28 14.07
CA VAL A 7 -3.53 -4.40 13.55
C VAL A 7 -3.55 -4.27 12.03
N GLN A 8 -4.45 -5.03 11.39
CA GLN A 8 -4.59 -5.00 9.93
C GLN A 8 -5.75 -4.10 9.50
N ARG A 9 -5.58 -3.42 8.38
CA ARG A 9 -6.59 -2.51 7.85
C ARG A 9 -6.53 -2.44 6.32
N CYS A 10 -7.70 -2.44 5.68
CA CYS A 10 -7.78 -2.37 4.21
C CYS A 10 -8.15 -0.96 3.76
N VAL A 11 -7.44 -0.46 2.74
CA VAL A 11 -7.69 0.88 2.22
C VAL A 11 -7.93 0.84 0.70
N ILE A 12 -8.98 1.53 0.26
CA ILE A 12 -9.33 1.57 -1.16
C ILE A 12 -8.86 2.89 -1.80
N ILE A 13 -7.87 2.80 -2.69
CA ILE A 13 -7.34 3.98 -3.36
C ILE A 13 -7.94 4.13 -4.76
N GLN A 14 -8.40 5.34 -5.08
CA GLN A 14 -9.01 5.62 -6.39
C GLN A 14 -8.15 6.61 -7.18
N LYS A 15 -7.76 6.23 -8.39
CA LYS A 15 -6.93 7.08 -9.25
C LYS A 15 -7.63 8.41 -9.57
N ASP A 16 -6.91 9.51 -9.38
CA ASP A 16 -7.45 10.83 -9.64
C ASP A 16 -6.64 11.56 -10.72
N ASP A 17 -6.93 12.84 -10.94
CA ASP A 17 -6.21 13.63 -11.94
C ASP A 17 -4.72 13.68 -11.64
N ASN A 18 -4.38 13.73 -10.35
CA ASN A 18 -2.99 13.77 -9.91
C ASN A 18 -2.42 12.37 -9.71
N GLY A 19 -3.29 11.36 -9.76
CA GLY A 19 -2.84 9.98 -9.58
C GLY A 19 -2.82 9.56 -8.12
N PHE A 20 -2.27 8.38 -7.85
CA PHE A 20 -2.18 7.87 -6.48
C PHE A 20 -1.17 8.68 -5.66
N GLY A 21 0.05 8.82 -6.20
CA GLY A 21 1.09 9.56 -5.52
C GLY A 21 1.54 8.91 -4.22
N LEU A 22 2.22 7.77 -4.33
CA LEU A 22 2.69 7.05 -3.16
C LEU A 22 3.99 6.28 -3.44
N THR A 23 4.89 6.27 -2.46
CA THR A 23 6.16 5.57 -2.58
C THR A 23 6.14 4.29 -1.74
N VAL A 24 6.36 3.15 -2.39
CA VAL A 24 6.35 1.86 -1.70
C VAL A 24 7.67 1.11 -1.90
N SER A 25 7.97 0.21 -0.96
CA SER A 25 9.21 -0.58 -1.02
C SER A 25 8.96 -2.02 -0.55
N GLY A 26 9.86 -2.93 -0.92
CA GLY A 26 9.73 -4.33 -0.52
C GLY A 26 8.88 -5.13 -1.51
N ASP A 27 8.66 -6.41 -1.20
CA ASP A 27 7.87 -7.27 -2.08
C ASP A 27 6.84 -8.07 -1.29
N ASN A 28 7.26 -9.17 -0.63
CA ASN A 28 6.32 -9.98 0.15
C ASN A 28 5.60 -9.06 1.13
N PRO A 29 6.32 -8.45 2.08
CA PRO A 29 5.76 -7.51 3.04
C PRO A 29 5.87 -6.08 2.50
N VAL A 30 5.04 -5.77 1.51
CA VAL A 30 5.07 -4.45 0.88
C VAL A 30 4.95 -3.34 1.94
N PHE A 31 5.90 -2.42 1.95
CA PHE A 31 5.91 -1.33 2.93
C PHE A 31 5.82 0.03 2.24
N VAL A 32 4.81 0.81 2.61
CA VAL A 32 4.61 2.14 2.05
C VAL A 32 5.47 3.17 2.80
N GLN A 33 6.38 3.81 2.09
CA GLN A 33 7.27 4.81 2.68
C GLN A 33 6.54 6.13 2.90
N SER A 34 6.14 6.79 1.82
CA SER A 34 5.43 8.07 1.91
C SER A 34 4.27 8.14 0.91
N VAL A 35 3.23 8.91 1.27
CA VAL A 35 2.05 9.06 0.43
C VAL A 35 1.62 10.52 0.33
N LYS A 36 0.96 10.87 -0.77
CA LYS A 36 0.48 12.24 -0.99
C LYS A 36 -0.53 12.66 0.07
N GLU A 37 -0.32 13.85 0.65
CA GLU A 37 -1.21 14.38 1.68
C GLU A 37 -2.48 14.97 1.07
N ASP A 38 -2.36 15.50 -0.15
CA ASP A 38 -3.51 16.09 -0.85
C ASP A 38 -3.78 15.34 -2.16
N GLY A 39 -3.90 14.02 -2.05
CA GLY A 39 -4.15 13.20 -3.22
C GLY A 39 -4.97 11.96 -2.90
N ALA A 40 -5.12 11.08 -3.89
CA ALA A 40 -5.88 9.84 -3.72
C ALA A 40 -5.40 9.06 -2.50
N ALA A 41 -4.08 9.05 -2.27
CA ALA A 41 -3.50 8.34 -1.13
C ALA A 41 -4.15 8.79 0.18
N MET A 42 -4.09 10.10 0.45
CA MET A 42 -4.70 10.64 1.67
C MET A 42 -6.21 10.58 1.61
N ARG A 43 -6.78 10.87 0.42
CA ARG A 43 -8.24 10.83 0.25
C ARG A 43 -8.78 9.44 0.57
N ALA A 44 -8.01 8.41 0.25
CA ALA A 44 -8.42 7.02 0.50
C ALA A 44 -8.21 6.62 1.97
N GLY A 45 -7.44 7.41 2.71
CA GLY A 45 -7.19 7.10 4.11
C GLY A 45 -5.84 6.42 4.33
N VAL A 46 -4.88 6.70 3.46
CA VAL A 46 -3.55 6.11 3.55
C VAL A 46 -2.60 7.03 4.31
N GLN A 47 -1.66 6.43 5.05
CA GLN A 47 -0.69 7.21 5.82
C GLN A 47 0.74 6.88 5.39
N THR A 48 1.69 7.70 5.84
CA THR A 48 3.10 7.51 5.51
C THR A 48 3.76 6.52 6.48
N GLY A 49 4.00 5.31 6.00
CA GLY A 49 4.62 4.29 6.82
C GLY A 49 3.68 3.12 7.14
N ASP A 50 3.06 2.57 6.10
CA ASP A 50 2.13 1.45 6.27
C ASP A 50 2.74 0.16 5.74
N ARG A 51 2.14 -0.98 6.12
CA ARG A 51 2.64 -2.29 5.67
C ARG A 51 1.58 -3.03 4.85
N ILE A 52 1.53 -2.73 3.55
CA ILE A 52 0.57 -3.39 2.66
C ILE A 52 0.93 -4.86 2.44
N ILE A 53 -0.02 -5.75 2.72
CA ILE A 53 0.19 -7.18 2.58
C ILE A 53 -0.62 -7.75 1.41
N LYS A 54 -1.76 -7.13 1.09
CA LYS A 54 -2.61 -7.61 0.00
C LYS A 54 -3.10 -6.46 -0.89
N VAL A 55 -3.40 -6.78 -2.15
CA VAL A 55 -3.89 -5.79 -3.10
C VAL A 55 -5.02 -6.37 -3.95
N ASN A 56 -6.25 -5.91 -3.71
CA ASN A 56 -7.43 -6.38 -4.44
C ASN A 56 -7.64 -7.88 -4.26
N GLY A 57 -7.58 -8.33 -3.00
CA GLY A 57 -7.76 -9.75 -2.71
C GLY A 57 -6.68 -10.62 -3.34
N THR A 58 -5.55 -10.00 -3.71
CA THR A 58 -4.44 -10.73 -4.33
C THR A 58 -3.22 -10.70 -3.41
N LEU A 59 -2.91 -11.86 -2.81
CA LEU A 59 -1.76 -11.96 -1.90
C LEU A 59 -0.46 -11.70 -2.64
N VAL A 60 0.36 -10.80 -2.08
CA VAL A 60 1.65 -10.46 -2.68
C VAL A 60 2.77 -11.31 -2.06
N THR A 61 2.44 -12.52 -1.62
CA THR A 61 3.41 -13.43 -1.02
C THR A 61 4.18 -14.19 -2.11
N HIS A 62 3.47 -14.59 -3.16
CA HIS A 62 4.09 -15.32 -4.27
C HIS A 62 4.01 -14.51 -5.57
N SER A 63 4.07 -13.17 -5.44
CA SER A 63 4.00 -12.28 -6.60
C SER A 63 5.26 -11.43 -6.70
N ASN A 64 5.54 -10.94 -7.91
CA ASN A 64 6.72 -10.11 -8.14
C ASN A 64 6.45 -8.64 -7.83
N HIS A 65 7.52 -7.85 -7.77
CA HIS A 65 7.39 -6.42 -7.49
C HIS A 65 6.69 -5.69 -8.63
N LEU A 66 7.35 -5.65 -9.80
CA LEU A 66 6.78 -4.97 -10.97
C LEU A 66 5.38 -5.51 -11.30
N GLU A 67 5.13 -6.78 -10.96
CA GLU A 67 3.84 -7.41 -11.22
C GLU A 67 2.71 -6.69 -10.48
N VAL A 68 2.86 -6.53 -9.16
CA VAL A 68 1.85 -5.86 -8.35
C VAL A 68 1.64 -4.42 -8.82
N VAL A 69 2.72 -3.77 -9.26
CA VAL A 69 2.65 -2.40 -9.75
C VAL A 69 1.76 -2.33 -10.99
N LYS A 70 2.04 -3.20 -11.97
CA LYS A 70 1.28 -3.25 -13.21
C LYS A 70 -0.20 -3.52 -12.93
N LEU A 71 -0.47 -4.39 -11.96
CA LEU A 71 -1.85 -4.74 -11.59
C LEU A 71 -2.57 -3.52 -11.02
N ILE A 72 -1.92 -2.83 -10.08
CA ILE A 72 -2.50 -1.65 -9.45
C ILE A 72 -2.64 -0.52 -10.49
N LYS A 73 -1.62 -0.35 -11.33
CA LYS A 73 -1.63 0.68 -12.36
C LYS A 73 -2.72 0.40 -13.40
N SER A 74 -2.99 -0.88 -13.64
CA SER A 74 -4.01 -1.28 -14.62
C SER A 74 -5.40 -1.24 -14.00
N GLY A 75 -5.85 -0.04 -13.63
CA GLY A 75 -7.17 0.11 -13.03
C GLY A 75 -7.35 1.47 -12.39
N SER A 76 -8.60 1.87 -12.20
CA SER A 76 -8.91 3.17 -11.59
C SER A 76 -8.71 3.14 -10.09
N TYR A 77 -9.54 2.37 -9.38
CA TYR A 77 -9.43 2.27 -7.93
C TYR A 77 -9.24 0.81 -7.50
N VAL A 78 -8.58 0.63 -6.35
CA VAL A 78 -8.32 -0.71 -5.83
C VAL A 78 -8.30 -0.73 -4.30
N ALA A 79 -8.71 -1.87 -3.73
CA ALA A 79 -8.72 -2.05 -2.27
C ALA A 79 -7.51 -2.86 -1.83
N LEU A 80 -6.59 -2.21 -1.12
CA LEU A 80 -5.37 -2.86 -0.65
C LEU A 80 -5.41 -3.13 0.85
N THR A 81 -5.09 -4.37 1.22
CA THR A 81 -5.06 -4.77 2.64
C THR A 81 -3.67 -4.51 3.22
N VAL A 82 -3.59 -3.59 4.17
CA VAL A 82 -2.32 -3.24 4.80
C VAL A 82 -2.36 -3.42 6.32
N GLN A 83 -1.21 -3.22 6.97
CA GLN A 83 -1.09 -3.36 8.42
C GLN A 83 -0.24 -2.22 9.00
N GLY A 84 -0.52 -1.84 10.24
CA GLY A 84 0.23 -0.77 10.88
C GLY A 84 -0.20 -0.53 12.32
N ARG A 85 -0.07 0.71 12.76
CA ARG A 85 -0.45 1.09 14.13
C ARG A 85 -1.14 2.46 14.14
N PRO A 86 -2.44 2.49 13.80
CA PRO A 86 -3.21 3.74 13.78
C PRO A 86 -3.48 4.29 15.19
N PRO A 87 -3.64 5.62 15.31
CA PRO A 87 -3.89 6.26 16.61
C PRO A 87 -5.28 5.93 17.16
N GLY A 88 -5.39 5.91 18.50
CA GLY A 88 -6.65 5.61 19.14
C GLY A 88 -6.96 4.12 19.18
N SER A 89 -5.91 3.30 19.32
CA SER A 89 -6.07 1.85 19.39
C SER A 89 -4.82 1.17 19.96
N VAL B 1 15.70 -3.10 -13.48
CA VAL B 1 16.33 -2.34 -12.36
C VAL B 1 16.45 -3.20 -11.11
N GLU B 2 17.55 -3.06 -10.39
CA GLU B 2 17.78 -3.82 -9.17
C GLU B 2 16.91 -3.32 -8.03
N ASN B 3 16.86 -4.09 -6.94
CA ASN B 3 16.06 -3.73 -5.76
C ASN B 3 14.56 -3.79 -6.09
N LYS B 4 13.73 -3.69 -5.05
CA LYS B 4 12.28 -3.73 -5.21
C LYS B 4 11.64 -2.44 -4.69
N VAL B 5 11.92 -1.33 -5.38
CA VAL B 5 11.37 -0.04 -4.98
C VAL B 5 10.21 0.36 -5.91
N THR B 6 9.15 0.89 -5.31
CA THR B 6 7.97 1.30 -6.07
C THR B 6 7.74 2.81 -5.95
N ASP B 7 7.26 3.41 -7.03
CA ASP B 7 6.99 4.85 -7.04
C ASP B 7 5.77 5.18 -7.91
N LEU B 8 4.78 5.82 -7.31
CA LEU B 8 3.55 6.19 -8.02
C LEU B 8 3.20 7.66 -7.77
N GLY A 1 -2.37 -8.50 27.49
CA GLY A 1 -2.05 -7.20 28.11
C GLY A 1 -1.44 -6.22 27.12
N SER A 2 -0.22 -6.51 26.67
CA SER A 2 0.47 -5.64 25.72
C SER A 2 1.36 -6.47 24.78
N HIS A 3 0.83 -7.61 24.32
CA HIS A 3 1.58 -8.48 23.42
C HIS A 3 1.46 -8.01 21.97
N MET A 4 2.26 -8.60 21.08
CA MET A 4 2.26 -8.23 19.67
C MET A 4 0.99 -8.73 18.97
N GLY A 5 0.07 -7.82 18.71
CA GLY A 5 -1.17 -8.18 18.04
C GLY A 5 -1.26 -7.63 16.63
N LEU A 6 -0.80 -6.39 16.43
CA LEU A 6 -0.83 -5.73 15.13
C LEU A 6 -2.27 -5.46 14.69
N VAL A 7 -2.45 -4.49 13.79
CA VAL A 7 -3.77 -4.13 13.28
C VAL A 7 -3.81 -4.12 11.76
N GLN A 8 -4.70 -4.92 11.19
CA GLN A 8 -4.84 -5.00 9.74
C GLN A 8 -6.03 -4.15 9.26
N ARG A 9 -5.85 -3.47 8.14
CA ARG A 9 -6.88 -2.62 7.57
C ARG A 9 -6.80 -2.57 6.04
N CYS A 10 -7.94 -2.56 5.38
CA CYS A 10 -7.99 -2.51 3.92
C CYS A 10 -8.21 -1.08 3.44
N VAL A 11 -7.30 -0.60 2.58
CA VAL A 11 -7.39 0.76 2.04
C VAL A 11 -7.73 0.75 0.56
N ILE A 12 -8.75 1.52 0.18
CA ILE A 12 -9.17 1.60 -1.22
C ILE A 12 -8.76 2.94 -1.84
N ILE A 13 -7.84 2.88 -2.80
CA ILE A 13 -7.35 4.09 -3.47
C ILE A 13 -7.90 4.20 -4.90
N GLN A 14 -8.43 5.37 -5.25
CA GLN A 14 -8.98 5.61 -6.58
C GLN A 14 -8.02 6.49 -7.39
N LYS A 15 -7.62 5.98 -8.57
CA LYS A 15 -6.71 6.72 -9.45
C LYS A 15 -7.28 8.08 -9.85
N ASP A 16 -6.46 9.12 -9.71
CA ASP A 16 -6.87 10.47 -10.05
C ASP A 16 -5.90 11.12 -11.05
N ASP A 17 -6.15 12.39 -11.36
CA ASP A 17 -5.30 13.12 -12.30
C ASP A 17 -3.87 13.23 -11.78
N ASN A 18 -3.71 13.31 -10.46
CA ASN A 18 -2.40 13.40 -9.84
C ASN A 18 -1.84 12.02 -9.49
N GLY A 19 -2.47 10.96 -10.02
CA GLY A 19 -2.02 9.61 -9.73
C GLY A 19 -2.29 9.19 -8.30
N PHE A 20 -1.68 8.08 -7.88
CA PHE A 20 -1.86 7.58 -6.52
C PHE A 20 -1.05 8.41 -5.54
N GLY A 21 0.19 8.74 -5.91
CA GLY A 21 1.05 9.54 -5.06
C GLY A 21 1.41 8.80 -3.78
N LEU A 22 2.18 7.72 -3.92
CA LEU A 22 2.59 6.92 -2.79
C LEU A 22 3.94 6.26 -3.02
N THR A 23 4.80 6.28 -2.01
CA THR A 23 6.13 5.67 -2.09
C THR A 23 6.12 4.38 -1.29
N VAL A 24 6.43 3.26 -1.95
CA VAL A 24 6.44 1.96 -1.30
C VAL A 24 7.71 1.17 -1.57
N SER A 25 8.15 0.41 -0.56
CA SER A 25 9.35 -0.42 -0.66
C SER A 25 9.11 -1.78 -0.01
N GLY A 26 9.97 -2.76 -0.35
CA GLY A 26 9.84 -4.09 0.19
C GLY A 26 8.98 -5.00 -0.68
N ASP A 27 8.92 -6.29 -0.35
CA ASP A 27 8.13 -7.24 -1.13
C ASP A 27 7.12 -7.99 -0.27
N ASN A 28 7.54 -9.06 0.41
CA ASN A 28 6.63 -9.82 1.26
C ASN A 28 5.88 -8.86 2.19
N PRO A 29 6.62 -8.15 3.07
CA PRO A 29 6.04 -7.16 3.96
C PRO A 29 6.14 -5.77 3.34
N VAL A 30 5.33 -5.53 2.31
CA VAL A 30 5.35 -4.24 1.62
C VAL A 30 5.17 -3.09 2.62
N PHE A 31 6.07 -2.11 2.58
CA PHE A 31 6.00 -0.99 3.49
C PHE A 31 5.89 0.35 2.76
N VAL A 32 4.86 1.11 3.09
CA VAL A 32 4.63 2.41 2.48
C VAL A 32 5.41 3.48 3.24
N GLN A 33 6.16 4.30 2.51
CA GLN A 33 6.96 5.35 3.11
C GLN A 33 6.23 6.70 3.10
N SER A 34 6.17 7.34 1.93
CA SER A 34 5.51 8.64 1.81
C SER A 34 4.16 8.51 1.08
N VAL A 35 3.22 9.39 1.45
CA VAL A 35 1.89 9.40 0.85
C VAL A 35 1.47 10.81 0.42
N LYS A 36 0.64 10.88 -0.61
CA LYS A 36 0.15 12.16 -1.13
C LYS A 36 -0.55 12.97 -0.04
N GLU A 37 -0.12 14.22 0.14
CA GLU A 37 -0.69 15.10 1.15
C GLU A 37 -2.11 15.53 0.77
N ASP A 38 -2.36 15.69 -0.53
CA ASP A 38 -3.68 16.10 -1.02
C ASP A 38 -4.06 15.34 -2.30
N GLY A 39 -4.14 14.02 -2.18
CA GLY A 39 -4.49 13.19 -3.33
C GLY A 39 -5.20 11.90 -2.92
N ALA A 40 -5.29 10.97 -3.87
CA ALA A 40 -5.93 9.68 -3.61
C ALA A 40 -5.37 9.01 -2.36
N ALA A 41 -4.08 9.22 -2.09
CA ALA A 41 -3.43 8.63 -0.92
C ALA A 41 -4.13 9.07 0.37
N MET A 42 -4.09 10.36 0.65
CA MET A 42 -4.73 10.90 1.85
C MET A 42 -6.25 10.77 1.77
N ARG A 43 -6.81 10.91 0.57
CA ARG A 43 -8.25 10.80 0.36
C ARG A 43 -8.74 9.39 0.70
N ALA A 44 -7.93 8.38 0.35
CA ALA A 44 -8.28 6.99 0.62
C ALA A 44 -8.04 6.62 2.09
N GLY A 45 -7.30 7.47 2.82
CA GLY A 45 -7.02 7.21 4.21
C GLY A 45 -5.70 6.49 4.42
N VAL A 46 -4.78 6.63 3.45
CA VAL A 46 -3.47 5.99 3.54
C VAL A 46 -2.44 6.94 4.12
N GLN A 47 -1.77 6.51 5.18
CA GLN A 47 -0.75 7.33 5.85
C GLN A 47 0.65 6.78 5.59
N THR A 48 1.65 7.52 6.08
CA THR A 48 3.05 7.13 5.93
C THR A 48 3.43 6.05 6.93
N GLY A 49 4.20 5.07 6.47
CA GLY A 49 4.63 3.98 7.33
C GLY A 49 3.57 2.89 7.47
N ASP A 50 2.88 2.59 6.37
CA ASP A 50 1.84 1.57 6.37
C ASP A 50 2.37 0.24 5.81
N ARG A 51 2.33 -0.81 6.62
CA ARG A 51 2.83 -2.12 6.20
C ARG A 51 1.78 -2.87 5.36
N ILE A 52 1.71 -2.53 4.06
CA ILE A 52 0.76 -3.18 3.17
C ILE A 52 1.14 -4.65 2.92
N ILE A 53 0.13 -5.53 3.00
CA ILE A 53 0.34 -6.95 2.81
C ILE A 53 -0.24 -7.44 1.47
N LYS A 54 -1.43 -6.96 1.12
CA LYS A 54 -2.07 -7.37 -0.14
C LYS A 54 -2.57 -6.17 -0.95
N VAL A 55 -2.64 -6.35 -2.26
CA VAL A 55 -3.10 -5.29 -3.16
C VAL A 55 -4.26 -5.77 -4.04
N ASN A 56 -5.44 -5.20 -3.82
CA ASN A 56 -6.65 -5.56 -4.57
C ASN A 56 -6.99 -7.04 -4.40
N GLY A 57 -7.00 -7.50 -3.14
CA GLY A 57 -7.31 -8.88 -2.86
C GLY A 57 -6.30 -9.84 -3.49
N THR A 58 -5.08 -9.36 -3.72
CA THR A 58 -4.04 -10.18 -4.32
C THR A 58 -2.78 -10.14 -3.45
N LEU A 59 -2.40 -11.29 -2.91
CA LEU A 59 -1.22 -11.40 -2.06
C LEU A 59 0.05 -11.05 -2.83
N VAL A 60 0.82 -10.09 -2.32
CA VAL A 60 2.07 -9.67 -2.97
C VAL A 60 3.27 -10.41 -2.37
N THR A 61 3.04 -11.61 -1.84
CA THR A 61 4.11 -12.40 -1.26
C THR A 61 4.48 -13.59 -2.17
N HIS A 62 4.35 -13.37 -3.49
CA HIS A 62 4.66 -14.41 -4.47
C HIS A 62 4.83 -13.81 -5.87
N SER A 63 3.93 -12.89 -6.23
CA SER A 63 3.96 -12.25 -7.56
C SER A 63 5.24 -11.42 -7.74
N ASN A 64 5.44 -10.93 -8.97
CA ASN A 64 6.62 -10.14 -9.29
C ASN A 64 6.36 -8.64 -9.13
N HIS A 65 7.42 -7.85 -9.28
CA HIS A 65 7.33 -6.39 -9.15
C HIS A 65 6.39 -5.80 -10.20
N LEU A 66 6.78 -5.91 -11.48
CA LEU A 66 5.98 -5.38 -12.59
C LEU A 66 4.53 -5.87 -12.50
N GLU A 67 4.33 -7.11 -12.03
CA GLU A 67 3.00 -7.69 -11.89
C GLU A 67 2.13 -6.83 -10.97
N VAL A 68 2.68 -6.45 -9.82
CA VAL A 68 1.95 -5.63 -8.85
C VAL A 68 1.53 -4.30 -9.47
N VAL A 69 2.49 -3.59 -10.07
CA VAL A 69 2.22 -2.31 -10.70
C VAL A 69 1.17 -2.46 -11.79
N LYS A 70 1.34 -3.47 -12.64
CA LYS A 70 0.40 -3.73 -13.73
C LYS A 70 -1.01 -3.94 -13.20
N LEU A 71 -1.13 -4.70 -12.11
CA LEU A 71 -2.43 -4.96 -11.49
C LEU A 71 -3.06 -3.68 -10.95
N ILE A 72 -2.27 -2.90 -10.21
CA ILE A 72 -2.76 -1.65 -9.64
C ILE A 72 -3.12 -0.65 -10.74
N LYS A 73 -2.26 -0.55 -11.76
CA LYS A 73 -2.50 0.36 -12.87
C LYS A 73 -3.69 -0.09 -13.73
N SER A 74 -3.94 -1.40 -13.78
CA SER A 74 -5.05 -1.94 -14.56
C SER A 74 -6.36 -1.83 -13.78
N GLY A 75 -6.81 -0.60 -13.56
CA GLY A 75 -8.05 -0.38 -12.84
C GLY A 75 -8.15 1.03 -12.26
N SER A 76 -9.37 1.54 -12.16
CA SER A 76 -9.59 2.88 -11.63
C SER A 76 -9.18 2.97 -10.16
N TYR A 77 -9.78 2.10 -9.33
CA TYR A 77 -9.46 2.08 -7.90
C TYR A 77 -8.92 0.71 -7.49
N VAL A 78 -8.31 0.65 -6.31
CA VAL A 78 -7.75 -0.60 -5.81
C VAL A 78 -7.82 -0.67 -4.29
N ALA A 79 -8.25 -1.83 -3.77
CA ALA A 79 -8.35 -2.04 -2.33
C ALA A 79 -7.19 -2.91 -1.86
N LEU A 80 -6.28 -2.31 -1.10
CA LEU A 80 -5.10 -3.03 -0.60
C LEU A 80 -5.19 -3.29 0.89
N THR A 81 -4.92 -4.54 1.28
CA THR A 81 -4.94 -4.93 2.68
C THR A 81 -3.58 -4.63 3.32
N VAL A 82 -3.58 -3.69 4.28
CA VAL A 82 -2.35 -3.30 4.96
C VAL A 82 -2.40 -3.54 6.46
N GLN A 83 -1.27 -3.33 7.12
CA GLN A 83 -1.16 -3.50 8.56
C GLN A 83 -0.26 -2.42 9.16
N GLY A 84 -0.52 -2.07 10.43
CA GLY A 84 0.28 -1.06 11.10
C GLY A 84 0.73 -1.51 12.47
N ARG A 85 0.87 -0.56 13.39
CA ARG A 85 1.30 -0.87 14.76
C ARG A 85 0.52 -0.03 15.77
N PRO A 86 -0.15 -0.69 16.74
CA PRO A 86 -0.93 0.00 17.77
C PRO A 86 -0.09 1.00 18.57
N PRO A 87 -0.74 1.89 19.36
CA PRO A 87 -0.03 2.88 20.16
C PRO A 87 0.82 2.24 21.25
N GLY A 88 2.10 2.61 21.30
CA GLY A 88 3.01 2.05 22.28
C GLY A 88 2.64 2.41 23.70
N SER A 89 3.30 3.45 24.23
CA SER A 89 3.05 3.91 25.60
C SER A 89 3.27 5.41 25.72
N VAL B 1 22.21 -8.25 -7.52
CA VAL B 1 21.55 -6.99 -7.08
C VAL B 1 20.14 -6.89 -7.63
N GLU B 2 19.14 -7.04 -6.75
CA GLU B 2 17.74 -6.96 -7.16
C GLU B 2 16.86 -6.46 -6.01
N ASN B 3 16.12 -5.37 -6.26
CA ASN B 3 15.25 -4.79 -5.25
C ASN B 3 13.81 -4.68 -5.76
N LYS B 4 12.85 -4.84 -4.85
CA LYS B 4 11.44 -4.75 -5.22
C LYS B 4 10.80 -3.51 -4.58
N VAL B 5 10.97 -2.36 -5.25
CA VAL B 5 10.42 -1.10 -4.77
C VAL B 5 9.49 -0.48 -5.82
N THR B 6 8.34 0.05 -5.36
CA THR B 6 7.37 0.66 -6.27
C THR B 6 6.83 1.97 -5.69
N ASP B 7 7.07 3.07 -6.40
CA ASP B 7 6.59 4.39 -5.96
C ASP B 7 5.75 5.04 -7.05
N LEU B 8 4.51 5.36 -6.73
CA LEU B 8 3.58 5.98 -7.67
C LEU B 8 3.28 7.43 -7.29
N GLY A 1 -1.99 1.42 25.52
CA GLY A 1 -1.17 1.08 26.73
C GLY A 1 -0.42 -0.23 26.59
N SER A 2 -0.03 -0.58 25.36
CA SER A 2 0.71 -1.81 25.11
C SER A 2 2.10 -1.53 24.51
N HIS A 3 2.54 -0.26 24.57
CA HIS A 3 3.84 0.13 24.04
C HIS A 3 3.99 -0.25 22.55
N MET A 4 2.85 -0.39 21.85
CA MET A 4 2.85 -0.75 20.43
C MET A 4 1.57 -0.28 19.76
N GLY A 5 1.46 -0.52 18.45
CA GLY A 5 0.27 -0.13 17.71
C GLY A 5 0.29 -0.62 16.27
N LEU A 6 0.07 -1.93 16.08
CA LEU A 6 0.06 -2.51 14.75
C LEU A 6 -1.29 -3.15 14.44
N VAL A 7 -2.10 -2.45 13.65
CA VAL A 7 -3.43 -2.96 13.27
C VAL A 7 -3.53 -3.13 11.75
N GLN A 8 -4.34 -4.11 11.32
CA GLN A 8 -4.52 -4.38 9.89
C GLN A 8 -5.80 -3.74 9.37
N ARG A 9 -5.71 -3.12 8.19
CA ARG A 9 -6.86 -2.45 7.58
C ARG A 9 -6.78 -2.47 6.06
N CYS A 10 -7.94 -2.50 5.40
CA CYS A 10 -8.02 -2.49 3.94
C CYS A 10 -8.37 -1.11 3.42
N VAL A 11 -7.47 -0.53 2.62
CA VAL A 11 -7.68 0.81 2.06
C VAL A 11 -7.85 0.75 0.54
N ILE A 12 -8.89 1.43 0.04
CA ILE A 12 -9.17 1.46 -1.39
C ILE A 12 -8.74 2.79 -2.00
N ILE A 13 -7.70 2.74 -2.84
CA ILE A 13 -7.19 3.95 -3.49
C ILE A 13 -7.79 4.13 -4.88
N GLN A 14 -8.24 5.35 -5.18
CA GLN A 14 -8.83 5.69 -6.47
C GLN A 14 -7.89 6.58 -7.29
N LYS A 15 -7.92 6.43 -8.61
CA LYS A 15 -7.06 7.23 -9.49
C LYS A 15 -7.50 8.70 -9.51
N ASP A 16 -6.51 9.59 -9.57
CA ASP A 16 -6.78 11.03 -9.59
C ASP A 16 -6.00 11.71 -10.71
N ASP A 17 -6.29 13.00 -10.92
CA ASP A 17 -5.61 13.77 -11.97
C ASP A 17 -4.09 13.80 -11.74
N ASN A 18 -3.68 13.70 -10.47
CA ASN A 18 -2.26 13.71 -10.12
C ASN A 18 -1.73 12.30 -9.85
N GLY A 19 -2.50 11.28 -10.22
CA GLY A 19 -2.09 9.90 -9.99
C GLY A 19 -2.44 9.40 -8.60
N PHE A 20 -1.93 8.22 -8.25
CA PHE A 20 -2.19 7.63 -6.93
C PHE A 20 -1.56 8.48 -5.83
N GLY A 21 -0.24 8.71 -5.95
CA GLY A 21 0.47 9.52 -4.97
C GLY A 21 0.88 8.70 -3.75
N LEU A 22 1.55 7.57 -4.00
CA LEU A 22 1.99 6.70 -2.91
C LEU A 22 3.27 5.95 -3.30
N THR A 23 4.18 5.82 -2.34
CA THR A 23 5.44 5.12 -2.57
C THR A 23 5.51 3.86 -1.71
N VAL A 24 5.68 2.70 -2.37
CA VAL A 24 5.76 1.42 -1.66
C VAL A 24 7.10 0.74 -1.92
N SER A 25 7.59 0.01 -0.90
CA SER A 25 8.85 -0.71 -0.99
C SER A 25 8.71 -2.12 -0.42
N GLY A 26 9.65 -3.00 -0.76
CA GLY A 26 9.60 -4.36 -0.26
C GLY A 26 8.75 -5.27 -1.14
N ASP A 27 8.59 -6.54 -0.73
CA ASP A 27 7.80 -7.49 -1.51
C ASP A 27 6.79 -8.21 -0.62
N ASN A 28 7.23 -9.28 0.07
CA ASN A 28 6.33 -10.03 0.94
C ASN A 28 5.57 -9.05 1.84
N PRO A 29 6.29 -8.30 2.69
CA PRO A 29 5.73 -7.31 3.57
C PRO A 29 5.87 -5.91 2.96
N VAL A 30 5.12 -5.65 1.88
CA VAL A 30 5.22 -4.35 1.22
C VAL A 30 4.98 -3.23 2.22
N PHE A 31 5.90 -2.28 2.29
CA PHE A 31 5.75 -1.16 3.23
C PHE A 31 5.73 0.18 2.49
N VAL A 32 4.67 0.94 2.75
CA VAL A 32 4.50 2.24 2.12
C VAL A 32 5.41 3.28 2.77
N GLN A 33 6.35 3.80 1.99
CA GLN A 33 7.29 4.80 2.49
C GLN A 33 6.61 6.13 2.74
N SER A 34 6.08 6.76 1.68
CA SER A 34 5.40 8.04 1.80
C SER A 34 4.18 8.10 0.89
N VAL A 35 3.19 8.90 1.28
CA VAL A 35 1.97 9.06 0.49
C VAL A 35 1.53 10.52 0.40
N LYS A 36 0.82 10.86 -0.67
CA LYS A 36 0.34 12.22 -0.89
C LYS A 36 -0.59 12.66 0.25
N GLU A 37 -0.12 13.60 1.06
CA GLU A 37 -0.89 14.11 2.19
C GLU A 37 -2.27 14.61 1.75
N ASP A 38 -2.35 15.19 0.55
CA ASP A 38 -3.61 15.70 0.01
C ASP A 38 -3.94 15.04 -1.33
N GLY A 39 -3.86 13.72 -1.38
CA GLY A 39 -4.14 13.00 -2.59
C GLY A 39 -4.95 11.73 -2.35
N ALA A 40 -5.17 10.95 -3.41
CA ALA A 40 -5.93 9.70 -3.32
C ALA A 40 -5.42 8.80 -2.20
N ALA A 41 -4.09 8.75 -2.03
CA ALA A 41 -3.48 7.92 -1.00
C ALA A 41 -4.04 8.26 0.38
N MET A 42 -3.83 9.50 0.81
CA MET A 42 -4.34 9.94 2.11
C MET A 42 -5.86 9.96 2.14
N ARG A 43 -6.47 10.35 1.02
CA ARG A 43 -7.93 10.40 0.91
C ARG A 43 -8.55 9.01 1.10
N ALA A 44 -7.86 7.98 0.60
CA ALA A 44 -8.33 6.60 0.72
C ALA A 44 -8.13 6.04 2.13
N GLY A 45 -7.30 6.71 2.93
CA GLY A 45 -7.04 6.26 4.29
C GLY A 45 -5.65 5.68 4.45
N VAL A 46 -4.74 6.04 3.55
CA VAL A 46 -3.36 5.55 3.61
C VAL A 46 -2.46 6.54 4.33
N GLN A 47 -1.54 6.02 5.15
CA GLN A 47 -0.62 6.87 5.91
C GLN A 47 0.83 6.54 5.57
N THR A 48 1.76 7.34 6.10
CA THR A 48 3.18 7.14 5.88
C THR A 48 3.72 6.05 6.81
N GLY A 49 4.53 5.14 6.25
CA GLY A 49 5.10 4.07 7.04
C GLY A 49 4.14 2.90 7.23
N ASP A 50 3.22 2.72 6.27
CA ASP A 50 2.25 1.63 6.32
C ASP A 50 2.88 0.31 5.88
N ARG A 51 2.10 -0.78 5.98
CA ARG A 51 2.59 -2.10 5.59
C ARG A 51 1.53 -2.86 4.77
N ILE A 52 1.50 -2.59 3.46
CA ILE A 52 0.55 -3.25 2.57
C ILE A 52 0.93 -4.72 2.37
N ILE A 53 -0.06 -5.59 2.53
CA ILE A 53 0.15 -7.03 2.39
C ILE A 53 -0.63 -7.61 1.20
N LYS A 54 -1.83 -7.05 0.91
CA LYS A 54 -2.64 -7.54 -0.20
C LYS A 54 -3.17 -6.41 -1.07
N VAL A 55 -3.53 -6.74 -2.31
CA VAL A 55 -4.08 -5.77 -3.26
C VAL A 55 -5.16 -6.41 -4.13
N ASN A 56 -6.42 -6.07 -3.86
CA ASN A 56 -7.56 -6.62 -4.60
C ASN A 56 -7.64 -8.14 -4.44
N GLY A 57 -7.15 -8.64 -3.30
CA GLY A 57 -7.17 -10.07 -3.06
C GLY A 57 -5.84 -10.75 -3.36
N THR A 58 -5.16 -10.32 -4.43
CA THR A 58 -3.88 -10.89 -4.81
C THR A 58 -2.85 -10.72 -3.69
N LEU A 59 -2.00 -11.74 -3.53
CA LEU A 59 -0.96 -11.73 -2.50
C LEU A 59 0.36 -11.21 -3.05
N VAL A 60 1.07 -10.42 -2.23
CA VAL A 60 2.36 -9.86 -2.65
C VAL A 60 3.52 -10.74 -2.15
N THR A 61 3.26 -12.04 -2.04
CA THR A 61 4.28 -12.99 -1.59
C THR A 61 4.88 -13.74 -2.78
N HIS A 62 4.02 -14.30 -3.61
CA HIS A 62 4.45 -15.03 -4.80
C HIS A 62 4.59 -14.10 -6.01
N SER A 63 3.78 -13.04 -6.03
CA SER A 63 3.81 -12.07 -7.14
C SER A 63 5.15 -11.34 -7.20
N ASN A 64 5.46 -10.79 -8.38
CA ASN A 64 6.71 -10.06 -8.59
C ASN A 64 6.53 -8.56 -8.40
N HIS A 65 7.62 -7.81 -8.51
CA HIS A 65 7.59 -6.35 -8.36
C HIS A 65 6.65 -5.71 -9.39
N LEU A 66 7.00 -5.85 -10.67
CA LEU A 66 6.18 -5.28 -11.75
C LEU A 66 4.75 -5.79 -11.68
N GLU A 67 4.56 -7.02 -11.15
CA GLU A 67 3.23 -7.60 -11.03
C GLU A 67 2.34 -6.75 -10.12
N VAL A 68 2.88 -6.36 -8.97
CA VAL A 68 2.12 -5.55 -8.01
C VAL A 68 1.75 -4.19 -8.61
N VAL A 69 2.74 -3.48 -9.13
CA VAL A 69 2.50 -2.17 -9.73
C VAL A 69 1.55 -2.27 -10.93
N LYS A 70 1.77 -3.28 -11.77
CA LYS A 70 0.92 -3.49 -12.95
C LYS A 70 -0.53 -3.72 -12.53
N LEU A 71 -0.73 -4.52 -11.49
CA LEU A 71 -2.07 -4.81 -10.99
C LEU A 71 -2.76 -3.55 -10.46
N ILE A 72 -2.03 -2.77 -9.64
CA ILE A 72 -2.59 -1.54 -9.09
C ILE A 72 -2.83 -0.51 -10.20
N LYS A 73 -1.88 -0.40 -11.14
CA LYS A 73 -2.00 0.53 -12.26
C LYS A 73 -3.12 0.13 -13.22
N SER A 74 -3.38 -1.18 -13.33
CA SER A 74 -4.42 -1.67 -14.24
C SER A 74 -5.81 -1.47 -13.64
N GLY A 75 -6.22 -0.20 -13.53
CA GLY A 75 -7.52 0.12 -12.97
C GLY A 75 -7.52 1.47 -12.27
N SER A 76 -8.64 2.19 -12.35
CA SER A 76 -8.76 3.50 -11.73
C SER A 76 -8.61 3.40 -10.21
N TYR A 77 -9.49 2.63 -9.58
CA TYR A 77 -9.44 2.44 -8.14
C TYR A 77 -9.20 0.98 -7.79
N VAL A 78 -8.57 0.74 -6.65
CA VAL A 78 -8.26 -0.61 -6.20
C VAL A 78 -8.20 -0.69 -4.67
N ALA A 79 -8.55 -1.87 -4.14
CA ALA A 79 -8.53 -2.10 -2.71
C ALA A 79 -7.22 -2.77 -2.30
N LEU A 80 -6.67 -2.38 -1.15
CA LEU A 80 -5.41 -2.94 -0.68
C LEU A 80 -5.43 -3.23 0.81
N THR A 81 -5.11 -4.49 1.16
CA THR A 81 -5.08 -4.92 2.56
C THR A 81 -3.71 -4.57 3.15
N VAL A 82 -3.67 -3.55 4.01
CA VAL A 82 -2.43 -3.10 4.63
C VAL A 82 -2.48 -3.21 6.16
N GLN A 83 -1.35 -2.91 6.80
CA GLN A 83 -1.26 -2.96 8.26
C GLN A 83 -0.29 -1.89 8.78
N GLY A 84 -0.66 -1.23 9.87
CA GLY A 84 0.18 -0.19 10.43
C GLY A 84 -0.63 0.93 11.07
N ARG A 85 -0.19 1.34 12.27
CA ARG A 85 -0.86 2.40 13.02
C ARG A 85 -2.25 1.97 13.49
N PRO A 86 -2.52 2.06 14.81
CA PRO A 86 -3.81 1.67 15.37
C PRO A 86 -4.87 2.76 15.19
N PRO A 87 -5.90 2.49 14.35
CA PRO A 87 -6.97 3.45 14.08
C PRO A 87 -7.71 3.88 15.35
N GLY A 88 -7.55 5.14 15.73
CA GLY A 88 -8.20 5.66 16.92
C GLY A 88 -7.23 6.32 17.88
N SER A 89 -6.26 5.54 18.37
CA SER A 89 -5.26 6.06 19.29
C SER A 89 -3.94 6.31 18.56
N VAL B 1 19.69 -7.30 -9.35
CA VAL B 1 19.32 -6.17 -8.47
C VAL B 1 18.32 -6.62 -7.40
N GLU B 2 18.52 -6.14 -6.18
CA GLU B 2 17.64 -6.48 -5.06
C GLU B 2 16.81 -5.27 -4.61
N ASN B 3 16.42 -4.44 -5.57
CA ASN B 3 15.62 -3.25 -5.28
C ASN B 3 14.17 -3.46 -5.69
N LYS B 4 13.32 -3.78 -4.71
CA LYS B 4 11.90 -4.02 -4.98
C LYS B 4 11.07 -2.83 -4.51
N VAL B 5 11.50 -1.62 -4.88
CA VAL B 5 10.80 -0.40 -4.52
C VAL B 5 10.02 0.16 -5.71
N THR B 6 8.80 0.61 -5.46
CA THR B 6 7.94 1.16 -6.52
C THR B 6 7.40 2.53 -6.11
N ASP B 7 7.10 3.37 -7.11
CA ASP B 7 6.56 4.70 -6.87
C ASP B 7 5.25 4.90 -7.61
N LEU B 8 4.39 5.77 -7.08
CA LEU B 8 3.09 6.05 -7.70
C LEU B 8 2.61 7.47 -7.37
N GLY A 1 3.93 1.88 28.65
CA GLY A 1 3.96 1.65 27.18
C GLY A 1 2.67 1.02 26.66
N SER A 2 2.50 1.03 25.35
CA SER A 2 1.31 0.45 24.71
C SER A 2 1.54 -1.02 24.32
N HIS A 3 0.45 -1.77 24.19
CA HIS A 3 0.53 -3.18 23.82
C HIS A 3 -0.60 -3.57 22.86
N MET A 4 -0.25 -3.75 21.59
CA MET A 4 -1.22 -4.12 20.55
C MET A 4 -0.89 -5.51 19.98
N GLY A 5 -1.93 -6.20 19.50
CA GLY A 5 -1.75 -7.52 18.94
C GLY A 5 -1.81 -7.53 17.42
N LEU A 6 -1.07 -6.61 16.80
CA LEU A 6 -1.03 -6.50 15.34
C LEU A 6 -2.40 -6.21 14.75
N VAL A 7 -2.61 -4.97 14.32
CA VAL A 7 -3.89 -4.55 13.74
C VAL A 7 -3.77 -4.32 12.23
N GLN A 8 -4.68 -4.95 11.47
CA GLN A 8 -4.69 -4.82 10.02
C GLN A 8 -5.74 -3.80 9.56
N ARG A 9 -5.46 -3.10 8.47
CA ARG A 9 -6.38 -2.09 7.94
C ARG A 9 -6.44 -2.13 6.41
N CYS A 10 -7.65 -2.05 5.85
CA CYS A 10 -7.84 -2.06 4.41
C CYS A 10 -8.17 -0.67 3.88
N VAL A 11 -7.44 -0.24 2.85
CA VAL A 11 -7.63 1.08 2.25
C VAL A 11 -7.82 0.99 0.74
N ILE A 12 -8.87 1.64 0.23
CA ILE A 12 -9.16 1.65 -1.21
C ILE A 12 -8.61 2.91 -1.88
N ILE A 13 -7.65 2.73 -2.79
CA ILE A 13 -7.05 3.85 -3.51
C ILE A 13 -7.77 4.10 -4.83
N GLN A 14 -8.08 5.38 -5.11
CA GLN A 14 -8.77 5.75 -6.34
C GLN A 14 -7.83 6.57 -7.25
N LYS A 15 -8.15 6.63 -8.54
CA LYS A 15 -7.34 7.39 -9.49
C LYS A 15 -7.80 8.84 -9.54
N ASP A 16 -6.86 9.76 -9.34
CA ASP A 16 -7.15 11.20 -9.35
C ASP A 16 -6.42 11.89 -10.49
N ASP A 17 -6.60 13.21 -10.61
CA ASP A 17 -5.94 13.98 -11.66
C ASP A 17 -4.42 13.85 -11.58
N ASN A 18 -3.90 13.74 -10.36
CA ASN A 18 -2.46 13.59 -10.14
C ASN A 18 -2.08 12.12 -9.88
N GLY A 19 -3.01 11.20 -10.14
CA GLY A 19 -2.74 9.80 -9.92
C GLY A 19 -2.85 9.40 -8.46
N PHE A 20 -2.38 8.20 -8.13
CA PHE A 20 -2.44 7.71 -6.76
C PHE A 20 -1.50 8.52 -5.86
N GLY A 21 -0.23 8.63 -6.30
CA GLY A 21 0.76 9.38 -5.55
C GLY A 21 1.16 8.69 -4.27
N LEU A 22 1.85 7.56 -4.38
CA LEU A 22 2.31 6.81 -3.21
C LEU A 22 3.60 6.06 -3.50
N THR A 23 4.39 5.83 -2.45
CA THR A 23 5.66 5.12 -2.56
C THR A 23 5.65 3.87 -1.68
N VAL A 24 6.22 2.77 -2.19
CA VAL A 24 6.26 1.52 -1.44
C VAL A 24 7.59 0.80 -1.61
N SER A 25 8.02 0.11 -0.55
CA SER A 25 9.27 -0.64 -0.56
C SER A 25 9.06 -2.02 0.03
N GLY A 26 9.71 -3.03 -0.57
CA GLY A 26 9.58 -4.40 -0.07
C GLY A 26 8.81 -5.28 -1.02
N ASP A 27 8.52 -6.51 -0.61
CA ASP A 27 7.78 -7.44 -1.44
C ASP A 27 6.66 -8.13 -0.67
N ASN A 28 6.97 -9.23 0.02
CA ASN A 28 5.96 -9.94 0.79
C ASN A 28 5.27 -8.95 1.72
N PRO A 29 6.05 -8.24 2.57
CA PRO A 29 5.55 -7.24 3.48
C PRO A 29 5.74 -5.83 2.91
N VAL A 30 5.06 -5.55 1.78
CA VAL A 30 5.17 -4.25 1.14
C VAL A 30 4.98 -3.12 2.17
N PHE A 31 5.86 -2.11 2.13
CA PHE A 31 5.77 -1.01 3.08
C PHE A 31 5.56 0.32 2.36
N VAL A 32 4.49 1.03 2.73
CA VAL A 32 4.19 2.34 2.14
C VAL A 32 5.02 3.42 2.81
N GLN A 33 5.87 4.08 2.04
CA GLN A 33 6.73 5.13 2.57
C GLN A 33 6.05 6.50 2.52
N SER A 34 6.01 7.12 1.34
CA SER A 34 5.40 8.44 1.18
C SER A 34 4.07 8.35 0.43
N VAL A 35 3.13 9.22 0.81
CA VAL A 35 1.81 9.25 0.17
C VAL A 35 1.36 10.69 -0.08
N LYS A 36 0.59 10.88 -1.15
CA LYS A 36 0.08 12.21 -1.50
C LYS A 36 -0.73 12.82 -0.36
N GLU A 37 -0.15 13.83 0.29
CA GLU A 37 -0.82 14.52 1.41
C GLU A 37 -2.19 15.06 1.00
N ASP A 38 -2.32 15.50 -0.25
CA ASP A 38 -3.58 16.03 -0.75
C ASP A 38 -3.98 15.30 -2.03
N GLY A 39 -4.07 13.98 -1.96
CA GLY A 39 -4.44 13.18 -3.10
C GLY A 39 -5.20 11.91 -2.70
N ALA A 40 -5.44 11.04 -3.68
CA ALA A 40 -6.15 9.78 -3.44
C ALA A 40 -5.52 8.99 -2.29
N ALA A 41 -4.19 9.04 -2.18
CA ALA A 41 -3.48 8.33 -1.13
C ALA A 41 -4.03 8.70 0.26
N MET A 42 -3.97 9.98 0.59
CA MET A 42 -4.47 10.46 1.89
C MET A 42 -6.00 10.43 1.91
N ARG A 43 -6.62 10.82 0.80
CA ARG A 43 -8.09 10.83 0.71
C ARG A 43 -8.67 9.43 0.98
N ALA A 44 -7.93 8.39 0.58
CA ALA A 44 -8.38 7.01 0.79
C ALA A 44 -8.13 6.53 2.22
N GLY A 45 -7.29 7.24 2.96
CA GLY A 45 -6.98 6.86 4.32
C GLY A 45 -5.54 6.40 4.51
N VAL A 46 -4.81 6.23 3.40
CA VAL A 46 -3.41 5.80 3.45
C VAL A 46 -2.55 6.86 4.12
N GLN A 47 -1.51 6.41 4.83
CA GLN A 47 -0.60 7.31 5.52
C GLN A 47 0.85 6.84 5.39
N THR A 48 1.78 7.79 5.50
CA THR A 48 3.21 7.48 5.40
C THR A 48 3.67 6.63 6.59
N GLY A 49 4.04 5.39 6.29
CA GLY A 49 4.49 4.48 7.34
C GLY A 49 3.54 3.32 7.57
N ASP A 50 3.03 2.75 6.47
CA ASP A 50 2.10 1.62 6.56
C ASP A 50 2.73 0.37 5.96
N ARG A 51 2.20 -0.80 6.31
CA ARG A 51 2.73 -2.06 5.79
C ARG A 51 1.69 -2.80 4.97
N ILE A 52 1.61 -2.49 3.67
CA ILE A 52 0.64 -3.14 2.78
C ILE A 52 1.04 -4.60 2.52
N ILE A 53 0.08 -5.50 2.73
CA ILE A 53 0.31 -6.93 2.54
C ILE A 53 -0.48 -7.46 1.33
N LYS A 54 -1.69 -6.95 1.13
CA LYS A 54 -2.53 -7.41 0.02
C LYS A 54 -3.07 -6.24 -0.81
N VAL A 55 -3.46 -6.54 -2.04
CA VAL A 55 -4.01 -5.52 -2.95
C VAL A 55 -5.12 -6.13 -3.81
N ASN A 56 -6.37 -5.80 -3.47
CA ASN A 56 -7.53 -6.30 -4.21
C ASN A 56 -7.61 -7.84 -4.16
N GLY A 57 -7.14 -8.43 -3.05
CA GLY A 57 -7.16 -9.87 -2.91
C GLY A 57 -5.87 -10.52 -3.39
N THR A 58 -5.21 -9.89 -4.37
CA THR A 58 -3.97 -10.41 -4.91
C THR A 58 -2.86 -10.41 -3.85
N LEU A 59 -2.52 -11.60 -3.36
CA LEU A 59 -1.48 -11.74 -2.34
C LEU A 59 -0.11 -11.36 -2.91
N VAL A 60 0.58 -10.47 -2.22
CA VAL A 60 1.91 -10.03 -2.65
C VAL A 60 3.02 -10.86 -1.98
N THR A 61 2.68 -12.08 -1.56
CA THR A 61 3.65 -12.98 -0.92
C THR A 61 4.54 -13.63 -1.96
N HIS A 62 3.95 -14.06 -3.08
CA HIS A 62 4.70 -14.69 -4.16
C HIS A 62 4.50 -13.93 -5.48
N SER A 63 4.38 -12.61 -5.38
CA SER A 63 4.19 -11.76 -6.56
C SER A 63 5.51 -11.16 -7.03
N ASN A 64 5.51 -10.59 -8.23
CA ASN A 64 6.71 -9.98 -8.80
C ASN A 64 6.62 -8.45 -8.74
N HIS A 65 7.78 -7.80 -8.90
CA HIS A 65 7.84 -6.33 -8.85
C HIS A 65 6.90 -5.70 -9.88
N LEU A 66 7.21 -5.92 -11.17
CA LEU A 66 6.39 -5.38 -12.26
C LEU A 66 4.95 -5.92 -12.18
N GLU A 67 4.78 -7.12 -11.62
CA GLU A 67 3.45 -7.71 -11.49
C GLU A 67 2.57 -6.87 -10.57
N VAL A 68 3.13 -6.40 -9.46
CA VAL A 68 2.38 -5.59 -8.50
C VAL A 68 1.94 -4.27 -9.13
N VAL A 69 2.90 -3.53 -9.70
CA VAL A 69 2.61 -2.25 -10.34
C VAL A 69 1.63 -2.41 -11.50
N LYS A 70 1.83 -3.44 -12.32
CA LYS A 70 0.94 -3.71 -13.46
C LYS A 70 -0.49 -3.97 -12.99
N LEU A 71 -0.63 -4.71 -11.89
CA LEU A 71 -1.94 -5.03 -11.34
C LEU A 71 -2.62 -3.79 -10.74
N ILE A 72 -1.87 -3.04 -9.94
CA ILE A 72 -2.40 -1.82 -9.32
C ILE A 72 -2.75 -0.78 -10.38
N LYS A 73 -1.84 -0.60 -11.35
CA LYS A 73 -2.05 0.36 -12.43
C LYS A 73 -3.19 -0.07 -13.35
N SER A 74 -3.43 -1.38 -13.44
CA SER A 74 -4.50 -1.90 -14.30
C SER A 74 -5.87 -1.70 -13.64
N GLY A 75 -6.29 -0.43 -13.55
CA GLY A 75 -7.58 -0.11 -12.95
C GLY A 75 -7.58 1.27 -12.32
N SER A 76 -8.75 1.90 -12.29
CA SER A 76 -8.88 3.24 -11.71
C SER A 76 -8.64 3.21 -10.21
N TYR A 77 -9.45 2.42 -9.50
CA TYR A 77 -9.31 2.30 -8.05
C TYR A 77 -9.08 0.85 -7.64
N VAL A 78 -8.39 0.66 -6.51
CA VAL A 78 -8.08 -0.67 -6.01
C VAL A 78 -8.04 -0.72 -4.49
N ALA A 79 -8.41 -1.86 -3.91
CA ALA A 79 -8.39 -2.03 -2.47
C ALA A 79 -7.03 -2.55 -2.02
N LEU A 80 -6.54 -2.07 -0.88
CA LEU A 80 -5.23 -2.48 -0.37
C LEU A 80 -5.30 -2.87 1.10
N THR A 81 -4.96 -4.13 1.38
CA THR A 81 -4.94 -4.64 2.74
C THR A 81 -3.57 -4.43 3.36
N VAL A 82 -3.48 -3.45 4.27
CA VAL A 82 -2.21 -3.12 4.93
C VAL A 82 -2.26 -3.38 6.43
N GLN A 83 -1.12 -3.21 7.09
CA GLN A 83 -1.00 -3.42 8.53
C GLN A 83 -0.04 -2.40 9.14
N GLY A 84 -0.22 -2.11 10.43
CA GLY A 84 0.63 -1.16 11.12
C GLY A 84 1.07 -1.64 12.49
N ARG A 85 2.11 -1.03 13.03
CA ARG A 85 2.64 -1.40 14.35
C ARG A 85 3.14 -0.18 15.11
N PRO A 86 2.31 0.34 16.05
CA PRO A 86 2.68 1.51 16.88
C PRO A 86 4.02 1.33 17.60
N PRO A 87 4.27 0.16 18.24
CA PRO A 87 5.51 -0.10 18.96
C PRO A 87 6.75 0.02 18.06
N GLY A 88 7.70 0.87 18.46
CA GLY A 88 8.91 1.04 17.68
C GLY A 88 9.01 2.41 17.03
N SER A 89 8.31 2.59 15.93
CA SER A 89 8.33 3.86 15.20
C SER A 89 6.97 4.57 15.24
N VAL B 1 15.38 -10.25 -8.80
CA VAL B 1 16.59 -10.68 -8.04
C VAL B 1 16.96 -9.66 -6.95
N GLU B 2 17.14 -8.40 -7.36
CA GLU B 2 17.51 -7.33 -6.42
C GLU B 2 16.66 -6.09 -6.65
N ASN B 3 16.51 -5.29 -5.59
CA ASN B 3 15.73 -4.04 -5.65
C ASN B 3 14.25 -4.33 -5.89
N LYS B 4 13.43 -4.13 -4.84
CA LYS B 4 11.99 -4.37 -4.94
C LYS B 4 11.20 -3.15 -4.44
N VAL B 5 11.47 -2.00 -5.04
CA VAL B 5 10.79 -0.76 -4.66
C VAL B 5 9.96 -0.22 -5.83
N THR B 6 8.75 0.27 -5.53
CA THR B 6 7.86 0.81 -6.55
C THR B 6 7.22 2.12 -6.09
N ASP B 7 7.57 3.21 -6.76
CA ASP B 7 7.02 4.53 -6.41
C ASP B 7 6.13 5.08 -7.54
N LEU B 8 5.24 6.00 -7.18
CA LEU B 8 4.32 6.61 -8.15
C LEU B 8 4.12 8.09 -7.85
N GLY A 1 2.02 -20.16 14.63
CA GLY A 1 3.39 -19.59 14.72
C GLY A 1 3.44 -18.31 15.53
N SER A 2 3.21 -17.17 14.87
CA SER A 2 3.25 -15.87 15.54
C SER A 2 1.86 -15.27 15.64
N HIS A 3 1.77 -14.11 16.31
CA HIS A 3 0.49 -13.42 16.48
C HIS A 3 0.68 -11.90 16.50
N MET A 4 1.36 -11.41 17.55
CA MET A 4 1.64 -9.97 17.70
C MET A 4 0.35 -9.18 17.95
N GLY A 5 0.50 -8.03 18.62
CA GLY A 5 -0.64 -7.20 18.92
C GLY A 5 -0.82 -6.08 17.91
N LEU A 6 -0.67 -6.41 16.63
CA LEU A 6 -0.80 -5.43 15.55
C LEU A 6 -2.25 -5.36 15.06
N VAL A 7 -2.52 -4.39 14.17
CA VAL A 7 -3.86 -4.21 13.63
C VAL A 7 -3.86 -4.16 12.10
N GLN A 8 -4.80 -4.87 11.49
CA GLN A 8 -4.93 -4.91 10.03
C GLN A 8 -6.05 -3.98 9.56
N ARG A 9 -5.78 -3.23 8.50
CA ARG A 9 -6.76 -2.29 7.95
C ARG A 9 -6.76 -2.32 6.42
N CYS A 10 -7.95 -2.40 5.83
CA CYS A 10 -8.08 -2.42 4.37
C CYS A 10 -8.32 -1.00 3.84
N VAL A 11 -7.41 -0.53 3.00
CA VAL A 11 -7.52 0.81 2.42
C VAL A 11 -7.84 0.74 0.93
N ILE A 12 -8.88 1.45 0.51
CA ILE A 12 -9.29 1.48 -0.89
C ILE A 12 -8.79 2.74 -1.58
N ILE A 13 -7.84 2.55 -2.51
CA ILE A 13 -7.27 3.68 -3.26
C ILE A 13 -7.88 3.77 -4.65
N GLN A 14 -8.27 4.99 -5.05
CA GLN A 14 -8.88 5.24 -6.36
C GLN A 14 -7.97 6.12 -7.23
N LYS A 15 -7.71 5.67 -8.46
CA LYS A 15 -6.86 6.42 -9.38
C LYS A 15 -7.60 7.66 -9.92
N ASP A 16 -6.93 8.81 -9.81
CA ASP A 16 -7.50 10.08 -10.28
C ASP A 16 -6.54 10.77 -11.24
N ASP A 17 -6.88 12.01 -11.63
CA ASP A 17 -6.04 12.78 -12.55
C ASP A 17 -4.64 13.00 -11.97
N ASN A 18 -4.58 13.19 -10.66
CA ASN A 18 -3.30 13.41 -9.97
C ASN A 18 -2.51 12.10 -9.82
N GLY A 19 -3.18 10.96 -10.03
CA GLY A 19 -2.52 9.68 -9.89
C GLY A 19 -2.60 9.11 -8.49
N PHE A 20 -2.03 7.93 -8.29
CA PHE A 20 -2.03 7.27 -6.98
C PHE A 20 -1.25 8.10 -5.95
N GLY A 21 -0.01 8.41 -6.27
CA GLY A 21 0.83 9.19 -5.37
C GLY A 21 1.21 8.43 -4.11
N LEU A 22 1.84 7.27 -4.29
CA LEU A 22 2.26 6.45 -3.16
C LEU A 22 3.52 5.65 -3.51
N THR A 23 4.47 5.61 -2.57
CA THR A 23 5.71 4.86 -2.78
C THR A 23 5.73 3.63 -1.87
N VAL A 24 5.89 2.45 -2.48
CA VAL A 24 5.91 1.21 -1.73
C VAL A 24 7.24 0.48 -1.89
N SER A 25 7.65 -0.23 -0.84
CA SER A 25 8.91 -0.98 -0.85
C SER A 25 8.71 -2.37 -0.24
N GLY A 26 9.66 -3.28 -0.50
CA GLY A 26 9.56 -4.62 0.04
C GLY A 26 8.80 -5.56 -0.90
N ASP A 27 8.40 -6.72 -0.38
CA ASP A 27 7.67 -7.68 -1.21
C ASP A 27 6.57 -8.40 -0.40
N ASN A 28 6.92 -9.46 0.32
CA ASN A 28 5.92 -10.17 1.12
C ASN A 28 5.17 -9.17 1.98
N PRO A 29 5.88 -8.48 2.89
CA PRO A 29 5.31 -7.46 3.74
C PRO A 29 5.54 -6.07 3.14
N VAL A 30 4.89 -5.79 2.01
CA VAL A 30 5.07 -4.50 1.34
C VAL A 30 4.86 -3.35 2.33
N PHE A 31 5.76 -2.37 2.31
CA PHE A 31 5.64 -1.23 3.22
C PHE A 31 5.69 0.09 2.46
N VAL A 32 4.66 0.91 2.65
CA VAL A 32 4.57 2.21 1.99
C VAL A 32 5.48 3.22 2.68
N GLN A 33 6.43 3.76 1.92
CA GLN A 33 7.38 4.73 2.45
C GLN A 33 6.74 6.13 2.56
N SER A 34 6.31 6.68 1.43
CA SER A 34 5.69 8.00 1.41
C SER A 34 4.43 8.00 0.55
N VAL A 35 3.47 8.85 0.92
CA VAL A 35 2.22 8.96 0.18
C VAL A 35 1.79 10.42 0.02
N LYS A 36 1.19 10.73 -1.13
CA LYS A 36 0.74 12.09 -1.42
C LYS A 36 -0.31 12.54 -0.41
N GLU A 37 0.10 13.42 0.51
CA GLU A 37 -0.79 13.94 1.54
C GLU A 37 -2.08 14.53 0.93
N ASP A 38 -1.98 15.03 -0.31
CA ASP A 38 -3.13 15.60 -1.00
C ASP A 38 -3.44 14.79 -2.26
N GLY A 39 -3.50 13.47 -2.11
CA GLY A 39 -3.78 12.60 -3.25
C GLY A 39 -4.65 11.41 -2.88
N ALA A 40 -4.93 10.56 -3.87
CA ALA A 40 -5.75 9.37 -3.67
C ALA A 40 -5.30 8.55 -2.46
N ALA A 41 -4.00 8.35 -2.33
CA ALA A 41 -3.44 7.58 -1.21
C ALA A 41 -3.88 8.14 0.14
N MET A 42 -3.49 9.38 0.41
CA MET A 42 -3.82 10.03 1.67
C MET A 42 -5.34 10.21 1.83
N ARG A 43 -6.01 10.69 0.78
CA ARG A 43 -7.46 10.89 0.84
C ARG A 43 -8.19 9.56 1.06
N ALA A 44 -7.59 8.46 0.62
CA ALA A 44 -8.20 7.14 0.80
C ALA A 44 -7.94 6.57 2.20
N GLY A 45 -6.98 7.16 2.92
CA GLY A 45 -6.65 6.70 4.26
C GLY A 45 -5.25 6.12 4.37
N VAL A 46 -4.42 6.36 3.36
CA VAL A 46 -3.05 5.86 3.35
C VAL A 46 -2.08 6.92 3.86
N GLN A 47 -1.47 6.65 5.02
CA GLN A 47 -0.51 7.59 5.61
C GLN A 47 0.92 7.11 5.42
N THR A 48 1.87 7.99 5.73
CA THR A 48 3.30 7.67 5.60
C THR A 48 3.71 6.62 6.63
N GLY A 49 4.23 5.49 6.16
CA GLY A 49 4.66 4.43 7.06
C GLY A 49 3.61 3.35 7.24
N ASP A 50 3.18 2.74 6.13
CA ASP A 50 2.17 1.69 6.17
C ASP A 50 2.78 0.34 5.76
N ARG A 51 2.11 -0.75 6.13
CA ARG A 51 2.58 -2.09 5.80
C ARG A 51 1.54 -2.84 4.98
N ILE A 52 1.48 -2.56 3.68
CA ILE A 52 0.52 -3.21 2.80
C ILE A 52 0.85 -4.69 2.62
N ILE A 53 -0.12 -5.54 2.96
CA ILE A 53 0.04 -6.99 2.87
C ILE A 53 -0.68 -7.56 1.64
N LYS A 54 -1.84 -7.00 1.29
CA LYS A 54 -2.60 -7.48 0.13
C LYS A 54 -3.15 -6.33 -0.70
N VAL A 55 -3.46 -6.61 -1.96
CA VAL A 55 -4.02 -5.60 -2.87
C VAL A 55 -5.23 -6.14 -3.63
N ASN A 56 -6.39 -5.56 -3.34
CA ASN A 56 -7.66 -5.96 -3.96
C ASN A 56 -7.94 -7.44 -3.70
N GLY A 57 -7.52 -7.93 -2.54
CA GLY A 57 -7.74 -9.32 -2.18
C GLY A 57 -6.58 -10.22 -2.60
N THR A 58 -5.91 -9.85 -3.70
CA THR A 58 -4.78 -10.62 -4.21
C THR A 58 -3.53 -10.34 -3.38
N LEU A 59 -3.05 -11.36 -2.68
CA LEU A 59 -1.85 -11.24 -1.85
C LEU A 59 -0.65 -10.79 -2.68
N VAL A 60 0.12 -9.85 -2.13
CA VAL A 60 1.30 -9.33 -2.83
C VAL A 60 2.58 -10.01 -2.35
N THR A 61 2.50 -11.32 -2.08
CA THR A 61 3.65 -12.08 -1.64
C THR A 61 4.16 -13.02 -2.73
N HIS A 62 3.77 -12.73 -3.98
CA HIS A 62 4.19 -13.54 -5.12
C HIS A 62 4.48 -12.66 -6.35
N SER A 63 3.57 -11.73 -6.67
CA SER A 63 3.74 -10.84 -7.82
C SER A 63 5.06 -10.08 -7.75
N ASN A 64 5.68 -9.86 -8.92
CA ASN A 64 6.96 -9.16 -9.00
C ASN A 64 6.78 -7.67 -8.70
N HIS A 65 7.89 -6.93 -8.67
CA HIS A 65 7.87 -5.50 -8.39
C HIS A 65 7.11 -4.74 -9.48
N LEU A 66 7.54 -4.90 -10.74
CA LEU A 66 6.88 -4.22 -11.85
C LEU A 66 5.52 -4.85 -12.15
N GLU A 67 5.36 -6.12 -11.79
CA GLU A 67 4.11 -6.84 -12.03
C GLU A 67 2.99 -6.31 -11.12
N VAL A 68 3.27 -6.22 -9.83
CA VAL A 68 2.29 -5.73 -8.86
C VAL A 68 1.87 -4.29 -9.16
N VAL A 69 2.85 -3.43 -9.43
CA VAL A 69 2.56 -2.02 -9.73
C VAL A 69 1.75 -1.89 -11.03
N LYS A 70 2.13 -2.67 -12.04
CA LYS A 70 1.42 -2.66 -13.33
C LYS A 70 -0.04 -3.09 -13.15
N LEU A 71 -0.25 -4.10 -12.31
CA LEU A 71 -1.59 -4.61 -12.05
C LEU A 71 -2.44 -3.54 -11.35
N ILE A 72 -1.89 -2.92 -10.31
CA ILE A 72 -2.61 -1.89 -9.58
C ILE A 72 -2.84 -0.66 -10.46
N LYS A 73 -1.82 -0.29 -11.24
CA LYS A 73 -1.92 0.86 -12.13
C LYS A 73 -2.94 0.61 -13.24
N SER A 74 -3.08 -0.66 -13.64
CA SER A 74 -4.02 -1.03 -14.70
C SER A 74 -5.47 -0.77 -14.28
N GLY A 75 -5.74 -0.88 -12.97
CA GLY A 75 -7.09 -0.64 -12.48
C GLY A 75 -7.27 0.75 -11.92
N SER A 76 -8.51 1.22 -11.87
CA SER A 76 -8.82 2.54 -11.35
C SER A 76 -8.69 2.58 -9.83
N TYR A 77 -9.68 1.99 -9.14
CA TYR A 77 -9.65 1.94 -7.68
C TYR A 77 -9.61 0.50 -7.18
N VAL A 78 -8.94 0.29 -6.05
CA VAL A 78 -8.80 -1.04 -5.47
C VAL A 78 -8.68 -1.00 -3.95
N ALA A 79 -9.16 -2.06 -3.29
CA ALA A 79 -9.08 -2.17 -1.83
C ALA A 79 -7.89 -3.03 -1.44
N LEU A 80 -6.88 -2.40 -0.84
CA LEU A 80 -5.67 -3.11 -0.44
C LEU A 80 -5.61 -3.34 1.07
N THR A 81 -5.30 -4.57 1.46
CA THR A 81 -5.20 -4.92 2.87
C THR A 81 -3.84 -4.47 3.40
N VAL A 82 -3.86 -3.46 4.25
CA VAL A 82 -2.63 -2.88 4.83
C VAL A 82 -2.59 -3.06 6.35
N GLN A 83 -1.39 -2.92 6.91
CA GLN A 83 -1.20 -3.06 8.36
C GLN A 83 -0.42 -1.86 8.90
N GLY A 84 -0.73 -1.48 10.14
CA GLY A 84 -0.06 -0.35 10.76
C GLY A 84 0.01 -0.45 12.27
N ARG A 85 -0.08 0.69 12.94
CA ARG A 85 -0.04 0.74 14.40
C ARG A 85 -1.44 0.70 15.00
N PRO A 86 -1.57 0.28 16.26
CA PRO A 86 -2.87 0.20 16.94
C PRO A 86 -3.56 1.56 17.04
N PRO A 87 -4.84 1.64 16.61
CA PRO A 87 -5.61 2.89 16.63
C PRO A 87 -5.63 3.55 18.01
N GLY A 88 -4.85 4.62 18.16
CA GLY A 88 -4.79 5.32 19.43
C GLY A 88 -4.90 6.83 19.27
N SER A 89 -3.77 7.52 19.39
CA SER A 89 -3.75 8.98 19.26
C SER A 89 -2.42 9.46 18.69
N VAL B 1 22.62 -5.97 -2.69
CA VAL B 1 22.62 -6.95 -3.83
C VAL B 1 21.38 -6.77 -4.72
N GLU B 2 20.19 -6.81 -4.12
CA GLU B 2 18.94 -6.66 -4.87
C GLU B 2 18.14 -5.45 -4.38
N ASN B 3 17.03 -5.15 -5.07
CA ASN B 3 16.18 -4.02 -4.70
C ASN B 3 14.84 -4.08 -5.43
N LYS B 4 13.75 -3.78 -4.70
CA LYS B 4 12.41 -3.80 -5.28
C LYS B 4 11.54 -2.69 -4.66
N VAL B 5 11.87 -1.44 -4.99
CA VAL B 5 11.13 -0.29 -4.48
C VAL B 5 10.31 0.36 -5.61
N THR B 6 9.07 0.73 -5.29
CA THR B 6 8.18 1.35 -6.28
C THR B 6 7.80 2.77 -5.85
N ASP B 7 7.62 3.65 -6.83
CA ASP B 7 7.24 5.04 -6.57
C ASP B 7 6.15 5.49 -7.54
N LEU B 8 5.05 6.00 -6.97
CA LEU B 8 3.92 6.48 -7.78
C LEU B 8 3.42 7.84 -7.31
N GLY A 1 0.70 3.32 24.48
CA GLY A 1 2.10 2.87 24.26
C GLY A 1 2.41 1.54 24.90
N SER A 2 2.24 1.46 26.23
CA SER A 2 2.50 0.23 26.97
C SER A 2 1.58 -0.91 26.52
N HIS A 3 2.17 -2.08 26.28
CA HIS A 3 1.41 -3.26 25.84
C HIS A 3 0.69 -3.00 24.52
N MET A 4 1.35 -2.30 23.60
CA MET A 4 0.76 -1.98 22.30
C MET A 4 1.17 -3.02 21.25
N GLY A 5 0.34 -3.18 20.21
CA GLY A 5 0.61 -4.15 19.17
C GLY A 5 0.47 -3.56 17.77
N LEU A 6 -0.35 -4.21 16.93
CA LEU A 6 -0.59 -3.77 15.57
C LEU A 6 -1.93 -4.28 15.04
N VAL A 7 -2.53 -3.52 14.11
CA VAL A 7 -3.81 -3.91 13.52
C VAL A 7 -3.76 -3.86 11.99
N GLN A 8 -4.32 -4.88 11.35
CA GLN A 8 -4.35 -4.97 9.89
C GLN A 8 -5.70 -4.51 9.35
N ARG A 9 -5.68 -3.71 8.28
CA ARG A 9 -6.91 -3.20 7.67
C ARG A 9 -6.75 -2.98 6.16
N CYS A 10 -7.86 -3.02 5.44
CA CYS A 10 -7.86 -2.82 3.99
C CYS A 10 -8.30 -1.40 3.64
N VAL A 11 -7.60 -0.78 2.69
CA VAL A 11 -7.93 0.58 2.26
C VAL A 11 -8.12 0.64 0.74
N ILE A 12 -9.21 1.27 0.31
CA ILE A 12 -9.52 1.40 -1.12
C ILE A 12 -9.02 2.73 -1.66
N ILE A 13 -8.08 2.68 -2.61
CA ILE A 13 -7.52 3.89 -3.21
C ILE A 13 -7.92 4.02 -4.68
N GLN A 14 -8.42 5.20 -5.05
CA GLN A 14 -8.84 5.49 -6.42
C GLN A 14 -7.79 6.34 -7.14
N LYS A 15 -7.16 5.76 -8.17
CA LYS A 15 -6.13 6.48 -8.94
C LYS A 15 -6.73 7.68 -9.66
N ASP A 16 -5.97 8.78 -9.69
CA ASP A 16 -6.39 10.01 -10.34
C ASP A 16 -5.51 10.33 -11.56
N ASP A 17 -5.76 11.49 -12.17
CA ASP A 17 -4.98 11.91 -13.35
C ASP A 17 -3.49 11.97 -13.02
N ASN A 18 -3.16 12.35 -11.79
CA ASN A 18 -1.77 12.45 -11.34
C ASN A 18 -1.31 11.18 -10.62
N GLY A 19 -2.09 10.10 -10.74
CA GLY A 19 -1.75 8.84 -10.09
C GLY A 19 -2.22 8.79 -8.65
N PHE A 20 -1.65 7.85 -7.88
CA PHE A 20 -2.02 7.69 -6.47
C PHE A 20 -1.30 8.71 -5.58
N GLY A 21 -0.02 8.94 -5.88
CA GLY A 21 0.76 9.89 -5.10
C GLY A 21 1.34 9.28 -3.83
N LEU A 22 1.74 8.00 -3.90
CA LEU A 22 2.31 7.33 -2.75
C LEU A 22 3.51 6.47 -3.13
N THR A 23 4.44 6.31 -2.19
CA THR A 23 5.64 5.52 -2.41
C THR A 23 5.64 4.29 -1.51
N VAL A 24 5.92 3.12 -2.08
CA VAL A 24 5.94 1.88 -1.32
C VAL A 24 7.20 1.07 -1.62
N SER A 25 7.76 0.44 -0.58
CA SER A 25 8.97 -0.37 -0.73
C SER A 25 8.89 -1.64 0.11
N GLY A 26 9.75 -2.61 -0.23
CA GLY A 26 9.79 -3.87 0.50
C GLY A 26 8.91 -4.95 -0.12
N ASP A 27 9.26 -6.21 0.14
CA ASP A 27 8.50 -7.35 -0.38
C ASP A 27 7.65 -7.97 0.72
N ASN A 28 6.99 -9.10 0.41
CA ASN A 28 6.11 -9.80 1.36
C ASN A 28 5.37 -8.80 2.25
N PRO A 29 5.87 -8.48 3.47
CA PRO A 29 5.24 -7.47 4.33
C PRO A 29 5.59 -6.07 3.82
N VAL A 30 5.16 -5.78 2.60
CA VAL A 30 5.44 -4.49 1.96
C VAL A 30 5.08 -3.33 2.89
N PHE A 31 5.81 -2.22 2.78
CA PHE A 31 5.55 -1.06 3.62
C PHE A 31 5.54 0.24 2.81
N VAL A 32 4.55 1.09 3.08
CA VAL A 32 4.43 2.37 2.40
C VAL A 32 5.39 3.38 3.02
N GLN A 33 6.19 4.03 2.17
CA GLN A 33 7.17 5.02 2.63
C GLN A 33 6.53 6.40 2.77
N SER A 34 6.15 7.00 1.64
CA SER A 34 5.53 8.32 1.65
C SER A 34 4.13 8.29 1.05
N VAL A 35 3.26 9.18 1.54
CA VAL A 35 1.88 9.26 1.07
C VAL A 35 1.46 10.71 0.87
N LYS A 36 0.81 10.99 -0.26
CA LYS A 36 0.36 12.35 -0.58
C LYS A 36 -0.77 12.77 0.36
N GLU A 37 -0.46 13.61 1.34
CA GLU A 37 -1.45 14.09 2.31
C GLU A 37 -2.66 14.71 1.61
N ASP A 38 -2.42 15.34 0.45
CA ASP A 38 -3.50 15.97 -0.32
C ASP A 38 -3.81 15.18 -1.59
N GLY A 39 -3.65 13.85 -1.52
CA GLY A 39 -3.92 13.01 -2.67
C GLY A 39 -4.79 11.81 -2.34
N ALA A 40 -5.24 11.10 -3.38
CA ALA A 40 -6.08 9.92 -3.20
C ALA A 40 -5.47 8.91 -2.23
N ALA A 41 -4.13 8.84 -2.20
CA ALA A 41 -3.44 7.92 -1.30
C ALA A 41 -3.82 8.16 0.16
N MET A 42 -3.47 9.34 0.67
CA MET A 42 -3.79 9.70 2.05
C MET A 42 -5.30 9.88 2.23
N ARG A 43 -5.94 10.46 1.21
CA ARG A 43 -7.39 10.68 1.26
C ARG A 43 -8.15 9.36 1.38
N ALA A 44 -7.61 8.29 0.78
CA ALA A 44 -8.25 6.98 0.83
C ALA A 44 -8.05 6.30 2.20
N GLY A 45 -7.14 6.83 3.01
CA GLY A 45 -6.88 6.27 4.32
C GLY A 45 -5.48 5.67 4.45
N VAL A 46 -4.56 6.07 3.57
CA VAL A 46 -3.19 5.57 3.62
C VAL A 46 -2.30 6.53 4.39
N GLN A 47 -1.41 5.98 5.22
CA GLN A 47 -0.50 6.78 6.03
C GLN A 47 0.95 6.38 5.80
N THR A 48 1.86 7.35 6.00
CA THR A 48 3.29 7.09 5.81
C THR A 48 3.79 6.05 6.83
N GLY A 49 4.63 5.14 6.36
CA GLY A 49 5.16 4.10 7.22
C GLY A 49 4.18 2.97 7.47
N ASP A 50 3.30 2.72 6.51
CA ASP A 50 2.30 1.65 6.63
C ASP A 50 2.90 0.30 6.26
N ARG A 51 2.14 -0.77 6.46
CA ARG A 51 2.61 -2.12 6.14
C ARG A 51 1.62 -2.84 5.22
N ILE A 52 1.71 -2.56 3.92
CA ILE A 52 0.83 -3.18 2.93
C ILE A 52 1.16 -4.66 2.74
N ILE A 53 0.15 -5.51 2.92
CA ILE A 53 0.32 -6.96 2.78
C ILE A 53 -0.29 -7.47 1.47
N LYS A 54 -1.41 -6.87 1.05
CA LYS A 54 -2.08 -7.29 -0.19
C LYS A 54 -2.52 -6.09 -1.03
N VAL A 55 -2.60 -6.29 -2.35
CA VAL A 55 -3.02 -5.23 -3.26
C VAL A 55 -4.22 -5.67 -4.09
N ASN A 56 -5.35 -5.01 -3.86
CA ASN A 56 -6.60 -5.32 -4.56
C ASN A 56 -7.00 -6.78 -4.35
N GLY A 57 -6.77 -7.28 -3.13
CA GLY A 57 -7.11 -8.66 -2.81
C GLY A 57 -5.98 -9.63 -3.08
N THR A 58 -5.20 -9.38 -4.15
CA THR A 58 -4.09 -10.25 -4.51
C THR A 58 -3.01 -10.24 -3.43
N LEU A 59 -2.28 -11.34 -3.32
CA LEU A 59 -1.22 -11.48 -2.33
C LEU A 59 0.13 -11.09 -2.93
N VAL A 60 0.85 -10.21 -2.24
CA VAL A 60 2.16 -9.77 -2.70
C VAL A 60 3.29 -10.63 -2.09
N THR A 61 2.95 -11.88 -1.76
CA THR A 61 3.92 -12.81 -1.19
C THR A 61 4.65 -13.60 -2.29
N HIS A 62 3.94 -13.90 -3.38
CA HIS A 62 4.51 -14.64 -4.50
C HIS A 62 4.23 -13.92 -5.82
N SER A 63 4.28 -12.58 -5.80
CA SER A 63 4.02 -11.77 -6.99
C SER A 63 5.28 -11.00 -7.42
N ASN A 64 5.31 -10.60 -8.69
CA ASN A 64 6.45 -9.86 -9.24
C ASN A 64 6.27 -8.35 -9.05
N HIS A 65 7.32 -7.58 -9.36
CA HIS A 65 7.28 -6.12 -9.23
C HIS A 65 6.40 -5.50 -10.30
N LEU A 66 6.83 -5.60 -11.56
CA LEU A 66 6.07 -5.04 -12.69
C LEU A 66 4.65 -5.59 -12.73
N GLU A 67 4.46 -6.82 -12.27
CA GLU A 67 3.13 -7.45 -12.27
C GLU A 67 2.17 -6.67 -11.37
N VAL A 68 2.60 -6.34 -10.17
CA VAL A 68 1.76 -5.61 -9.21
C VAL A 68 1.41 -4.21 -9.75
N VAL A 69 2.42 -3.45 -10.15
CA VAL A 69 2.19 -2.10 -10.68
C VAL A 69 1.29 -2.13 -11.91
N LYS A 70 1.51 -3.09 -12.81
CA LYS A 70 0.71 -3.22 -14.02
C LYS A 70 -0.76 -3.50 -13.68
N LEU A 71 -0.98 -4.35 -12.67
CA LEU A 71 -2.34 -4.70 -12.24
C LEU A 71 -3.04 -3.48 -11.62
N ILE A 72 -2.33 -2.80 -10.70
CA ILE A 72 -2.89 -1.62 -10.04
C ILE A 72 -3.11 -0.49 -11.04
N LYS A 73 -2.16 -0.31 -11.97
CA LYS A 73 -2.27 0.73 -12.98
C LYS A 73 -3.42 0.43 -13.96
N SER A 74 -3.68 -0.86 -14.19
CA SER A 74 -4.76 -1.27 -15.09
C SER A 74 -6.11 -1.23 -14.37
N GLY A 75 -6.55 -0.02 -14.00
CA GLY A 75 -7.82 0.13 -13.31
C GLY A 75 -7.97 1.51 -12.68
N SER A 76 -9.15 1.78 -12.14
CA SER A 76 -9.43 3.08 -11.51
C SER A 76 -9.02 3.06 -10.03
N TYR A 77 -9.75 2.29 -9.22
CA TYR A 77 -9.45 2.18 -7.79
C TYR A 77 -9.17 0.74 -7.40
N VAL A 78 -8.47 0.56 -6.28
CA VAL A 78 -8.13 -0.77 -5.79
C VAL A 78 -8.11 -0.84 -4.26
N ALA A 79 -8.45 -2.01 -3.72
CA ALA A 79 -8.46 -2.19 -2.26
C ALA A 79 -7.19 -2.90 -1.80
N LEU A 80 -6.34 -2.17 -1.09
CA LEU A 80 -5.08 -2.71 -0.59
C LEU A 80 -5.15 -3.07 0.88
N THR A 81 -4.81 -4.32 1.19
CA THR A 81 -4.82 -4.80 2.57
C THR A 81 -3.48 -4.46 3.23
N VAL A 82 -3.51 -3.49 4.14
CA VAL A 82 -2.30 -3.05 4.83
C VAL A 82 -2.40 -3.20 6.35
N GLN A 83 -1.31 -2.89 7.04
CA GLN A 83 -1.27 -2.99 8.50
C GLN A 83 -0.52 -1.80 9.10
N GLY A 84 -1.06 -1.26 10.21
CA GLY A 84 -0.43 -0.13 10.86
C GLY A 84 -0.71 -0.09 12.35
N ARG A 85 -0.13 0.90 13.04
CA ARG A 85 -0.32 1.05 14.48
C ARG A 85 -1.40 2.10 14.75
N PRO A 86 -2.58 1.68 15.24
CA PRO A 86 -3.70 2.59 15.52
C PRO A 86 -3.26 3.79 16.37
N PRO A 87 -3.18 4.99 15.75
CA PRO A 87 -2.77 6.22 16.43
C PRO A 87 -3.81 6.69 17.45
N GLY A 88 -3.83 6.03 18.60
CA GLY A 88 -4.77 6.38 19.66
C GLY A 88 -4.17 6.22 21.04
N SER A 89 -3.30 7.16 21.42
CA SER A 89 -2.65 7.12 22.73
C SER A 89 -1.90 8.42 23.01
N VAL B 1 15.89 -4.84 0.76
CA VAL B 1 15.90 -3.36 0.59
C VAL B 1 16.47 -2.97 -0.76
N GLU B 2 15.80 -2.02 -1.42
CA GLU B 2 16.22 -1.53 -2.73
C GLU B 2 16.28 -2.67 -3.76
N ASN B 3 15.10 -3.15 -4.16
CA ASN B 3 15.01 -4.24 -5.14
C ASN B 3 13.64 -4.23 -5.82
N LYS B 4 12.57 -4.22 -5.01
CA LYS B 4 11.22 -4.21 -5.54
C LYS B 4 10.41 -3.06 -4.94
N VAL B 5 10.70 -1.84 -5.37
CA VAL B 5 10.02 -0.64 -4.89
C VAL B 5 9.11 -0.07 -5.99
N THR B 6 7.89 0.32 -5.60
CA THR B 6 6.94 0.89 -6.56
C THR B 6 6.26 2.13 -5.98
N ASP B 7 6.33 3.24 -6.72
CA ASP B 7 5.72 4.50 -6.29
C ASP B 7 5.03 5.20 -7.46
N LEU B 8 4.02 6.01 -7.14
CA LEU B 8 3.26 6.75 -8.15
C LEU B 8 3.03 8.20 -7.72
N GLY A 1 -6.78 -18.32 23.81
CA GLY A 1 -5.68 -17.45 23.28
C GLY A 1 -5.44 -17.64 21.79
N SER A 2 -6.27 -17.03 20.97
CA SER A 2 -6.14 -17.14 19.51
C SER A 2 -5.57 -15.85 18.92
N HIS A 3 -6.42 -14.82 18.82
CA HIS A 3 -5.99 -13.53 18.26
C HIS A 3 -5.16 -12.74 19.26
N MET A 4 -3.96 -12.35 18.85
CA MET A 4 -3.04 -11.58 19.70
C MET A 4 -1.77 -11.21 18.95
N GLY A 5 -1.77 -10.04 18.32
CA GLY A 5 -0.61 -9.58 17.57
C GLY A 5 -0.76 -8.16 17.05
N LEU A 6 -0.80 -8.01 15.73
CA LEU A 6 -0.93 -6.69 15.11
C LEU A 6 -2.34 -6.49 14.55
N VAL A 7 -2.65 -5.27 14.13
CA VAL A 7 -3.96 -4.95 13.57
C VAL A 7 -3.88 -4.74 12.06
N GLN A 8 -4.67 -5.52 11.31
CA GLN A 8 -4.70 -5.42 9.86
C GLN A 8 -5.89 -4.59 9.39
N ARG A 9 -5.67 -3.73 8.39
CA ARG A 9 -6.71 -2.87 7.86
C ARG A 9 -6.66 -2.81 6.33
N CYS A 10 -7.82 -2.71 5.69
CA CYS A 10 -7.89 -2.63 4.23
C CYS A 10 -8.23 -1.21 3.79
N VAL A 11 -7.32 -0.60 3.02
CA VAL A 11 -7.51 0.76 2.53
C VAL A 11 -7.94 0.75 1.06
N ILE A 12 -8.99 1.51 0.75
CA ILE A 12 -9.49 1.59 -0.62
C ILE A 12 -8.98 2.86 -1.30
N ILE A 13 -8.11 2.69 -2.28
CA ILE A 13 -7.53 3.81 -3.02
C ILE A 13 -8.12 3.89 -4.43
N GLN A 14 -8.50 5.09 -4.84
CA GLN A 14 -9.06 5.31 -6.18
C GLN A 14 -8.11 6.10 -7.05
N LYS A 15 -7.62 5.47 -8.12
CA LYS A 15 -6.69 6.12 -9.05
C LYS A 15 -7.33 7.33 -9.71
N ASP A 16 -6.57 8.40 -9.85
CA ASP A 16 -7.05 9.64 -10.45
C ASP A 16 -6.17 10.04 -11.63
N ASP A 17 -6.51 11.16 -12.28
CA ASP A 17 -5.74 11.66 -13.41
C ASP A 17 -4.28 11.91 -13.02
N ASN A 18 -4.07 12.36 -11.78
CA ASN A 18 -2.73 12.63 -11.28
C ASN A 18 -2.04 11.35 -10.79
N GLY A 19 -2.80 10.28 -10.60
CA GLY A 19 -2.24 9.02 -10.13
C GLY A 19 -2.47 8.79 -8.65
N PHE A 20 -1.63 7.95 -8.05
CA PHE A 20 -1.74 7.64 -6.62
C PHE A 20 -0.82 8.54 -5.80
N GLY A 21 0.45 8.65 -6.23
CA GLY A 21 1.41 9.48 -5.52
C GLY A 21 1.80 8.93 -4.17
N LEU A 22 2.49 7.79 -4.15
CA LEU A 22 2.92 7.18 -2.89
C LEU A 22 4.22 6.40 -3.05
N THR A 23 5.00 6.34 -1.97
CA THR A 23 6.27 5.62 -1.97
C THR A 23 6.14 4.31 -1.18
N VAL A 24 6.66 3.22 -1.74
CA VAL A 24 6.57 1.92 -1.09
C VAL A 24 7.81 1.06 -1.37
N SER A 25 8.23 0.29 -0.36
CA SER A 25 9.40 -0.57 -0.48
C SER A 25 9.14 -1.92 0.19
N GLY A 26 9.93 -2.93 -0.18
CA GLY A 26 9.77 -4.26 0.40
C GLY A 26 9.09 -5.23 -0.55
N ASP A 27 8.88 -6.46 -0.10
CA ASP A 27 8.23 -7.47 -0.95
C ASP A 27 7.12 -8.21 -0.21
N ASN A 28 7.44 -9.35 0.43
CA ASN A 28 6.41 -10.10 1.17
C ASN A 28 5.66 -9.14 2.10
N PRO A 29 6.40 -8.43 2.97
CA PRO A 29 5.84 -7.45 3.88
C PRO A 29 6.01 -6.04 3.32
N VAL A 30 5.30 -5.76 2.22
CA VAL A 30 5.40 -4.45 1.56
C VAL A 30 5.18 -3.33 2.59
N PHE A 31 5.98 -2.26 2.49
CA PHE A 31 5.86 -1.15 3.42
C PHE A 31 5.75 0.19 2.67
N VAL A 32 4.68 0.93 2.97
CA VAL A 32 4.45 2.24 2.35
C VAL A 32 5.19 3.32 3.15
N GLN A 33 6.23 3.89 2.53
CA GLN A 33 7.02 4.93 3.18
C GLN A 33 6.20 6.21 3.40
N SER A 34 5.82 6.86 2.30
CA SER A 34 5.04 8.10 2.37
C SER A 34 3.94 8.12 1.32
N VAL A 35 2.95 9.00 1.52
CA VAL A 35 1.84 9.14 0.59
C VAL A 35 1.58 10.61 0.24
N LYS A 36 1.03 10.84 -0.95
CA LYS A 36 0.74 12.20 -1.41
C LYS A 36 -0.13 12.96 -0.41
N GLU A 37 0.30 14.17 -0.06
CA GLU A 37 -0.45 15.00 0.90
C GLU A 37 -1.74 15.54 0.28
N ASP A 38 -1.77 15.65 -1.05
CA ASP A 38 -2.95 16.16 -1.75
C ASP A 38 -3.28 15.30 -2.98
N GLY A 39 -3.40 13.99 -2.78
CA GLY A 39 -3.72 13.10 -3.89
C GLY A 39 -4.59 11.92 -3.48
N ALA A 40 -4.74 10.96 -4.39
CA ALA A 40 -5.56 9.76 -4.13
C ALA A 40 -5.14 9.07 -2.84
N ALA A 41 -3.83 9.02 -2.58
CA ALA A 41 -3.31 8.39 -1.36
C ALA A 41 -3.92 9.03 -0.12
N MET A 42 -3.87 10.36 -0.05
CA MET A 42 -4.43 11.09 1.08
C MET A 42 -5.96 11.04 1.06
N ARG A 43 -6.54 11.20 -0.13
CA ARG A 43 -8.00 11.16 -0.28
C ARG A 43 -8.56 9.81 0.18
N ALA A 44 -7.80 8.74 -0.06
CA ALA A 44 -8.24 7.39 0.33
C ALA A 44 -8.08 7.17 1.84
N GLY A 45 -7.36 8.06 2.52
CA GLY A 45 -7.16 7.93 3.95
C GLY A 45 -5.94 7.10 4.30
N VAL A 46 -4.89 7.21 3.49
CA VAL A 46 -3.66 6.46 3.72
C VAL A 46 -2.66 7.30 4.52
N GLN A 47 -2.00 6.65 5.47
CA GLN A 47 -1.01 7.34 6.31
C GLN A 47 0.40 7.14 5.77
N THR A 48 1.37 7.81 6.40
CA THR A 48 2.76 7.71 5.99
C THR A 48 3.51 6.68 6.84
N GLY A 49 3.48 5.42 6.41
CA GLY A 49 4.16 4.37 7.15
C GLY A 49 3.23 3.22 7.50
N ASP A 50 2.83 2.43 6.51
CA ASP A 50 1.94 1.29 6.73
C ASP A 50 2.54 0.00 6.16
N ARG A 51 2.25 -1.12 6.81
CA ARG A 51 2.75 -2.42 6.35
C ARG A 51 1.75 -3.11 5.43
N ILE A 52 1.78 -2.77 4.13
CA ILE A 52 0.86 -3.38 3.17
C ILE A 52 1.24 -4.84 2.90
N ILE A 53 0.27 -5.73 3.08
CA ILE A 53 0.49 -7.16 2.87
C ILE A 53 -0.10 -7.63 1.55
N LYS A 54 -1.29 -7.12 1.20
CA LYS A 54 -1.95 -7.52 -0.03
C LYS A 54 -2.45 -6.31 -0.83
N VAL A 55 -2.59 -6.49 -2.14
CA VAL A 55 -3.06 -5.44 -3.04
C VAL A 55 -4.20 -5.96 -3.92
N ASN A 56 -5.38 -5.38 -3.76
CA ASN A 56 -6.57 -5.79 -4.52
C ASN A 56 -6.89 -7.26 -4.27
N GLY A 57 -6.71 -7.70 -3.02
CA GLY A 57 -6.98 -9.08 -2.67
C GLY A 57 -5.96 -10.05 -3.24
N THR A 58 -4.73 -9.57 -3.45
CA THR A 58 -3.65 -10.40 -4.01
C THR A 58 -2.38 -10.25 -3.18
N LEU A 59 -1.90 -11.35 -2.61
CA LEU A 59 -0.69 -11.34 -1.80
C LEU A 59 0.52 -10.92 -2.61
N VAL A 60 1.45 -10.19 -1.96
CA VAL A 60 2.66 -9.72 -2.63
C VAL A 60 3.84 -10.65 -2.33
N THR A 61 3.56 -11.96 -2.24
CA THR A 61 4.59 -12.95 -1.96
C THR A 61 5.01 -13.64 -3.26
N HIS A 62 4.02 -14.14 -4.01
CA HIS A 62 4.28 -14.81 -5.29
C HIS A 62 4.25 -13.82 -6.45
N SER A 63 3.43 -12.77 -6.33
CA SER A 63 3.31 -11.75 -7.37
C SER A 63 4.62 -11.00 -7.57
N ASN A 64 4.83 -10.49 -8.79
CA ASN A 64 6.06 -9.75 -9.12
C ASN A 64 5.89 -8.25 -8.87
N HIS A 65 7.00 -7.51 -9.00
CA HIS A 65 6.98 -6.06 -8.79
C HIS A 65 6.13 -5.35 -9.85
N LEU A 66 6.56 -5.43 -11.11
CA LEU A 66 5.84 -4.80 -12.21
C LEU A 66 4.39 -5.28 -12.28
N GLU A 67 4.16 -6.53 -11.86
CA GLU A 67 2.81 -7.10 -11.86
C GLU A 67 1.88 -6.31 -10.93
N VAL A 68 2.35 -6.03 -9.71
CA VAL A 68 1.56 -5.29 -8.74
C VAL A 68 1.24 -3.88 -9.23
N VAL A 69 2.27 -3.13 -9.63
CA VAL A 69 2.09 -1.77 -10.11
C VAL A 69 1.17 -1.72 -11.33
N LYS A 70 1.35 -2.66 -12.27
CA LYS A 70 0.52 -2.73 -13.47
C LYS A 70 -0.94 -2.96 -13.11
N LEU A 71 -1.19 -3.89 -12.19
CA LEU A 71 -2.55 -4.20 -11.76
C LEU A 71 -3.20 -2.98 -11.11
N ILE A 72 -2.47 -2.32 -10.21
CA ILE A 72 -2.99 -1.14 -9.53
C ILE A 72 -3.21 0.00 -10.53
N LYS A 73 -2.25 0.20 -11.44
CA LYS A 73 -2.37 1.25 -12.44
C LYS A 73 -3.52 0.98 -13.41
N SER A 74 -3.78 -0.31 -13.68
CA SER A 74 -4.85 -0.70 -14.59
C SER A 74 -6.19 -0.81 -13.84
N GLY A 75 -6.65 0.31 -13.31
CA GLY A 75 -7.91 0.32 -12.58
C GLY A 75 -8.19 1.64 -11.90
N SER A 76 -9.47 2.00 -11.80
CA SER A 76 -9.87 3.25 -11.17
C SER A 76 -9.97 3.12 -9.65
N TYR A 77 -10.29 1.91 -9.16
CA TYR A 77 -10.40 1.68 -7.72
C TYR A 77 -9.64 0.43 -7.31
N VAL A 78 -8.95 0.48 -6.16
CA VAL A 78 -8.19 -0.66 -5.66
C VAL A 78 -8.22 -0.74 -4.14
N ALA A 79 -8.43 -1.95 -3.62
CA ALA A 79 -8.47 -2.18 -2.18
C ALA A 79 -7.19 -2.88 -1.72
N LEU A 80 -6.37 -2.15 -0.95
CA LEU A 80 -5.11 -2.69 -0.46
C LEU A 80 -5.21 -3.16 1.00
N THR A 81 -4.78 -4.39 1.25
CA THR A 81 -4.79 -4.97 2.59
C THR A 81 -3.46 -4.69 3.28
N VAL A 82 -3.47 -3.79 4.26
CA VAL A 82 -2.26 -3.41 4.99
C VAL A 82 -2.39 -3.69 6.49
N GLN A 83 -1.29 -3.46 7.22
CA GLN A 83 -1.25 -3.68 8.65
C GLN A 83 -0.44 -2.58 9.34
N GLY A 84 -0.80 -2.28 10.59
CA GLY A 84 -0.11 -1.26 11.35
C GLY A 84 0.00 -1.58 12.83
N ARG A 85 0.67 -0.69 13.57
CA ARG A 85 0.85 -0.86 15.02
C ARG A 85 1.47 0.40 15.64
N PRO A 86 1.25 0.61 16.95
CA PRO A 86 1.79 1.78 17.66
C PRO A 86 3.32 1.84 17.59
N PRO A 87 3.87 2.81 16.84
CA PRO A 87 5.33 2.96 16.68
C PRO A 87 6.00 3.43 17.97
N GLY A 88 7.26 3.05 18.14
CA GLY A 88 8.00 3.43 19.33
C GLY A 88 7.57 2.62 20.55
N SER A 89 7.41 1.32 20.38
CA SER A 89 6.99 0.43 21.45
C SER A 89 8.17 0.10 22.38
N VAL B 1 19.14 -7.79 -8.98
CA VAL B 1 19.18 -6.85 -7.83
C VAL B 1 18.50 -7.44 -6.59
N GLU B 2 17.53 -8.34 -6.80
CA GLU B 2 16.81 -8.97 -5.69
C GLU B 2 16.14 -7.90 -4.81
N ASN B 3 15.69 -6.82 -5.43
CA ASN B 3 15.04 -5.72 -4.72
C ASN B 3 13.57 -5.59 -5.14
N LYS B 4 12.85 -4.65 -4.52
CA LYS B 4 11.45 -4.43 -4.83
C LYS B 4 10.95 -3.11 -4.25
N VAL B 5 10.99 -2.06 -5.07
CA VAL B 5 10.55 -0.73 -4.67
C VAL B 5 9.68 -0.08 -5.75
N THR B 6 8.59 0.55 -5.34
CA THR B 6 7.67 1.21 -6.28
C THR B 6 7.28 2.60 -5.80
N ASP B 7 7.51 3.59 -6.64
CA ASP B 7 7.16 4.98 -6.30
C ASP B 7 6.21 5.57 -7.34
N LEU B 8 4.99 5.86 -6.90
CA LEU B 8 3.96 6.41 -7.77
C LEU B 8 3.73 7.90 -7.48
N GLY A 1 6.86 -18.29 17.36
CA GLY A 1 8.03 -17.36 17.36
C GLY A 1 7.64 -15.95 16.95
N SER A 2 7.18 -15.16 17.93
CA SER A 2 6.78 -13.78 17.67
C SER A 2 6.98 -12.89 18.90
N HIS A 3 6.87 -11.58 18.70
CA HIS A 3 7.04 -10.61 19.79
C HIS A 3 6.43 -9.25 19.41
N MET A 4 5.25 -9.30 18.77
CA MET A 4 4.55 -8.08 18.34
C MET A 4 3.06 -8.34 18.12
N GLY A 5 2.32 -7.28 17.76
CA GLY A 5 0.90 -7.42 17.51
C GLY A 5 0.28 -6.16 16.94
N LEU A 6 0.07 -6.13 15.62
CA LEU A 6 -0.51 -4.98 14.95
C LEU A 6 -1.85 -5.33 14.30
N VAL A 7 -2.64 -4.30 13.96
CA VAL A 7 -3.95 -4.50 13.34
C VAL A 7 -3.88 -4.33 11.83
N GLN A 8 -4.53 -5.23 11.10
CA GLN A 8 -4.56 -5.19 9.64
C GLN A 8 -5.86 -4.56 9.14
N ARG A 9 -5.77 -3.79 8.05
CA ARG A 9 -6.92 -3.12 7.46
C ARG A 9 -6.75 -2.96 5.95
N CYS A 10 -7.85 -3.01 5.21
CA CYS A 10 -7.82 -2.87 3.76
C CYS A 10 -7.95 -1.41 3.34
N VAL A 11 -7.00 -0.93 2.53
CA VAL A 11 -7.01 0.45 2.06
C VAL A 11 -7.48 0.53 0.61
N ILE A 12 -8.47 1.38 0.37
CA ILE A 12 -9.00 1.55 -0.98
C ILE A 12 -8.48 2.86 -1.58
N ILE A 13 -7.62 2.73 -2.60
CA ILE A 13 -7.04 3.89 -3.27
C ILE A 13 -7.61 4.02 -4.68
N GLN A 14 -8.01 5.23 -5.05
CA GLN A 14 -8.56 5.48 -6.38
C GLN A 14 -7.60 6.32 -7.21
N LYS A 15 -7.24 5.79 -8.38
CA LYS A 15 -6.33 6.48 -9.30
C LYS A 15 -6.93 7.79 -9.79
N ASP A 16 -6.07 8.81 -9.94
CA ASP A 16 -6.51 10.13 -10.39
C ASP A 16 -5.55 10.69 -11.44
N ASP A 17 -5.81 11.92 -11.88
CA ASP A 17 -4.96 12.59 -12.86
C ASP A 17 -3.51 12.69 -12.36
N ASN A 18 -3.35 12.86 -11.05
CA ASN A 18 -2.02 12.95 -10.43
C ASN A 18 -1.57 11.61 -9.87
N GLY A 19 -2.26 10.52 -10.23
CA GLY A 19 -1.89 9.21 -9.73
C GLY A 19 -2.24 9.02 -8.26
N PHE A 20 -1.77 7.92 -7.68
CA PHE A 20 -2.02 7.63 -6.27
C PHE A 20 -1.24 8.59 -5.36
N GLY A 21 0.06 8.73 -5.65
CA GLY A 21 0.90 9.62 -4.87
C GLY A 21 1.43 8.96 -3.62
N LEU A 22 2.08 7.80 -3.77
CA LEU A 22 2.64 7.08 -2.63
C LEU A 22 3.87 6.28 -3.06
N THR A 23 4.90 6.30 -2.21
CA THR A 23 6.14 5.58 -2.49
C THR A 23 6.28 4.38 -1.54
N VAL A 24 6.39 3.19 -2.11
CA VAL A 24 6.51 1.96 -1.31
C VAL A 24 7.82 1.21 -1.62
N SER A 25 8.24 0.38 -0.65
CA SER A 25 9.46 -0.40 -0.79
C SER A 25 9.25 -1.82 -0.25
N GLY A 26 10.13 -2.74 -0.62
CA GLY A 26 10.02 -4.12 -0.15
C GLY A 26 9.31 -5.02 -1.15
N ASP A 27 8.65 -6.06 -0.67
CA ASP A 27 7.94 -6.98 -1.56
C ASP A 27 6.72 -7.59 -0.88
N ASN A 28 6.88 -8.73 -0.21
CA ASN A 28 5.74 -9.37 0.47
C ASN A 28 5.02 -8.32 1.33
N PRO A 29 5.72 -7.74 2.32
CA PRO A 29 5.16 -6.70 3.17
C PRO A 29 5.49 -5.32 2.62
N VAL A 30 4.97 -5.00 1.43
CA VAL A 30 5.25 -3.71 0.80
C VAL A 30 5.06 -2.57 1.81
N PHE A 31 6.13 -1.84 2.10
CA PHE A 31 6.06 -0.75 3.08
C PHE A 31 5.96 0.61 2.40
N VAL A 32 4.91 1.35 2.77
CA VAL A 32 4.68 2.69 2.23
C VAL A 32 5.47 3.72 3.04
N GLN A 33 6.30 4.50 2.35
CA GLN A 33 7.11 5.52 3.00
C GLN A 33 6.46 6.90 2.89
N SER A 34 6.48 7.48 1.68
CA SER A 34 5.90 8.80 1.44
C SER A 34 4.51 8.68 0.82
N VAL A 35 3.59 9.52 1.28
CA VAL A 35 2.22 9.52 0.77
C VAL A 35 1.71 10.94 0.55
N LYS A 36 0.86 11.12 -0.46
CA LYS A 36 0.29 12.43 -0.78
C LYS A 36 -0.58 12.93 0.37
N GLU A 37 -0.27 14.15 0.84
CA GLU A 37 -1.04 14.75 1.94
C GLU A 37 -2.34 15.37 1.44
N ASP A 38 -2.37 15.77 0.17
CA ASP A 38 -3.56 16.39 -0.42
C ASP A 38 -3.95 15.70 -1.74
N GLY A 39 -4.13 14.37 -1.68
CA GLY A 39 -4.50 13.63 -2.86
C GLY A 39 -5.32 12.38 -2.53
N ALA A 40 -5.62 11.61 -3.57
CA ALA A 40 -6.39 10.37 -3.41
C ALA A 40 -5.81 9.49 -2.30
N ALA A 41 -4.48 9.46 -2.19
CA ALA A 41 -3.80 8.66 -1.18
C ALA A 41 -4.32 8.99 0.22
N MET A 42 -4.14 10.25 0.63
CA MET A 42 -4.61 10.68 1.94
C MET A 42 -6.14 10.68 2.00
N ARG A 43 -6.78 11.05 0.89
CA ARG A 43 -8.25 11.05 0.84
C ARG A 43 -8.81 9.66 1.10
N ALA A 44 -8.08 8.63 0.65
CA ALA A 44 -8.50 7.25 0.84
C ALA A 44 -8.16 6.72 2.25
N GLY A 45 -7.30 7.44 2.97
CA GLY A 45 -6.92 7.02 4.32
C GLY A 45 -5.50 6.45 4.38
N VAL A 46 -4.65 6.87 3.45
CA VAL A 46 -3.27 6.38 3.41
C VAL A 46 -2.33 7.35 4.14
N GLN A 47 -1.42 6.81 4.94
CA GLN A 47 -0.47 7.62 5.70
C GLN A 47 0.96 7.09 5.52
N THR A 48 1.94 7.96 5.79
CA THR A 48 3.35 7.59 5.67
C THR A 48 3.72 6.51 6.68
N GLY A 49 4.08 5.33 6.18
CA GLY A 49 4.46 4.23 7.04
C GLY A 49 3.37 3.21 7.22
N ASP A 50 3.19 2.34 6.22
CA ASP A 50 2.16 1.30 6.27
C ASP A 50 2.66 0.01 5.63
N ARG A 51 2.22 -1.13 6.18
CA ARG A 51 2.63 -2.44 5.65
C ARG A 51 1.56 -2.99 4.71
N ILE A 52 2.00 -3.57 3.59
CA ILE A 52 1.07 -4.13 2.62
C ILE A 52 1.11 -5.66 2.65
N ILE A 53 -0.05 -6.26 2.87
CA ILE A 53 -0.19 -7.71 2.92
C ILE A 53 -0.82 -8.24 1.63
N LYS A 54 -1.72 -7.46 1.03
CA LYS A 54 -2.38 -7.86 -0.21
C LYS A 54 -2.70 -6.65 -1.10
N VAL A 55 -2.87 -6.90 -2.40
CA VAL A 55 -3.20 -5.84 -3.35
C VAL A 55 -4.36 -6.24 -4.24
N ASN A 56 -5.49 -5.54 -4.09
CA ASN A 56 -6.70 -5.82 -4.86
C ASN A 56 -7.19 -7.24 -4.62
N GLY A 57 -6.99 -7.73 -3.39
CA GLY A 57 -7.41 -9.09 -3.04
C GLY A 57 -6.33 -10.12 -3.31
N THR A 58 -5.60 -9.96 -4.42
CA THR A 58 -4.52 -10.87 -4.79
C THR A 58 -3.41 -10.85 -3.74
N LEU A 59 -3.16 -12.01 -3.14
CA LEU A 59 -2.13 -12.14 -2.11
C LEU A 59 -0.76 -11.86 -2.70
N VAL A 60 0.09 -11.17 -1.93
CA VAL A 60 1.44 -10.84 -2.38
C VAL A 60 2.47 -11.88 -1.90
N THR A 61 2.01 -13.12 -1.69
CA THR A 61 2.90 -14.19 -1.25
C THR A 61 4.09 -14.36 -2.21
N HIS A 62 3.84 -14.21 -3.51
CA HIS A 62 4.88 -14.33 -4.52
C HIS A 62 4.67 -13.34 -5.68
N SER A 63 4.08 -12.18 -5.37
CA SER A 63 3.81 -11.17 -6.37
C SER A 63 5.05 -10.31 -6.63
N ASN A 64 5.54 -10.36 -7.87
CA ASN A 64 6.73 -9.60 -8.25
C ASN A 64 6.44 -8.10 -8.27
N HIS A 65 7.50 -7.29 -8.45
CA HIS A 65 7.37 -5.84 -8.48
C HIS A 65 6.38 -5.40 -9.56
N LEU A 66 6.73 -5.65 -10.82
CA LEU A 66 5.88 -5.30 -11.96
C LEU A 66 4.46 -5.85 -11.78
N GLU A 67 4.35 -7.03 -11.16
CA GLU A 67 3.06 -7.67 -10.91
C GLU A 67 2.14 -6.76 -10.09
N VAL A 68 2.67 -6.25 -8.98
CA VAL A 68 1.90 -5.37 -8.10
C VAL A 68 1.45 -4.11 -8.83
N VAL A 69 2.41 -3.42 -9.44
CA VAL A 69 2.13 -2.20 -10.18
C VAL A 69 1.12 -2.45 -11.30
N LYS A 70 1.35 -3.50 -12.08
CA LYS A 70 0.45 -3.86 -13.17
C LYS A 70 -0.98 -4.06 -12.67
N LEU A 71 -1.12 -4.72 -11.53
CA LEU A 71 -2.43 -4.99 -10.93
C LEU A 71 -3.09 -3.69 -10.46
N ILE A 72 -2.32 -2.85 -9.78
CA ILE A 72 -2.84 -1.58 -9.28
C ILE A 72 -3.20 -0.64 -10.44
N LYS A 73 -2.35 -0.62 -11.48
CA LYS A 73 -2.58 0.23 -12.64
C LYS A 73 -3.79 -0.23 -13.45
N SER A 74 -4.04 -1.54 -13.48
CA SER A 74 -5.17 -2.08 -14.24
C SER A 74 -6.48 -1.88 -13.48
N GLY A 75 -6.90 -0.63 -13.34
CA GLY A 75 -8.13 -0.31 -12.64
C GLY A 75 -8.13 1.08 -12.05
N SER A 76 -9.30 1.74 -12.06
CA SER A 76 -9.43 3.08 -11.50
C SER A 76 -9.38 3.06 -9.98
N TYR A 77 -9.97 2.03 -9.38
CA TYR A 77 -10.00 1.87 -7.93
C TYR A 77 -9.26 0.60 -7.53
N VAL A 78 -8.47 0.68 -6.44
CA VAL A 78 -7.72 -0.48 -5.97
C VAL A 78 -7.77 -0.61 -4.45
N ALA A 79 -8.13 -1.81 -3.97
CA ALA A 79 -8.19 -2.07 -2.53
C ALA A 79 -7.08 -3.02 -2.12
N LEU A 80 -6.12 -2.49 -1.36
CA LEU A 80 -4.99 -3.30 -0.91
C LEU A 80 -5.05 -3.57 0.60
N THR A 81 -4.89 -4.84 0.99
CA THR A 81 -4.92 -5.21 2.39
C THR A 81 -3.59 -4.84 3.05
N VAL A 82 -3.64 -3.86 3.95
CA VAL A 82 -2.45 -3.37 4.64
C VAL A 82 -2.52 -3.59 6.15
N GLN A 83 -1.43 -3.24 6.83
CA GLN A 83 -1.33 -3.38 8.29
C GLN A 83 -0.45 -2.28 8.86
N GLY A 84 -0.76 -1.85 10.09
CA GLY A 84 0.02 -0.81 10.74
C GLY A 84 -0.62 -0.31 12.01
N ARG A 85 -0.52 0.99 12.25
CA ARG A 85 -1.10 1.61 13.44
C ARG A 85 -2.42 2.29 13.12
N PRO A 86 -3.28 2.51 14.14
CA PRO A 86 -4.59 3.15 13.95
C PRO A 86 -4.47 4.53 13.32
N PRO A 87 -5.38 4.87 12.37
CA PRO A 87 -5.37 6.17 11.68
C PRO A 87 -5.58 7.36 12.62
N GLY A 88 -5.75 8.55 12.06
CA GLY A 88 -5.95 9.74 12.85
C GLY A 88 -7.38 10.23 12.83
N SER A 89 -7.85 10.69 11.67
CA SER A 89 -9.21 11.19 11.52
C SER A 89 -9.98 10.39 10.47
N VAL B 1 21.39 -8.02 -2.35
CA VAL B 1 21.44 -7.09 -3.52
C VAL B 1 20.23 -7.28 -4.42
N GLU B 2 19.23 -6.40 -4.27
CA GLU B 2 18.02 -6.46 -5.07
C GLU B 2 17.16 -5.21 -4.87
N ASN B 3 16.78 -4.57 -5.97
CA ASN B 3 15.97 -3.36 -5.91
C ASN B 3 14.49 -3.68 -6.15
N LYS B 4 13.69 -3.58 -5.08
CA LYS B 4 12.26 -3.86 -5.16
C LYS B 4 11.44 -2.67 -4.65
N VAL B 5 11.87 -1.46 -5.01
CA VAL B 5 11.17 -0.25 -4.59
C VAL B 5 10.32 0.32 -5.72
N THR B 6 9.10 0.77 -5.38
CA THR B 6 8.18 1.33 -6.37
C THR B 6 7.77 2.75 -5.99
N ASP B 7 7.47 3.57 -6.99
CA ASP B 7 7.06 4.96 -6.76
C ASP B 7 5.86 5.32 -7.64
N LEU B 8 4.76 5.74 -7.01
CA LEU B 8 3.55 6.13 -7.73
C LEU B 8 3.03 7.49 -7.25
N GLY A 1 -8.25 -12.33 11.39
CA GLY A 1 -7.21 -11.52 12.07
C GLY A 1 -7.39 -11.49 13.57
N SER A 2 -6.38 -11.99 14.28
CA SER A 2 -6.42 -12.04 15.74
C SER A 2 -6.13 -10.67 16.34
N HIS A 3 -6.95 -10.29 17.33
CA HIS A 3 -6.80 -9.01 18.01
C HIS A 3 -5.58 -9.00 18.95
N MET A 4 -5.22 -7.81 19.44
CA MET A 4 -4.08 -7.65 20.35
C MET A 4 -2.75 -7.77 19.60
N GLY A 5 -1.75 -7.00 20.05
CA GLY A 5 -0.45 -7.04 19.41
C GLY A 5 -0.36 -6.16 18.17
N LEU A 6 -0.93 -6.64 17.07
CA LEU A 6 -0.92 -5.89 15.81
C LEU A 6 -2.34 -5.72 15.27
N VAL A 7 -2.54 -4.71 14.43
CA VAL A 7 -3.85 -4.44 13.84
C VAL A 7 -3.75 -4.27 12.32
N GLN A 8 -4.54 -5.07 11.60
CA GLN A 8 -4.56 -5.03 10.13
C GLN A 8 -5.81 -4.27 9.63
N ARG A 9 -5.65 -3.51 8.55
CA ARG A 9 -6.75 -2.74 7.97
C ARG A 9 -6.65 -2.68 6.44
N CYS A 10 -7.80 -2.59 5.78
CA CYS A 10 -7.84 -2.51 4.32
C CYS A 10 -8.10 -1.09 3.84
N VAL A 11 -7.21 -0.58 2.99
CA VAL A 11 -7.33 0.78 2.45
C VAL A 11 -7.69 0.75 0.97
N ILE A 12 -8.74 1.48 0.60
CA ILE A 12 -9.18 1.54 -0.79
C ILE A 12 -8.64 2.80 -1.48
N ILE A 13 -7.72 2.60 -2.42
CA ILE A 13 -7.13 3.72 -3.15
C ILE A 13 -7.82 3.94 -4.49
N GLN A 14 -8.16 5.19 -4.79
CA GLN A 14 -8.83 5.54 -6.04
C GLN A 14 -7.85 6.22 -7.02
N LYS A 15 -8.30 6.40 -8.26
CA LYS A 15 -7.47 7.03 -9.29
C LYS A 15 -7.76 8.52 -9.38
N ASP A 16 -6.70 9.32 -9.51
CA ASP A 16 -6.82 10.77 -9.60
C ASP A 16 -6.05 11.32 -10.80
N ASP A 17 -6.10 12.63 -10.98
CA ASP A 17 -5.38 13.29 -12.07
C ASP A 17 -3.88 13.01 -11.99
N ASN A 18 -3.37 12.90 -10.76
CA ASN A 18 -1.96 12.63 -10.53
C ASN A 18 -1.71 11.15 -10.16
N GLY A 19 -2.72 10.30 -10.37
CA GLY A 19 -2.59 8.88 -10.06
C GLY A 19 -2.77 8.58 -8.58
N PHE A 20 -2.25 7.43 -8.14
CA PHE A 20 -2.35 7.02 -6.74
C PHE A 20 -1.53 7.95 -5.84
N GLY A 21 -0.29 8.21 -6.24
CA GLY A 21 0.58 9.09 -5.47
C GLY A 21 1.07 8.46 -4.17
N LEU A 22 1.79 7.34 -4.28
CA LEU A 22 2.31 6.65 -3.09
C LEU A 22 3.62 5.93 -3.40
N THR A 23 4.49 5.85 -2.39
CA THR A 23 5.78 5.18 -2.54
C THR A 23 5.84 3.91 -1.68
N VAL A 24 6.08 2.76 -2.31
CA VAL A 24 6.16 1.49 -1.61
C VAL A 24 7.53 0.84 -1.76
N SER A 25 7.91 0.04 -0.75
CA SER A 25 9.19 -0.65 -0.74
C SER A 25 9.03 -2.07 -0.20
N GLY A 26 9.58 -3.05 -0.91
CA GLY A 26 9.49 -4.44 -0.49
C GLY A 26 8.51 -5.22 -1.34
N ASP A 27 8.41 -6.53 -1.08
CA ASP A 27 7.49 -7.38 -1.85
C ASP A 27 6.49 -8.08 -0.94
N ASN A 28 6.92 -9.17 -0.28
CA ASN A 28 6.02 -9.89 0.63
C ASN A 28 5.36 -8.90 1.59
N PRO A 29 6.17 -8.22 2.42
CA PRO A 29 5.69 -7.22 3.36
C PRO A 29 5.83 -5.82 2.78
N VAL A 30 5.06 -5.52 1.72
CA VAL A 30 5.13 -4.21 1.08
C VAL A 30 5.02 -3.10 2.11
N PHE A 31 5.97 -2.18 2.12
CA PHE A 31 5.97 -1.07 3.06
C PHE A 31 5.75 0.26 2.35
N VAL A 32 4.72 0.99 2.78
CA VAL A 32 4.42 2.29 2.20
C VAL A 32 5.24 3.38 2.89
N GLN A 33 6.24 3.89 2.18
CA GLN A 33 7.12 4.93 2.72
C GLN A 33 6.36 6.24 2.91
N SER A 34 5.91 6.83 1.81
CA SER A 34 5.18 8.10 1.87
C SER A 34 4.07 8.15 0.81
N VAL A 35 3.08 9.01 1.05
CA VAL A 35 1.95 9.17 0.12
C VAL A 35 1.58 10.64 -0.07
N LYS A 36 1.01 10.96 -1.24
CA LYS A 36 0.61 12.33 -1.56
C LYS A 36 -0.36 12.88 -0.52
N GLU A 37 -0.13 14.13 -0.11
CA GLU A 37 -0.99 14.78 0.88
C GLU A 37 -2.34 15.19 0.28
N ASP A 38 -2.33 15.70 -0.95
CA ASP A 38 -3.57 16.11 -1.62
C ASP A 38 -3.89 15.19 -2.79
N GLY A 39 -3.78 13.88 -2.53
CA GLY A 39 -4.07 12.89 -3.57
C GLY A 39 -4.97 11.78 -3.06
N ALA A 40 -5.35 10.88 -3.96
CA ALA A 40 -6.22 9.75 -3.62
C ALA A 40 -5.68 8.97 -2.42
N ALA A 41 -4.35 8.88 -2.30
CA ALA A 41 -3.72 8.18 -1.19
C ALA A 41 -4.21 8.73 0.15
N MET A 42 -3.92 10.01 0.41
CA MET A 42 -4.36 10.65 1.65
C MET A 42 -5.88 10.79 1.68
N ARG A 43 -6.48 11.02 0.51
CA ARG A 43 -7.94 11.16 0.43
C ARG A 43 -8.64 9.87 0.88
N ALA A 44 -8.01 8.72 0.60
CA ALA A 44 -8.57 7.42 0.98
C ALA A 44 -8.31 7.11 2.47
N GLY A 45 -7.39 7.86 3.09
CA GLY A 45 -7.08 7.64 4.50
C GLY A 45 -5.77 6.90 4.70
N VAL A 46 -4.80 7.12 3.80
CA VAL A 46 -3.51 6.46 3.89
C VAL A 46 -2.53 7.31 4.71
N GLN A 47 -1.75 6.65 5.56
CA GLN A 47 -0.78 7.35 6.41
C GLN A 47 0.64 7.08 5.94
N THR A 48 1.59 7.86 6.47
CA THR A 48 3.00 7.71 6.12
C THR A 48 3.68 6.66 7.00
N GLY A 49 3.93 5.49 6.43
CA GLY A 49 4.57 4.42 7.17
C GLY A 49 3.63 3.25 7.44
N ASP A 50 3.06 2.68 6.38
CA ASP A 50 2.14 1.55 6.51
C ASP A 50 2.78 0.27 5.95
N ARG A 51 2.22 -0.87 6.31
CA ARG A 51 2.72 -2.17 5.84
C ARG A 51 1.65 -2.92 5.03
N ILE A 52 1.56 -2.61 3.74
CA ILE A 52 0.57 -3.26 2.87
C ILE A 52 0.96 -4.71 2.60
N ILE A 53 0.01 -5.61 2.80
CA ILE A 53 0.24 -7.04 2.59
C ILE A 53 -0.51 -7.55 1.36
N LYS A 54 -1.70 -7.01 1.11
CA LYS A 54 -2.50 -7.45 -0.04
C LYS A 54 -2.97 -6.25 -0.87
N VAL A 55 -3.11 -6.47 -2.19
CA VAL A 55 -3.55 -5.41 -3.09
C VAL A 55 -4.75 -5.86 -3.93
N ASN A 56 -5.93 -5.37 -3.58
CA ASN A 56 -7.18 -5.70 -4.27
C ASN A 56 -7.43 -7.21 -4.22
N GLY A 57 -7.09 -7.83 -3.08
CA GLY A 57 -7.28 -9.26 -2.91
C GLY A 57 -6.04 -10.06 -3.31
N THR A 58 -5.41 -9.65 -4.41
CA THR A 58 -4.21 -10.32 -4.91
C THR A 58 -3.09 -10.29 -3.87
N LEU A 59 -2.70 -11.47 -3.39
CA LEU A 59 -1.63 -11.59 -2.38
C LEU A 59 -0.28 -11.27 -3.01
N VAL A 60 0.52 -10.46 -2.31
CA VAL A 60 1.85 -10.08 -2.79
C VAL A 60 2.93 -11.00 -2.21
N THR A 61 2.57 -12.27 -1.97
CA THR A 61 3.51 -13.25 -1.43
C THR A 61 4.19 -14.02 -2.56
N HIS A 62 3.45 -14.28 -3.64
CA HIS A 62 3.99 -15.00 -4.80
C HIS A 62 3.95 -14.15 -6.07
N SER A 63 4.01 -12.82 -5.90
CA SER A 63 3.99 -11.90 -7.03
C SER A 63 5.37 -11.31 -7.32
N ASN A 64 5.43 -10.43 -8.32
CA ASN A 64 6.69 -9.79 -8.71
C ASN A 64 6.60 -8.26 -8.57
N HIS A 65 7.75 -7.59 -8.59
CA HIS A 65 7.80 -6.14 -8.45
C HIS A 65 6.96 -5.44 -9.54
N LEU A 66 7.36 -5.61 -10.80
CA LEU A 66 6.65 -4.99 -11.92
C LEU A 66 5.21 -5.52 -12.01
N GLU A 67 4.99 -6.75 -11.54
CA GLU A 67 3.66 -7.36 -11.58
C GLU A 67 2.67 -6.58 -10.71
N VAL A 68 3.12 -6.18 -9.52
CA VAL A 68 2.27 -5.41 -8.59
C VAL A 68 1.89 -4.06 -9.19
N VAL A 69 2.89 -3.29 -9.63
CA VAL A 69 2.63 -1.98 -10.21
C VAL A 69 1.72 -2.08 -11.43
N LYS A 70 1.95 -3.09 -12.28
CA LYS A 70 1.13 -3.28 -13.47
C LYS A 70 -0.33 -3.56 -13.09
N LEU A 71 -0.53 -4.39 -12.07
CA LEU A 71 -1.88 -4.74 -11.62
C LEU A 71 -2.59 -3.51 -11.04
N ILE A 72 -1.88 -2.78 -10.16
CA ILE A 72 -2.46 -1.59 -9.54
C ILE A 72 -2.70 -0.49 -10.58
N LYS A 73 -1.76 -0.32 -11.50
CA LYS A 73 -1.89 0.69 -12.55
C LYS A 73 -3.01 0.32 -13.53
N SER A 74 -3.23 -0.98 -13.73
CA SER A 74 -4.28 -1.45 -14.63
C SER A 74 -5.65 -1.42 -13.94
N GLY A 75 -6.10 -0.20 -13.63
CA GLY A 75 -7.38 -0.04 -12.97
C GLY A 75 -7.56 1.34 -12.37
N SER A 76 -8.77 1.64 -11.89
CA SER A 76 -9.05 2.94 -11.30
C SER A 76 -8.81 2.92 -9.80
N TYR A 77 -9.68 2.23 -9.06
CA TYR A 77 -9.54 2.14 -7.61
C TYR A 77 -9.39 0.69 -7.17
N VAL A 78 -8.70 0.47 -6.05
CA VAL A 78 -8.47 -0.88 -5.52
C VAL A 78 -8.37 -0.88 -4.00
N ALA A 79 -8.83 -1.99 -3.39
CA ALA A 79 -8.78 -2.13 -1.93
C ALA A 79 -7.58 -2.99 -1.53
N LEU A 80 -6.59 -2.37 -0.88
CA LEU A 80 -5.39 -3.09 -0.46
C LEU A 80 -5.37 -3.32 1.05
N THR A 81 -5.13 -4.57 1.44
CA THR A 81 -5.07 -4.95 2.85
C THR A 81 -3.68 -4.63 3.41
N VAL A 82 -3.63 -3.70 4.35
CA VAL A 82 -2.38 -3.28 4.97
C VAL A 82 -2.38 -3.48 6.49
N GLN A 83 -1.23 -3.22 7.11
CA GLN A 83 -1.10 -3.37 8.56
C GLN A 83 -0.10 -2.35 9.12
N GLY A 84 -0.29 -1.96 10.38
CA GLY A 84 0.59 -1.01 11.01
C GLY A 84 0.59 -1.10 12.53
N ARG A 85 0.93 0.00 13.19
CA ARG A 85 0.97 0.05 14.65
C ARG A 85 0.45 1.39 15.16
N PRO A 86 -0.80 1.42 15.68
CA PRO A 86 -1.41 2.64 16.20
C PRO A 86 -0.73 3.14 17.47
N PRO A 87 -0.78 4.47 17.74
CA PRO A 87 -0.15 5.07 18.92
C PRO A 87 -0.60 4.41 20.22
N GLY A 88 0.36 4.19 21.12
CA GLY A 88 0.06 3.57 22.41
C GLY A 88 -0.06 4.60 23.52
N SER A 89 -0.69 5.73 23.22
CA SER A 89 -0.87 6.79 24.20
C SER A 89 -2.31 7.29 24.21
N VAL B 1 21.81 -9.16 -5.29
CA VAL B 1 20.36 -9.39 -5.54
C VAL B 1 19.63 -8.08 -5.80
N GLU B 2 18.67 -8.11 -6.74
CA GLU B 2 17.90 -6.92 -7.09
C GLU B 2 17.02 -6.45 -5.93
N ASN B 3 16.61 -5.19 -5.97
CA ASN B 3 15.77 -4.60 -4.93
C ASN B 3 14.30 -4.53 -5.36
N LYS B 4 13.44 -4.12 -4.43
CA LYS B 4 12.00 -4.01 -4.68
C LYS B 4 11.48 -2.63 -4.26
N VAL B 5 11.73 -1.61 -5.08
CA VAL B 5 11.28 -0.25 -4.79
C VAL B 5 10.35 0.27 -5.89
N THR B 6 9.26 0.92 -5.49
CA THR B 6 8.30 1.47 -6.45
C THR B 6 7.74 2.81 -5.98
N ASP B 7 7.25 3.61 -6.92
CA ASP B 7 6.68 4.92 -6.59
C ASP B 7 5.61 5.33 -7.60
N LEU B 8 4.71 6.20 -7.15
CA LEU B 8 3.61 6.68 -8.01
C LEU B 8 3.25 8.13 -7.68
N GLY A 1 5.30 -13.86 15.14
CA GLY A 1 4.89 -13.53 16.53
C GLY A 1 6.07 -13.15 17.42
N SER A 2 6.20 -13.85 18.56
CA SER A 2 7.29 -13.59 19.51
C SER A 2 7.29 -12.13 19.96
N HIS A 3 6.38 -11.81 20.88
CA HIS A 3 6.25 -10.46 21.43
C HIS A 3 6.02 -9.42 20.31
N MET A 4 4.78 -9.38 19.80
CA MET A 4 4.43 -8.44 18.73
C MET A 4 2.93 -8.12 18.75
N GLY A 5 2.54 -7.08 18.01
CA GLY A 5 1.14 -6.69 17.94
C GLY A 5 0.87 -5.67 16.84
N LEU A 6 0.22 -6.13 15.77
CA LEU A 6 -0.11 -5.27 14.63
C LEU A 6 -1.55 -5.49 14.16
N VAL A 7 -2.18 -4.44 13.63
CA VAL A 7 -3.55 -4.53 13.14
C VAL A 7 -3.63 -4.25 11.64
N GLN A 8 -4.23 -5.20 10.90
CA GLN A 8 -4.36 -5.07 9.45
C GLN A 8 -5.75 -4.56 9.06
N ARG A 9 -5.82 -3.80 7.97
CA ARG A 9 -7.09 -3.25 7.48
C ARG A 9 -7.07 -3.08 5.97
N CYS A 10 -8.26 -3.11 5.36
CA CYS A 10 -8.40 -2.95 3.91
C CYS A 10 -8.61 -1.49 3.53
N VAL A 11 -7.68 -0.94 2.74
CA VAL A 11 -7.77 0.45 2.30
C VAL A 11 -8.10 0.53 0.82
N ILE A 12 -9.07 1.37 0.47
CA ILE A 12 -9.48 1.53 -0.93
C ILE A 12 -8.76 2.72 -1.56
N ILE A 13 -7.84 2.42 -2.49
CA ILE A 13 -7.08 3.46 -3.19
C ILE A 13 -7.78 3.89 -4.47
N GLN A 14 -8.05 5.19 -4.59
CA GLN A 14 -8.71 5.73 -5.78
C GLN A 14 -7.76 6.63 -6.56
N LYS A 15 -7.34 6.17 -7.75
CA LYS A 15 -6.43 6.94 -8.60
C LYS A 15 -7.09 8.25 -9.05
N ASP A 16 -6.33 9.35 -8.97
CA ASP A 16 -6.82 10.67 -9.36
C ASP A 16 -6.12 11.17 -10.62
N ASP A 17 -6.43 12.40 -11.05
CA ASP A 17 -5.82 13.00 -12.24
C ASP A 17 -4.31 13.11 -12.11
N ASN A 18 -3.83 13.31 -10.88
CA ASN A 18 -2.40 13.43 -10.62
C ASN A 18 -1.80 12.07 -10.20
N GLY A 19 -2.57 10.99 -10.39
CA GLY A 19 -2.08 9.67 -10.04
C GLY A 19 -2.32 9.33 -8.57
N PHE A 20 -1.51 8.42 -8.03
CA PHE A 20 -1.62 8.01 -6.63
C PHE A 20 -0.85 8.98 -5.73
N GLY A 21 0.39 9.29 -6.11
CA GLY A 21 1.22 10.20 -5.34
C GLY A 21 1.71 9.58 -4.04
N LEU A 22 2.31 8.39 -4.14
CA LEU A 22 2.83 7.71 -2.96
C LEU A 22 4.04 6.85 -3.32
N THR A 23 4.96 6.70 -2.35
CA THR A 23 6.16 5.90 -2.55
C THR A 23 6.09 4.60 -1.76
N VAL A 24 6.47 3.49 -2.40
CA VAL A 24 6.44 2.18 -1.74
C VAL A 24 7.75 1.40 -1.93
N SER A 25 8.09 0.60 -0.93
CA SER A 25 9.31 -0.21 -0.96
C SER A 25 9.04 -1.61 -0.43
N GLY A 26 9.93 -2.55 -0.73
CA GLY A 26 9.75 -3.92 -0.27
C GLY A 26 8.98 -4.76 -1.27
N ASP A 27 8.54 -5.95 -0.85
CA ASP A 27 7.79 -6.83 -1.75
C ASP A 27 6.59 -7.46 -1.04
N ASN A 28 6.80 -8.56 -0.30
CA ASN A 28 5.70 -9.21 0.41
C ASN A 28 4.92 -8.17 1.21
N PRO A 29 5.59 -7.51 2.18
CA PRO A 29 4.99 -6.47 2.99
C PRO A 29 5.30 -5.09 2.42
N VAL A 30 4.74 -4.80 1.24
CA VAL A 30 4.99 -3.51 0.57
C VAL A 30 4.82 -2.35 1.56
N PHE A 31 5.91 -1.65 1.87
CA PHE A 31 5.85 -0.54 2.82
C PHE A 31 5.78 0.80 2.12
N VAL A 32 4.74 1.57 2.45
CA VAL A 32 4.53 2.89 1.88
C VAL A 32 5.33 3.92 2.68
N GLN A 33 6.30 4.56 2.02
CA GLN A 33 7.15 5.55 2.66
C GLN A 33 6.43 6.89 2.78
N SER A 34 6.15 7.53 1.64
CA SER A 34 5.47 8.82 1.64
C SER A 34 4.18 8.75 0.82
N VAL A 35 3.18 9.54 1.22
CA VAL A 35 1.90 9.58 0.53
C VAL A 35 1.39 11.01 0.40
N LYS A 36 0.61 11.27 -0.65
CA LYS A 36 0.06 12.60 -0.89
C LYS A 36 -0.94 12.97 0.19
N GLU A 37 -0.48 13.69 1.21
CA GLU A 37 -1.33 14.12 2.32
C GLU A 37 -2.58 14.85 1.81
N ASP A 38 -2.44 15.56 0.69
CA ASP A 38 -3.57 16.30 0.11
C ASP A 38 -3.97 15.69 -1.25
N GLY A 39 -3.88 14.37 -1.35
CA GLY A 39 -4.23 13.69 -2.58
C GLY A 39 -4.94 12.38 -2.36
N ALA A 40 -5.18 11.64 -3.46
CA ALA A 40 -5.86 10.35 -3.41
C ALA A 40 -5.21 9.40 -2.39
N ALA A 41 -3.88 9.43 -2.30
CA ALA A 41 -3.16 8.58 -1.36
C ALA A 41 -3.70 8.72 0.05
N MET A 42 -3.70 9.94 0.56
CA MET A 42 -4.21 10.22 1.90
C MET A 42 -5.74 10.15 1.92
N ARG A 43 -6.37 10.65 0.87
CA ARG A 43 -7.83 10.63 0.77
C ARG A 43 -8.38 9.21 0.88
N ALA A 44 -7.63 8.24 0.34
CA ALA A 44 -8.03 6.84 0.36
C ALA A 44 -7.84 6.22 1.75
N GLY A 45 -7.06 6.88 2.61
CA GLY A 45 -6.82 6.37 3.95
C GLY A 45 -5.41 5.83 4.12
N VAL A 46 -4.50 6.16 3.19
CA VAL A 46 -3.13 5.70 3.26
C VAL A 46 -2.23 6.75 3.93
N GLN A 47 -1.59 6.36 5.03
CA GLN A 47 -0.72 7.26 5.78
C GLN A 47 0.74 7.01 5.45
N THR A 48 1.62 7.91 5.88
CA THR A 48 3.05 7.78 5.64
C THR A 48 3.65 6.73 6.58
N GLY A 49 4.03 5.58 6.01
CA GLY A 49 4.60 4.51 6.80
C GLY A 49 3.62 3.39 7.08
N ASP A 50 3.12 2.76 6.02
CA ASP A 50 2.16 1.66 6.15
C ASP A 50 2.67 0.39 5.49
N ARG A 51 2.17 -0.77 5.94
CA ARG A 51 2.59 -2.05 5.39
C ARG A 51 1.48 -2.67 4.52
N ILE A 52 1.85 -3.28 3.41
CA ILE A 52 0.88 -3.89 2.50
C ILE A 52 0.93 -5.41 2.61
N ILE A 53 -0.23 -6.01 2.90
CA ILE A 53 -0.36 -7.45 3.03
C ILE A 53 -1.02 -8.04 1.77
N LYS A 54 -1.97 -7.31 1.17
CA LYS A 54 -2.66 -7.78 -0.03
C LYS A 54 -3.08 -6.60 -0.93
N VAL A 55 -3.36 -6.89 -2.20
CA VAL A 55 -3.79 -5.87 -3.16
C VAL A 55 -4.99 -6.34 -3.98
N ASN A 56 -6.12 -5.64 -3.81
CA ASN A 56 -7.36 -5.96 -4.52
C ASN A 56 -7.76 -7.43 -4.30
N GLY A 57 -7.75 -7.86 -3.03
CA GLY A 57 -8.11 -9.23 -2.70
C GLY A 57 -7.14 -10.25 -3.29
N THR A 58 -5.87 -9.85 -3.47
CA THR A 58 -4.86 -10.74 -4.03
C THR A 58 -3.64 -10.79 -3.12
N LEU A 59 -3.25 -11.99 -2.70
CA LEU A 59 -2.09 -12.17 -1.82
C LEU A 59 -0.81 -11.73 -2.52
N VAL A 60 -0.08 -10.80 -1.91
CA VAL A 60 1.17 -10.31 -2.48
C VAL A 60 2.38 -11.07 -1.92
N THR A 61 2.19 -12.37 -1.67
CA THR A 61 3.27 -13.21 -1.15
C THR A 61 4.02 -13.92 -2.28
N HIS A 62 3.31 -14.16 -3.39
CA HIS A 62 3.91 -14.83 -4.54
C HIS A 62 3.85 -13.94 -5.80
N SER A 63 4.23 -12.67 -5.63
CA SER A 63 4.20 -11.72 -6.74
C SER A 63 5.55 -11.00 -6.91
N ASN A 64 5.87 -10.64 -8.15
CA ASN A 64 7.12 -9.95 -8.46
C ASN A 64 6.95 -8.43 -8.42
N HIS A 65 8.05 -7.71 -8.66
CA HIS A 65 8.04 -6.24 -8.66
C HIS A 65 7.04 -5.70 -9.67
N LEU A 66 7.32 -5.92 -10.96
CA LEU A 66 6.44 -5.46 -12.04
C LEU A 66 5.02 -6.02 -11.87
N GLU A 67 4.91 -7.22 -11.30
CA GLU A 67 3.62 -7.85 -11.09
C GLU A 67 2.69 -6.97 -10.23
N VAL A 68 3.21 -6.51 -9.09
CA VAL A 68 2.43 -5.67 -8.19
C VAL A 68 2.02 -4.36 -8.86
N VAL A 69 2.99 -3.64 -9.41
CA VAL A 69 2.70 -2.37 -10.08
C VAL A 69 1.71 -2.55 -11.25
N LYS A 70 1.88 -3.64 -12.00
CA LYS A 70 0.98 -3.93 -13.13
C LYS A 70 -0.45 -4.15 -12.64
N LEU A 71 -0.60 -4.86 -11.52
CA LEU A 71 -1.92 -5.13 -10.96
C LEU A 71 -2.58 -3.85 -10.46
N ILE A 72 -1.83 -3.06 -9.69
CA ILE A 72 -2.36 -1.79 -9.16
C ILE A 72 -2.63 -0.80 -10.28
N LYS A 73 -1.72 -0.74 -11.27
CA LYS A 73 -1.88 0.16 -12.40
C LYS A 73 -3.06 -0.27 -13.29
N SER A 74 -3.34 -1.57 -13.32
CA SER A 74 -4.45 -2.09 -14.13
C SER A 74 -5.79 -1.81 -13.46
N GLY A 75 -6.16 -0.54 -13.41
CA GLY A 75 -7.42 -0.13 -12.80
C GLY A 75 -7.32 1.22 -12.13
N SER A 76 -8.42 1.97 -12.11
CA SER A 76 -8.44 3.29 -11.49
C SER A 76 -8.30 3.19 -9.98
N TYR A 77 -9.26 2.52 -9.33
CA TYR A 77 -9.22 2.35 -7.88
C TYR A 77 -9.17 0.87 -7.51
N VAL A 78 -8.53 0.57 -6.38
CA VAL A 78 -8.40 -0.81 -5.91
C VAL A 78 -8.33 -0.88 -4.38
N ALA A 79 -8.86 -1.97 -3.81
CA ALA A 79 -8.84 -2.15 -2.36
C ALA A 79 -7.63 -2.98 -1.95
N LEU A 80 -6.69 -2.35 -1.26
CA LEU A 80 -5.47 -3.01 -0.82
C LEU A 80 -5.48 -3.27 0.68
N THR A 81 -5.19 -4.52 1.07
CA THR A 81 -5.15 -4.89 2.47
C THR A 81 -3.78 -4.53 3.06
N VAL A 82 -3.77 -3.54 3.96
CA VAL A 82 -2.54 -3.08 4.59
C VAL A 82 -2.54 -3.31 6.10
N GLN A 83 -1.41 -3.01 6.74
CA GLN A 83 -1.25 -3.17 8.18
C GLN A 83 -0.29 -2.12 8.73
N GLY A 84 -0.50 -1.72 9.99
CA GLY A 84 0.36 -0.72 10.60
C GLY A 84 0.12 -0.56 12.09
N ARG A 85 0.39 0.64 12.60
CA ARG A 85 0.20 0.92 14.02
C ARG A 85 -0.65 2.20 14.21
N PRO A 86 -1.97 2.09 14.00
CA PRO A 86 -2.89 3.22 14.13
C PRO A 86 -3.07 3.66 15.59
N PRO A 87 -2.55 4.86 15.93
CA PRO A 87 -2.64 5.42 17.28
C PRO A 87 -4.06 5.84 17.67
N GLY A 88 -4.30 6.00 18.96
CA GLY A 88 -5.61 6.39 19.44
C GLY A 88 -5.54 7.42 20.55
N SER A 89 -5.65 8.70 20.18
CA SER A 89 -5.61 9.80 21.15
C SER A 89 -6.28 11.04 20.59
N VAL B 1 17.70 -8.70 -7.98
CA VAL B 1 18.60 -9.33 -6.98
C VAL B 1 18.28 -8.84 -5.57
N GLU B 2 18.57 -7.57 -5.30
CA GLU B 2 18.30 -6.98 -3.99
C GLU B 2 17.55 -5.65 -4.13
N ASN B 3 16.73 -5.52 -5.17
CA ASN B 3 15.97 -4.31 -5.40
C ASN B 3 14.48 -4.61 -5.55
N LYS B 4 13.65 -3.89 -4.77
CA LYS B 4 12.21 -4.08 -4.81
C LYS B 4 11.48 -2.77 -4.46
N VAL B 5 11.94 -1.67 -5.04
CA VAL B 5 11.33 -0.37 -4.79
C VAL B 5 10.45 0.07 -5.97
N THR B 6 9.27 0.60 -5.67
CA THR B 6 8.34 1.04 -6.71
C THR B 6 7.61 2.32 -6.30
N ASP B 7 7.11 3.06 -7.29
CA ASP B 7 6.38 4.29 -7.00
C ASP B 7 4.89 4.09 -7.28
N LEU B 8 4.07 5.00 -6.74
CA LEU B 8 2.61 4.93 -6.91
C LEU B 8 2.06 3.53 -6.61
N GLY A 1 -11.92 -7.52 18.90
CA GLY A 1 -10.96 -8.46 19.56
C GLY A 1 -10.09 -9.21 18.56
N SER A 2 -9.58 -10.37 18.97
CA SER A 2 -8.73 -11.20 18.11
C SER A 2 -7.51 -10.42 17.61
N HIS A 3 -6.55 -10.21 18.51
CA HIS A 3 -5.33 -9.47 18.17
C HIS A 3 -4.10 -10.21 18.68
N MET A 4 -3.18 -10.55 17.77
CA MET A 4 -1.95 -11.24 18.14
C MET A 4 -0.74 -10.32 17.99
N GLY A 5 -0.94 -9.03 18.26
CA GLY A 5 0.15 -8.06 18.15
C GLY A 5 -0.29 -6.73 17.59
N LEU A 6 -0.39 -6.64 16.26
CA LEU A 6 -0.80 -5.41 15.60
C LEU A 6 -2.18 -5.59 14.94
N VAL A 7 -2.67 -4.52 14.31
CA VAL A 7 -3.98 -4.53 13.66
C VAL A 7 -3.85 -4.25 12.16
N GLN A 8 -4.62 -5.00 11.36
CA GLN A 8 -4.60 -4.83 9.90
C GLN A 8 -5.78 -3.98 9.42
N ARG A 9 -5.59 -3.29 8.29
CA ARG A 9 -6.64 -2.43 7.73
C ARG A 9 -6.55 -2.36 6.20
N CYS A 10 -7.69 -2.18 5.55
CA CYS A 10 -7.75 -2.09 4.09
C CYS A 10 -8.04 -0.65 3.63
N VAL A 11 -7.32 -0.20 2.60
CA VAL A 11 -7.50 1.14 2.07
C VAL A 11 -7.78 1.11 0.57
N ILE A 12 -8.89 1.72 0.14
CA ILE A 12 -9.26 1.74 -1.28
C ILE A 12 -8.79 3.03 -1.95
N ILE A 13 -7.79 2.90 -2.83
CA ILE A 13 -7.24 4.05 -3.55
C ILE A 13 -7.85 4.17 -4.95
N GLN A 14 -8.27 5.38 -5.31
CA GLN A 14 -8.87 5.65 -6.62
C GLN A 14 -8.02 6.65 -7.41
N LYS A 15 -7.57 6.24 -8.60
CA LYS A 15 -6.75 7.12 -9.45
C LYS A 15 -7.54 8.35 -9.88
N ASP A 16 -6.84 9.49 -9.92
CA ASP A 16 -7.46 10.76 -10.31
C ASP A 16 -6.50 11.58 -11.16
N ASP A 17 -6.88 12.83 -11.45
CA ASP A 17 -6.04 13.73 -12.26
C ASP A 17 -4.66 13.90 -11.64
N ASN A 18 -4.60 13.90 -10.30
CA ASN A 18 -3.34 14.05 -9.59
C ASN A 18 -2.57 12.73 -9.48
N GLY A 19 -3.25 11.62 -9.78
CA GLY A 19 -2.59 10.31 -9.71
C GLY A 19 -2.73 9.65 -8.34
N PHE A 20 -2.05 8.52 -8.16
CA PHE A 20 -2.07 7.79 -6.89
C PHE A 20 -1.31 8.55 -5.81
N GLY A 21 -0.04 8.87 -6.11
CA GLY A 21 0.79 9.61 -5.17
C GLY A 21 1.15 8.78 -3.95
N LEU A 22 1.73 7.59 -4.17
CA LEU A 22 2.12 6.72 -3.07
C LEU A 22 3.34 5.87 -3.45
N THR A 23 4.25 5.68 -2.49
CA THR A 23 5.45 4.90 -2.71
C THR A 23 5.57 3.77 -1.67
N VAL A 24 5.70 2.54 -2.17
CA VAL A 24 5.82 1.37 -1.29
C VAL A 24 7.15 0.66 -1.51
N SER A 25 7.73 0.17 -0.41
CA SER A 25 9.01 -0.53 -0.46
C SER A 25 8.93 -1.87 0.28
N GLY A 26 9.88 -2.76 -0.01
CA GLY A 26 9.90 -4.06 0.64
C GLY A 26 8.99 -5.07 -0.04
N ASP A 27 9.27 -6.35 0.18
CA ASP A 27 8.46 -7.43 -0.41
C ASP A 27 7.53 -8.03 0.65
N ASN A 28 6.83 -9.12 0.27
CA ASN A 28 5.88 -9.81 1.15
C ASN A 28 5.19 -8.80 2.09
N PRO A 29 5.69 -8.56 3.32
CA PRO A 29 5.11 -7.56 4.23
C PRO A 29 5.53 -6.15 3.78
N VAL A 30 5.16 -5.80 2.55
CA VAL A 30 5.51 -4.50 1.96
C VAL A 30 5.14 -3.36 2.90
N PHE A 31 5.91 -2.28 2.87
CA PHE A 31 5.65 -1.12 3.72
C PHE A 31 5.57 0.17 2.91
N VAL A 32 4.54 0.97 3.16
CA VAL A 32 4.36 2.24 2.47
C VAL A 32 5.35 3.26 2.99
N GLN A 33 6.20 3.78 2.09
CA GLN A 33 7.21 4.76 2.45
C GLN A 33 6.61 6.16 2.57
N SER A 34 6.24 6.76 1.43
CA SER A 34 5.66 8.10 1.42
C SER A 34 4.38 8.14 0.59
N VAL A 35 3.41 8.93 1.05
CA VAL A 35 2.13 9.07 0.35
C VAL A 35 1.70 10.54 0.30
N LYS A 36 1.10 10.93 -0.83
CA LYS A 36 0.64 12.31 -1.01
C LYS A 36 -0.46 12.66 -0.01
N GLU A 37 -0.22 13.71 0.78
CA GLU A 37 -1.17 14.17 1.78
C GLU A 37 -2.46 14.68 1.13
N ASP A 38 -2.32 15.41 0.03
CA ASP A 38 -3.48 15.96 -0.68
C ASP A 38 -3.77 15.14 -1.95
N GLY A 39 -3.65 13.81 -1.84
CA GLY A 39 -3.91 12.95 -2.98
C GLY A 39 -4.76 11.74 -2.61
N ALA A 40 -5.03 10.89 -3.59
CA ALA A 40 -5.83 9.68 -3.38
C ALA A 40 -5.30 8.84 -2.21
N ALA A 41 -3.97 8.83 -2.04
CA ALA A 41 -3.34 8.07 -0.97
C ALA A 41 -3.94 8.45 0.39
N MET A 42 -3.76 9.72 0.78
CA MET A 42 -4.30 10.20 2.05
C MET A 42 -5.81 10.29 2.00
N ARG A 43 -6.35 10.71 0.86
CA ARG A 43 -7.81 10.83 0.69
C ARG A 43 -8.50 9.48 0.92
N ALA A 44 -7.81 8.39 0.57
CA ALA A 44 -8.36 7.04 0.74
C ALA A 44 -8.13 6.50 2.16
N GLY A 45 -7.25 7.13 2.92
CA GLY A 45 -6.96 6.69 4.28
C GLY A 45 -5.53 6.20 4.45
N VAL A 46 -4.84 5.95 3.35
CA VAL A 46 -3.45 5.47 3.38
C VAL A 46 -2.54 6.50 4.06
N GLN A 47 -1.54 6.01 4.79
CA GLN A 47 -0.61 6.87 5.49
C GLN A 47 0.84 6.45 5.23
N THR A 48 1.79 7.27 5.71
CA THR A 48 3.21 6.98 5.54
C THR A 48 3.70 6.01 6.60
N GLY A 49 4.61 5.13 6.22
CA GLY A 49 5.15 4.15 7.15
C GLY A 49 4.16 3.02 7.43
N ASP A 50 3.26 2.75 6.48
CA ASP A 50 2.27 1.69 6.63
C ASP A 50 2.87 0.33 6.28
N ARG A 51 2.12 -0.75 6.52
CA ARG A 51 2.59 -2.10 6.22
C ARG A 51 1.64 -2.81 5.24
N ILE A 52 1.76 -2.49 3.95
CA ILE A 52 0.90 -3.10 2.93
C ILE A 52 1.25 -4.59 2.74
N ILE A 53 0.28 -5.45 3.06
CA ILE A 53 0.46 -6.89 2.94
C ILE A 53 -0.16 -7.44 1.66
N LYS A 54 -1.33 -6.92 1.28
CA LYS A 54 -2.01 -7.37 0.06
C LYS A 54 -2.63 -6.21 -0.71
N VAL A 55 -3.05 -6.48 -1.95
CA VAL A 55 -3.68 -5.45 -2.79
C VAL A 55 -4.84 -6.03 -3.60
N ASN A 56 -6.06 -5.64 -3.21
CA ASN A 56 -7.27 -6.11 -3.89
C ASN A 56 -7.38 -7.64 -3.83
N GLY A 57 -6.92 -8.22 -2.72
CA GLY A 57 -6.97 -9.66 -2.56
C GLY A 57 -5.69 -10.34 -3.04
N THR A 58 -5.14 -9.83 -4.15
CA THR A 58 -3.92 -10.38 -4.72
C THR A 58 -2.72 -10.11 -3.79
N LEU A 59 -2.38 -11.11 -2.98
CA LEU A 59 -1.28 -11.01 -2.03
C LEU A 59 0.04 -10.72 -2.74
N VAL A 60 0.84 -9.82 -2.17
CA VAL A 60 2.13 -9.46 -2.75
C VAL A 60 3.28 -10.22 -2.08
N THR A 61 3.02 -11.47 -1.71
CA THR A 61 4.04 -12.31 -1.07
C THR A 61 4.52 -13.41 -2.03
N HIS A 62 4.24 -13.24 -3.32
CA HIS A 62 4.65 -14.22 -4.34
C HIS A 62 4.37 -13.67 -5.75
N SER A 63 4.73 -12.41 -5.98
CA SER A 63 4.52 -11.77 -7.28
C SER A 63 5.73 -10.91 -7.69
N ASN A 64 5.81 -10.59 -8.99
CA ASN A 64 6.91 -9.78 -9.52
C ASN A 64 6.63 -8.28 -9.36
N HIS A 65 7.68 -7.47 -9.52
CA HIS A 65 7.56 -6.02 -9.40
C HIS A 65 6.59 -5.47 -10.42
N LEU A 66 6.94 -5.56 -11.71
CA LEU A 66 6.09 -5.06 -12.79
C LEU A 66 4.70 -5.69 -12.73
N GLU A 67 4.61 -6.93 -12.24
CA GLU A 67 3.33 -7.61 -12.13
C GLU A 67 2.39 -6.87 -11.18
N VAL A 68 2.90 -6.50 -10.01
CA VAL A 68 2.09 -5.79 -9.02
C VAL A 68 1.62 -4.44 -9.55
N VAL A 69 2.56 -3.62 -10.05
CA VAL A 69 2.23 -2.30 -10.58
C VAL A 69 1.27 -2.42 -11.77
N LYS A 70 1.50 -3.39 -12.65
CA LYS A 70 0.64 -3.60 -13.81
C LYS A 70 -0.79 -3.90 -13.38
N LEU A 71 -0.94 -4.78 -12.39
CA LEU A 71 -2.25 -5.17 -11.88
C LEU A 71 -2.98 -3.95 -11.28
N ILE A 72 -2.28 -3.20 -10.44
CA ILE A 72 -2.88 -2.02 -9.80
C ILE A 72 -3.20 -0.95 -10.84
N LYS A 73 -2.26 -0.72 -11.78
CA LYS A 73 -2.45 0.27 -12.83
C LYS A 73 -3.55 -0.14 -13.81
N SER A 74 -3.80 -1.45 -13.94
CA SER A 74 -4.82 -1.96 -14.85
C SER A 74 -6.20 -1.34 -14.55
N GLY A 75 -6.47 -1.07 -13.27
CA GLY A 75 -7.73 -0.48 -12.88
C GLY A 75 -7.58 0.93 -12.33
N SER A 76 -8.65 1.73 -12.42
CA SER A 76 -8.63 3.09 -11.92
C SER A 76 -8.40 3.12 -10.42
N TYR A 77 -9.24 2.40 -9.68
CA TYR A 77 -9.12 2.33 -8.22
C TYR A 77 -8.84 0.91 -7.77
N VAL A 78 -8.01 0.76 -6.74
CA VAL A 78 -7.65 -0.55 -6.21
C VAL A 78 -7.61 -0.53 -4.67
N ALA A 79 -7.94 -1.67 -4.07
CA ALA A 79 -7.93 -1.80 -2.62
C ALA A 79 -6.56 -2.28 -2.15
N LEU A 80 -6.10 -1.76 -1.02
CA LEU A 80 -4.80 -2.13 -0.47
C LEU A 80 -4.92 -2.61 0.96
N THR A 81 -4.61 -3.89 1.19
CA THR A 81 -4.67 -4.48 2.52
C THR A 81 -3.35 -4.23 3.23
N VAL A 82 -3.34 -3.24 4.13
CA VAL A 82 -2.14 -2.88 4.88
C VAL A 82 -2.30 -3.11 6.38
N GLN A 83 -1.23 -2.87 7.13
CA GLN A 83 -1.23 -3.05 8.56
C GLN A 83 -0.46 -1.91 9.25
N GLY A 84 -0.87 -1.58 10.48
CA GLY A 84 -0.21 -0.52 11.22
C GLY A 84 -0.74 -0.39 12.64
N ARG A 85 0.15 -0.12 13.59
CA ARG A 85 -0.24 0.03 14.99
C ARG A 85 0.62 1.10 15.68
N PRO A 86 0.08 2.33 15.83
CA PRO A 86 0.80 3.43 16.47
C PRO A 86 1.18 3.12 17.92
N PRO A 87 2.17 3.84 18.48
CA PRO A 87 2.64 3.63 19.86
C PRO A 87 1.55 3.88 20.91
N GLY A 88 1.92 3.77 22.18
CA GLY A 88 0.98 3.98 23.26
C GLY A 88 1.48 3.40 24.58
N SER A 89 2.03 2.19 24.53
CA SER A 89 2.53 1.53 25.73
C SER A 89 3.78 0.71 25.42
N VAL B 1 16.50 -4.27 -10.98
CA VAL B 1 16.38 -3.95 -9.53
C VAL B 1 16.46 -5.23 -8.68
N GLU B 2 17.28 -5.18 -7.64
CA GLU B 2 17.47 -6.32 -6.74
C GLU B 2 16.29 -6.44 -5.77
N ASN B 3 16.07 -5.39 -4.98
CA ASN B 3 14.98 -5.36 -4.00
C ASN B 3 13.65 -5.05 -4.69
N LYS B 4 12.56 -5.08 -3.91
CA LYS B 4 11.23 -4.81 -4.45
C LYS B 4 10.72 -3.44 -4.00
N VAL B 5 10.84 -2.44 -4.87
CA VAL B 5 10.40 -1.08 -4.56
C VAL B 5 9.62 -0.48 -5.74
N THR B 6 8.50 0.20 -5.44
CA THR B 6 7.67 0.81 -6.50
C THR B 6 7.08 2.13 -6.01
N ASP B 7 6.63 2.97 -6.96
CA ASP B 7 6.03 4.26 -6.63
C ASP B 7 5.04 4.70 -7.70
N LEU B 8 4.16 5.62 -7.35
CA LEU B 8 3.15 6.13 -8.29
C LEU B 8 3.00 7.64 -8.15
N GLY A 1 2.50 -5.11 29.90
CA GLY A 1 1.59 -4.46 28.92
C GLY A 1 1.13 -5.39 27.83
N SER A 2 0.25 -4.90 26.95
CA SER A 2 -0.26 -5.70 25.84
C SER A 2 0.67 -5.63 24.63
N HIS A 3 1.37 -6.72 24.35
CA HIS A 3 2.29 -6.79 23.22
C HIS A 3 1.61 -7.40 22.00
N MET A 4 2.33 -7.41 20.87
CA MET A 4 1.79 -7.97 19.62
C MET A 4 0.53 -7.21 19.18
N GLY A 5 0.52 -5.90 19.38
CA GLY A 5 -0.62 -5.08 19.00
C GLY A 5 -0.58 -4.66 17.55
N LEU A 6 -0.73 -5.63 16.65
CA LEU A 6 -0.71 -5.38 15.21
C LEU A 6 -2.10 -5.56 14.60
N VAL A 7 -2.58 -4.53 13.90
CA VAL A 7 -3.91 -4.58 13.28
C VAL A 7 -3.83 -4.26 11.79
N GLN A 8 -4.52 -5.06 10.97
CA GLN A 8 -4.55 -4.85 9.52
C GLN A 8 -5.86 -4.22 9.06
N ARG A 9 -5.80 -3.47 7.96
CA ARG A 9 -6.98 -2.79 7.41
C ARG A 9 -6.89 -2.67 5.89
N CYS A 10 -8.05 -2.72 5.23
CA CYS A 10 -8.12 -2.59 3.77
C CYS A 10 -8.26 -1.13 3.35
N VAL A 11 -7.35 -0.66 2.51
CA VAL A 11 -7.37 0.71 2.03
C VAL A 11 -7.74 0.78 0.55
N ILE A 12 -8.85 1.46 0.24
CA ILE A 12 -9.33 1.58 -1.13
C ILE A 12 -8.88 2.91 -1.74
N ILE A 13 -8.06 2.85 -2.79
CA ILE A 13 -7.56 4.06 -3.46
C ILE A 13 -8.08 4.15 -4.90
N GLN A 14 -8.64 5.32 -5.24
CA GLN A 14 -9.18 5.56 -6.58
C GLN A 14 -8.30 6.55 -7.34
N LYS A 15 -7.88 6.18 -8.56
CA LYS A 15 -7.05 7.04 -9.39
C LYS A 15 -7.76 8.35 -9.72
N ASP A 16 -7.09 9.49 -9.45
CA ASP A 16 -7.66 10.80 -9.72
C ASP A 16 -6.78 11.59 -10.69
N ASP A 17 -7.09 12.88 -10.86
CA ASP A 17 -6.31 13.74 -11.76
C ASP A 17 -4.82 13.73 -11.41
N ASN A 18 -4.52 13.63 -10.11
CA ASN A 18 -3.13 13.61 -9.65
C ASN A 18 -2.64 12.18 -9.40
N GLY A 19 -3.41 11.18 -9.86
CA GLY A 19 -3.03 9.79 -9.67
C GLY A 19 -3.07 9.36 -8.22
N PHE A 20 -2.47 8.20 -7.91
CA PHE A 20 -2.43 7.69 -6.55
C PHE A 20 -1.50 8.53 -5.69
N GLY A 21 -0.27 8.70 -6.17
CA GLY A 21 0.72 9.48 -5.44
C GLY A 21 1.19 8.80 -4.17
N LEU A 22 1.70 7.58 -4.29
CA LEU A 22 2.19 6.83 -3.14
C LEU A 22 3.33 5.89 -3.54
N THR A 23 4.37 5.84 -2.72
CA THR A 23 5.54 4.99 -2.99
C THR A 23 5.56 3.78 -2.05
N VAL A 24 5.90 2.61 -2.61
CA VAL A 24 5.95 1.39 -1.83
C VAL A 24 7.31 0.69 -1.98
N SER A 25 7.71 -0.03 -0.93
CA SER A 25 8.98 -0.76 -0.91
C SER A 25 8.78 -2.18 -0.38
N GLY A 26 9.74 -3.07 -0.64
CA GLY A 26 9.64 -4.44 -0.17
C GLY A 26 8.86 -5.33 -1.12
N ASP A 27 8.45 -6.52 -0.65
CA ASP A 27 7.69 -7.44 -1.49
C ASP A 27 6.54 -8.08 -0.70
N ASN A 28 6.76 -9.29 -0.15
CA ASN A 28 5.72 -9.97 0.62
C ASN A 28 5.02 -8.97 1.56
N PRO A 29 5.77 -8.39 2.52
CA PRO A 29 5.25 -7.39 3.42
C PRO A 29 5.55 -5.99 2.88
N VAL A 30 5.03 -5.69 1.69
CA VAL A 30 5.28 -4.40 1.05
C VAL A 30 4.94 -3.26 2.01
N PHE A 31 5.78 -2.24 2.06
CA PHE A 31 5.54 -1.11 2.96
C PHE A 31 5.56 0.22 2.21
N VAL A 32 4.51 1.01 2.44
CA VAL A 32 4.38 2.32 1.81
C VAL A 32 5.33 3.33 2.47
N GLN A 33 6.17 3.95 1.64
CA GLN A 33 7.14 4.92 2.14
C GLN A 33 6.50 6.31 2.31
N SER A 34 6.11 6.93 1.19
CA SER A 34 5.48 8.25 1.21
C SER A 34 4.21 8.27 0.38
N VAL A 35 3.27 9.13 0.78
CA VAL A 35 1.99 9.28 0.08
C VAL A 35 1.60 10.75 -0.04
N LYS A 36 0.83 11.07 -1.09
CA LYS A 36 0.38 12.44 -1.34
C LYS A 36 -0.58 12.90 -0.23
N GLU A 37 -0.07 13.76 0.67
CA GLU A 37 -0.86 14.29 1.77
C GLU A 37 -2.10 15.03 1.26
N ASP A 38 -1.99 15.65 0.09
CA ASP A 38 -3.10 16.38 -0.50
C ASP A 38 -3.58 15.70 -1.78
N GLY A 39 -3.67 14.37 -1.75
CA GLY A 39 -4.11 13.60 -2.90
C GLY A 39 -4.99 12.42 -2.53
N ALA A 40 -5.38 11.64 -3.54
CA ALA A 40 -6.23 10.47 -3.33
C ALA A 40 -5.66 9.55 -2.25
N ALA A 41 -4.33 9.40 -2.20
CA ALA A 41 -3.69 8.55 -1.20
C ALA A 41 -4.11 8.94 0.21
N MET A 42 -3.83 10.19 0.59
CA MET A 42 -4.20 10.68 1.91
C MET A 42 -5.72 10.80 2.04
N ARG A 43 -6.39 11.21 0.95
CA ARG A 43 -7.85 11.35 0.96
C ARG A 43 -8.53 10.01 1.25
N ALA A 44 -7.93 8.92 0.77
CA ALA A 44 -8.48 7.58 0.99
C ALA A 44 -8.22 7.08 2.43
N GLY A 45 -7.31 7.74 3.14
CA GLY A 45 -7.00 7.34 4.50
C GLY A 45 -5.66 6.63 4.61
N VAL A 46 -4.73 6.94 3.71
CA VAL A 46 -3.40 6.33 3.71
C VAL A 46 -2.40 7.21 4.45
N GLN A 47 -1.42 6.57 5.10
CA GLN A 47 -0.40 7.30 5.86
C GLN A 47 1.00 6.87 5.41
N THR A 48 2.01 7.62 5.87
CA THR A 48 3.39 7.33 5.53
C THR A 48 3.98 6.27 6.47
N GLY A 49 4.48 5.19 5.91
CA GLY A 49 5.06 4.12 6.70
C GLY A 49 4.07 3.01 7.00
N ASP A 50 3.28 2.63 6.00
CA ASP A 50 2.29 1.56 6.17
C ASP A 50 2.88 0.22 5.73
N ARG A 51 2.25 -0.88 6.18
CA ARG A 51 2.73 -2.22 5.84
C ARG A 51 1.69 -2.97 5.01
N ILE A 52 1.62 -2.67 3.72
CA ILE A 52 0.67 -3.32 2.82
C ILE A 52 1.02 -4.81 2.63
N ILE A 53 0.02 -5.66 2.82
CA ILE A 53 0.19 -7.10 2.68
C ILE A 53 -0.53 -7.65 1.45
N LYS A 54 -1.75 -7.16 1.19
CA LYS A 54 -2.53 -7.62 0.04
C LYS A 54 -2.91 -6.46 -0.88
N VAL A 55 -3.03 -6.76 -2.18
CA VAL A 55 -3.39 -5.75 -3.18
C VAL A 55 -4.63 -6.19 -3.96
N ASN A 56 -5.79 -5.64 -3.61
CA ASN A 56 -7.06 -5.98 -4.27
C ASN A 56 -7.35 -7.48 -4.16
N GLY A 57 -7.06 -8.05 -2.99
CA GLY A 57 -7.30 -9.47 -2.79
C GLY A 57 -6.07 -10.31 -3.12
N THR A 58 -5.40 -9.97 -4.23
CA THR A 58 -4.20 -10.69 -4.65
C THR A 58 -3.05 -10.47 -3.67
N LEU A 59 -2.74 -11.50 -2.88
CA LEU A 59 -1.66 -11.42 -1.90
C LEU A 59 -0.31 -11.30 -2.59
N VAL A 60 0.67 -10.76 -1.87
CA VAL A 60 2.01 -10.60 -2.41
C VAL A 60 2.91 -11.79 -2.05
N THR A 61 2.30 -12.98 -1.97
CA THR A 61 3.04 -14.19 -1.64
C THR A 61 3.77 -14.74 -2.87
N HIS A 62 3.16 -14.54 -4.04
CA HIS A 62 3.74 -14.99 -5.31
C HIS A 62 3.77 -13.86 -6.34
N SER A 63 3.94 -12.63 -5.87
CA SER A 63 3.96 -11.47 -6.76
C SER A 63 5.30 -10.73 -6.68
N ASN A 64 5.79 -10.30 -7.85
CA ASN A 64 7.07 -9.58 -7.93
C ASN A 64 6.85 -8.07 -7.98
N HIS A 65 7.96 -7.31 -8.06
CA HIS A 65 7.91 -5.85 -8.11
C HIS A 65 7.03 -5.36 -9.26
N LEU A 66 7.45 -5.66 -10.49
CA LEU A 66 6.70 -5.26 -11.68
C LEU A 66 5.27 -5.79 -11.64
N GLU A 67 5.10 -6.98 -11.06
CA GLU A 67 3.78 -7.61 -10.95
C GLU A 67 2.82 -6.71 -10.17
N VAL A 68 3.26 -6.23 -9.01
CA VAL A 68 2.42 -5.37 -8.17
C VAL A 68 2.04 -4.09 -8.91
N VAL A 69 3.03 -3.43 -9.50
CA VAL A 69 2.80 -2.18 -10.24
C VAL A 69 1.78 -2.41 -11.35
N LYS A 70 2.00 -3.45 -12.15
CA LYS A 70 1.09 -3.76 -13.26
C LYS A 70 -0.34 -4.01 -12.75
N LEU A 71 -0.45 -4.73 -11.63
CA LEU A 71 -1.76 -5.03 -11.05
C LEU A 71 -2.45 -3.76 -10.54
N ILE A 72 -1.72 -2.93 -9.79
CA ILE A 72 -2.28 -1.70 -9.26
C ILE A 72 -2.61 -0.72 -10.39
N LYS A 73 -1.70 -0.62 -11.36
CA LYS A 73 -1.90 0.28 -12.51
C LYS A 73 -3.04 -0.21 -13.41
N SER A 74 -3.28 -1.52 -13.45
CA SER A 74 -4.34 -2.08 -14.29
C SER A 74 -5.71 -1.94 -13.61
N GLY A 75 -6.16 -0.70 -13.46
CA GLY A 75 -7.44 -0.45 -12.83
C GLY A 75 -7.54 0.96 -12.28
N SER A 76 -8.75 1.53 -12.29
CA SER A 76 -8.96 2.89 -11.78
C SER A 76 -8.68 2.95 -10.27
N TYR A 77 -9.39 2.11 -9.51
CA TYR A 77 -9.21 2.08 -8.07
C TYR A 77 -8.81 0.68 -7.59
N VAL A 78 -8.30 0.59 -6.37
CA VAL A 78 -7.87 -0.69 -5.82
C VAL A 78 -7.89 -0.68 -4.28
N ALA A 79 -8.32 -1.81 -3.71
CA ALA A 79 -8.37 -1.95 -2.25
C ALA A 79 -7.23 -2.85 -1.78
N LEU A 80 -6.27 -2.26 -1.08
CA LEU A 80 -5.12 -3.01 -0.60
C LEU A 80 -5.17 -3.24 0.92
N THR A 81 -4.98 -4.49 1.32
CA THR A 81 -4.99 -4.84 2.74
C THR A 81 -3.61 -4.56 3.34
N VAL A 82 -3.54 -3.54 4.20
CA VAL A 82 -2.28 -3.15 4.83
C VAL A 82 -2.33 -3.30 6.35
N GLN A 83 -1.19 -3.05 6.99
CA GLN A 83 -1.08 -3.14 8.44
C GLN A 83 -0.29 -1.96 8.98
N GLY A 84 -0.58 -1.56 10.23
CA GLY A 84 0.11 -0.44 10.84
C GLY A 84 -0.17 -0.31 12.33
N ARG A 85 -0.26 0.92 12.81
CA ARG A 85 -0.53 1.20 14.22
C ARG A 85 -1.34 2.48 14.39
N PRO A 86 -2.67 2.35 14.62
CA PRO A 86 -3.56 3.50 14.81
C PRO A 86 -3.27 4.25 16.11
N PRO A 87 -3.88 5.44 16.30
CA PRO A 87 -3.68 6.26 17.51
C PRO A 87 -4.14 5.55 18.78
N GLY A 88 -3.29 5.57 19.80
CA GLY A 88 -3.61 4.92 21.06
C GLY A 88 -4.59 5.73 21.90
N SER A 89 -4.42 7.05 21.90
CA SER A 89 -5.29 7.94 22.65
C SER A 89 -6.55 8.32 21.85
N VAL B 1 22.36 -3.69 -4.74
CA VAL B 1 22.09 -4.14 -6.14
C VAL B 1 20.66 -4.64 -6.30
N GLU B 2 20.31 -5.69 -5.53
CA GLU B 2 18.97 -6.26 -5.59
C GLU B 2 18.00 -5.49 -4.69
N ASN B 3 17.40 -4.44 -5.25
CA ASN B 3 16.45 -3.61 -4.51
C ASN B 3 15.07 -3.65 -5.16
N LYS B 4 14.04 -3.78 -4.32
CA LYS B 4 12.66 -3.81 -4.81
C LYS B 4 11.87 -2.61 -4.29
N VAL B 5 12.07 -1.46 -4.94
CA VAL B 5 11.39 -0.23 -4.56
C VAL B 5 10.48 0.26 -5.68
N THR B 6 9.27 0.72 -5.32
CA THR B 6 8.31 1.21 -6.30
C THR B 6 7.87 2.63 -5.97
N ASP B 7 7.55 3.40 -7.02
CA ASP B 7 7.11 4.78 -6.87
C ASP B 7 5.87 5.04 -7.74
N LEU B 8 4.74 5.27 -7.09
CA LEU B 8 3.48 5.52 -7.79
C LEU B 8 2.86 6.87 -7.39
N GLY A 1 -2.72 -16.74 8.62
CA GLY A 1 -1.54 -17.62 8.85
C GLY A 1 -1.09 -17.64 10.30
N SER A 2 -0.14 -16.78 10.63
CA SER A 2 0.39 -16.70 12.00
C SER A 2 -0.63 -16.05 12.95
N HIS A 3 -0.23 -15.88 14.22
CA HIS A 3 -1.11 -15.26 15.21
C HIS A 3 -1.31 -13.77 14.94
N MET A 4 -2.01 -13.08 15.83
CA MET A 4 -2.28 -11.66 15.67
C MET A 4 -1.38 -10.81 16.57
N GLY A 5 -0.40 -10.14 15.96
CA GLY A 5 0.52 -9.29 16.70
C GLY A 5 0.27 -7.81 16.48
N LEU A 6 -0.18 -7.46 15.27
CA LEU A 6 -0.46 -6.06 14.93
C LEU A 6 -1.88 -5.90 14.39
N VAL A 7 -2.26 -4.66 14.06
CA VAL A 7 -3.58 -4.36 13.52
C VAL A 7 -3.52 -4.16 12.00
N GLN A 8 -4.31 -4.95 11.27
CA GLN A 8 -4.36 -4.85 9.81
C GLN A 8 -5.56 -4.02 9.35
N ARG A 9 -5.39 -3.31 8.24
CA ARG A 9 -6.45 -2.47 7.69
C ARG A 9 -6.38 -2.37 6.16
N CYS A 10 -7.56 -2.34 5.52
CA CYS A 10 -7.64 -2.23 4.07
C CYS A 10 -8.12 -0.85 3.64
N VAL A 11 -7.50 -0.30 2.60
CA VAL A 11 -7.86 1.02 2.10
C VAL A 11 -8.04 1.00 0.57
N ILE A 12 -9.16 1.55 0.10
CA ILE A 12 -9.45 1.60 -1.34
C ILE A 12 -9.01 2.93 -1.94
N ILE A 13 -8.25 2.87 -3.03
CA ILE A 13 -7.77 4.08 -3.69
C ILE A 13 -8.26 4.17 -5.14
N GLN A 14 -8.81 5.34 -5.50
CA GLN A 14 -9.32 5.57 -6.85
C GLN A 14 -8.33 6.43 -7.64
N LYS A 15 -7.71 5.83 -8.67
CA LYS A 15 -6.74 6.55 -9.50
C LYS A 15 -7.40 7.70 -10.25
N ASP A 16 -6.66 8.80 -10.39
CA ASP A 16 -7.15 10.00 -11.08
C ASP A 16 -6.06 10.62 -11.93
N ASP A 17 -6.35 11.78 -12.51
CA ASP A 17 -5.39 12.50 -13.36
C ASP A 17 -4.12 12.82 -12.57
N ASN A 18 -4.26 13.06 -11.27
CA ASN A 18 -3.12 13.37 -10.41
C ASN A 18 -2.39 12.09 -9.96
N GLY A 19 -3.02 10.93 -10.15
CA GLY A 19 -2.40 9.68 -9.75
C GLY A 19 -2.74 9.28 -8.32
N PHE A 20 -2.07 8.25 -7.81
CA PHE A 20 -2.30 7.78 -6.45
C PHE A 20 -1.55 8.63 -5.43
N GLY A 21 -0.24 8.79 -5.66
CA GLY A 21 0.59 9.59 -4.78
C GLY A 21 1.02 8.82 -3.54
N LEU A 22 1.71 7.69 -3.75
CA LEU A 22 2.18 6.87 -2.63
C LEU A 22 3.47 6.12 -2.98
N THR A 23 4.35 5.97 -1.99
CA THR A 23 5.61 5.27 -2.18
C THR A 23 5.65 3.98 -1.36
N VAL A 24 6.01 2.88 -2.02
CA VAL A 24 6.09 1.57 -1.33
C VAL A 24 7.43 0.89 -1.60
N SER A 25 7.95 0.21 -0.58
CA SER A 25 9.23 -0.48 -0.70
C SER A 25 9.19 -1.83 0.00
N GLY A 26 10.10 -2.73 -0.40
CA GLY A 26 10.15 -4.04 0.21
C GLY A 26 9.22 -5.04 -0.45
N ASP A 27 9.36 -6.31 -0.10
CA ASP A 27 8.51 -7.37 -0.67
C ASP A 27 7.49 -7.85 0.36
N ASN A 28 6.85 -9.01 0.07
CA ASN A 28 5.83 -9.62 0.94
C ASN A 28 5.21 -8.58 1.89
N PRO A 29 5.83 -8.33 3.07
CA PRO A 29 5.33 -7.31 4.00
C PRO A 29 5.74 -5.91 3.52
N VAL A 30 5.33 -5.57 2.29
CA VAL A 30 5.68 -4.29 1.68
C VAL A 30 5.41 -3.13 2.64
N PHE A 31 6.32 -2.17 2.68
CA PHE A 31 6.18 -1.02 3.57
C PHE A 31 5.97 0.27 2.78
N VAL A 32 4.95 1.04 3.17
CA VAL A 32 4.65 2.31 2.52
C VAL A 32 5.53 3.42 3.08
N GLN A 33 6.48 3.88 2.28
CA GLN A 33 7.41 4.93 2.69
C GLN A 33 6.66 6.24 3.01
N SER A 34 6.05 6.83 1.99
CA SER A 34 5.31 8.09 2.16
C SER A 34 4.07 8.14 1.27
N VAL A 35 3.11 9.00 1.65
CA VAL A 35 1.87 9.14 0.88
C VAL A 35 1.50 10.61 0.69
N LYS A 36 0.78 10.90 -0.39
CA LYS A 36 0.35 12.26 -0.69
C LYS A 36 -0.52 12.84 0.43
N GLU A 37 -0.01 13.87 1.09
CA GLU A 37 -0.74 14.53 2.18
C GLU A 37 -2.08 15.10 1.70
N ASP A 38 -2.15 15.46 0.42
CA ASP A 38 -3.37 16.02 -0.15
C ASP A 38 -3.70 15.33 -1.47
N GLY A 39 -3.84 14.00 -1.43
CA GLY A 39 -4.15 13.23 -2.62
C GLY A 39 -5.00 12.02 -2.33
N ALA A 40 -5.13 11.12 -3.32
CA ALA A 40 -5.92 9.90 -3.16
C ALA A 40 -5.47 9.10 -1.94
N ALA A 41 -4.16 9.03 -1.71
CA ALA A 41 -3.60 8.30 -0.57
C ALA A 41 -4.19 8.82 0.74
N MET A 42 -4.12 10.13 0.95
CA MET A 42 -4.67 10.74 2.16
C MET A 42 -6.19 10.67 2.17
N ARG A 43 -6.81 10.96 1.01
CA ARG A 43 -8.26 10.93 0.89
C ARG A 43 -8.81 9.54 1.24
N ALA A 44 -8.06 8.50 0.87
CA ALA A 44 -8.48 7.12 1.14
C ALA A 44 -8.29 6.74 2.61
N GLY A 45 -7.53 7.56 3.36
CA GLY A 45 -7.28 7.28 4.76
C GLY A 45 -5.87 6.78 5.05
N VAL A 46 -5.11 6.51 3.98
CA VAL A 46 -3.74 6.02 4.13
C VAL A 46 -2.81 7.10 4.67
N GLN A 47 -1.80 6.69 5.43
CA GLN A 47 -0.83 7.62 6.01
C GLN A 47 0.60 7.13 5.82
N THR A 48 1.56 8.03 6.00
CA THR A 48 2.98 7.71 5.86
C THR A 48 3.42 6.71 6.94
N GLY A 49 4.24 5.73 6.53
CA GLY A 49 4.72 4.73 7.46
C GLY A 49 3.74 3.59 7.67
N ASP A 50 3.34 2.95 6.57
CA ASP A 50 2.39 1.83 6.63
C ASP A 50 3.06 0.53 6.17
N ARG A 51 2.34 -0.60 6.33
CA ARG A 51 2.87 -1.89 5.92
C ARG A 51 1.89 -2.63 5.01
N ILE A 52 1.92 -2.33 3.72
CA ILE A 52 1.04 -2.97 2.75
C ILE A 52 1.40 -4.46 2.58
N ILE A 53 0.44 -5.32 2.89
CA ILE A 53 0.65 -6.76 2.78
C ILE A 53 -0.10 -7.35 1.57
N LYS A 54 -1.26 -6.79 1.25
CA LYS A 54 -2.06 -7.28 0.13
C LYS A 54 -2.65 -6.14 -0.69
N VAL A 55 -3.11 -6.46 -1.91
CA VAL A 55 -3.71 -5.46 -2.79
C VAL A 55 -4.94 -6.04 -3.51
N ASN A 56 -6.12 -5.58 -3.10
CA ASN A 56 -7.39 -6.03 -3.67
C ASN A 56 -7.59 -7.54 -3.45
N GLY A 57 -7.06 -8.05 -2.34
CA GLY A 57 -7.18 -9.47 -2.04
C GLY A 57 -5.98 -10.26 -2.52
N THR A 58 -5.41 -9.84 -3.65
CA THR A 58 -4.24 -10.51 -4.23
C THR A 58 -2.99 -10.21 -3.41
N LEU A 59 -2.48 -11.24 -2.73
CA LEU A 59 -1.28 -11.09 -1.90
C LEU A 59 -0.06 -10.76 -2.76
N VAL A 60 0.89 -10.03 -2.17
CA VAL A 60 2.11 -9.65 -2.88
C VAL A 60 3.22 -10.70 -2.72
N THR A 61 2.84 -11.93 -2.34
CA THR A 61 3.80 -13.01 -2.16
C THR A 61 3.97 -13.80 -3.47
N HIS A 62 2.87 -13.97 -4.20
CA HIS A 62 2.88 -14.70 -5.46
C HIS A 62 3.17 -13.76 -6.64
N SER A 63 2.72 -12.50 -6.54
CA SER A 63 2.93 -11.52 -7.59
C SER A 63 4.38 -11.01 -7.61
N ASN A 64 4.82 -10.55 -8.77
CA ASN A 64 6.18 -10.03 -8.95
C ASN A 64 6.22 -8.51 -8.77
N HIS A 65 7.41 -7.94 -8.94
CA HIS A 65 7.61 -6.49 -8.80
C HIS A 65 6.87 -5.73 -9.90
N LEU A 66 7.25 -6.00 -11.15
CA LEU A 66 6.62 -5.34 -12.30
C LEU A 66 5.20 -5.84 -12.52
N GLU A 67 4.93 -7.07 -12.07
CA GLU A 67 3.60 -7.67 -12.22
C GLU A 67 2.58 -6.95 -11.34
N VAL A 68 2.91 -6.78 -10.05
CA VAL A 68 2.00 -6.11 -9.12
C VAL A 68 1.70 -4.67 -9.55
N VAL A 69 2.73 -3.94 -9.95
CA VAL A 69 2.55 -2.54 -10.38
C VAL A 69 1.70 -2.48 -11.65
N LYS A 70 2.00 -3.35 -12.62
CA LYS A 70 1.25 -3.38 -13.87
C LYS A 70 -0.23 -3.67 -13.62
N LEU A 71 -0.49 -4.62 -12.72
CA LEU A 71 -1.86 -5.00 -12.38
C LEU A 71 -2.60 -3.84 -11.71
N ILE A 72 -1.94 -3.20 -10.74
CA ILE A 72 -2.54 -2.06 -10.04
C ILE A 72 -2.75 -0.88 -10.98
N LYS A 73 -1.76 -0.63 -11.85
CA LYS A 73 -1.84 0.47 -12.80
C LYS A 73 -2.92 0.22 -13.84
N SER A 74 -3.17 -1.05 -14.18
CA SER A 74 -4.18 -1.39 -15.17
C SER A 74 -5.57 -1.43 -14.54
N GLY A 75 -6.05 -0.26 -14.12
CA GLY A 75 -7.37 -0.16 -13.51
C GLY A 75 -7.67 1.23 -12.98
N SER A 76 -8.95 1.52 -12.78
CA SER A 76 -9.37 2.82 -12.28
C SER A 76 -9.05 2.97 -10.79
N TYR A 77 -9.51 2.02 -9.98
CA TYR A 77 -9.25 2.06 -8.54
C TYR A 77 -8.73 0.70 -8.06
N VAL A 78 -8.16 0.68 -6.85
CA VAL A 78 -7.62 -0.55 -6.29
C VAL A 78 -7.62 -0.52 -4.75
N ALA A 79 -7.83 -1.69 -4.16
CA ALA A 79 -7.84 -1.83 -2.70
C ALA A 79 -6.45 -2.21 -2.20
N LEU A 80 -6.05 -1.67 -1.06
CA LEU A 80 -4.75 -1.96 -0.50
C LEU A 80 -4.86 -2.43 0.96
N THR A 81 -4.48 -3.69 1.19
CA THR A 81 -4.52 -4.26 2.52
C THR A 81 -3.17 -4.05 3.21
N VAL A 82 -3.13 -3.07 4.12
CA VAL A 82 -1.89 -2.74 4.83
C VAL A 82 -2.02 -2.98 6.34
N GLN A 83 -0.91 -2.79 7.04
CA GLN A 83 -0.87 -2.98 8.49
C GLN A 83 -0.05 -1.87 9.14
N GLY A 84 -0.41 -1.50 10.36
CA GLY A 84 0.30 -0.45 11.06
C GLY A 84 0.17 -0.53 12.57
N ARG A 85 0.57 0.53 13.26
CA ARG A 85 0.48 0.59 14.72
C ARG A 85 -0.70 1.47 15.15
N PRO A 86 -1.36 1.12 16.27
CA PRO A 86 -2.52 1.88 16.79
C PRO A 86 -2.23 3.38 16.92
N PRO A 87 -1.11 3.77 17.57
CA PRO A 87 -0.75 5.18 17.75
C PRO A 87 -0.22 5.82 16.45
N GLY A 88 -0.69 7.03 16.16
CA GLY A 88 -0.27 7.72 14.96
C GLY A 88 -0.77 9.15 14.90
N SER A 89 0.11 10.10 15.22
CA SER A 89 -0.23 11.53 15.22
C SER A 89 -1.15 11.89 16.39
N VAL B 1 19.99 -11.60 -5.51
CA VAL B 1 18.67 -11.05 -5.07
C VAL B 1 18.43 -9.65 -5.66
N GLU B 2 17.21 -9.43 -6.15
CA GLU B 2 16.85 -8.14 -6.74
C GLU B 2 16.00 -7.31 -5.79
N ASN B 3 16.06 -5.99 -5.95
CA ASN B 3 15.31 -5.06 -5.10
C ASN B 3 13.80 -5.15 -5.36
N LYS B 4 13.00 -4.67 -4.40
CA LYS B 4 11.54 -4.70 -4.53
C LYS B 4 10.92 -3.35 -4.14
N VAL B 5 11.30 -2.29 -4.86
CA VAL B 5 10.76 -0.95 -4.59
C VAL B 5 9.90 -0.48 -5.76
N THR B 6 8.74 0.13 -5.44
CA THR B 6 7.83 0.61 -6.46
C THR B 6 7.09 1.87 -6.01
N ASP B 7 6.71 2.73 -6.97
CA ASP B 7 6.01 3.97 -6.66
C ASP B 7 4.72 4.08 -7.49
N LEU B 8 3.66 4.56 -6.86
CA LEU B 8 2.37 4.73 -7.53
C LEU B 8 1.89 6.18 -7.51
#